data_9S3K
#
_entry.id   9S3K
#
_cell.length_a   91.904
_cell.length_b   102.990
_cell.length_c   129.853
_cell.angle_alpha   90.000
_cell.angle_beta   90.000
_cell.angle_gamma   90.000
#
_symmetry.space_group_name_H-M   'P 21 21 21'
#
loop_
_entity.id
_entity.type
_entity.pdbx_description
1 polymer 'Malate dehydrogenase'
2 non-polymer 'NADPH DIHYDRO-NICOTINAMIDE-ADENINE-DINUCLEOTIDE PHOSPHATE'
3 non-polymer 'POTASSIUM ION'
4 water water
#
_entity_poly.entity_id   1
_entity_poly.type   'polypeptide(L)'
_entity_poly.pdbx_seq_one_letter_code
;MKVSVIGASGRIGSAVSFLLAKEPYIKDLVLISREKSLNKLKGLKMDIYDALAGTRSDANIEVHSDKDLSVVDGSDIVII
TAGVPRKEDMSRLDLAKINAKIVGNYAREIAKVCDTKLFIITNPVDVMTYKALIESNYERNQVFGLGTHLDSLRFKVAIA
KFFGVHIDDVRTRIIGEHGDTMVPLLSATSIGGIPINRLPNFENFPYEEVIDDVKNKGKKIIKLKGGSEFGPASAIINIV
RCIANDEKRLLTLSAYLDGEIDGIRDVCIGVPVKVGKNGIEEVVPIKLEDDEFEAFRHSVEVVKEYCEEVKDI
;
_entity_poly.pdbx_strand_id   A,B,C,D
#
loop_
_chem_comp.id
_chem_comp.type
_chem_comp.name
_chem_comp.formula
K non-polymer 'POTASSIUM ION' 'K 1'
NDP non-polymer 'NADPH DIHYDRO-NICOTINAMIDE-ADENINE-DINUCLEOTIDE PHOSPHATE' 'C21 H30 N7 O17 P3'
#
# COMPACT_ATOMS: atom_id res chain seq x y z
N MET A 1 15.75 -9.45 -0.56
CA MET A 1 16.63 -8.68 -1.49
C MET A 1 17.57 -7.78 -0.70
N LYS A 2 18.76 -7.56 -1.24
CA LYS A 2 19.78 -6.71 -0.62
C LYS A 2 20.24 -5.69 -1.65
N VAL A 3 20.14 -4.41 -1.31
CA VAL A 3 20.54 -3.34 -2.21
C VAL A 3 21.57 -2.48 -1.52
N SER A 4 22.61 -2.11 -2.25
CA SER A 4 23.68 -1.28 -1.70
C SER A 4 23.71 0.05 -2.45
N VAL A 5 23.49 1.14 -1.71
CA VAL A 5 23.49 2.47 -2.31
C VAL A 5 24.85 3.11 -2.04
N ILE A 6 25.65 3.26 -3.08
CA ILE A 6 26.92 3.99 -3.01
C ILE A 6 26.64 5.44 -3.33
N GLY A 7 26.90 6.32 -2.37
CA GLY A 7 26.45 7.69 -2.44
C GLY A 7 25.26 8.01 -1.57
N ALA A 8 24.96 7.15 -0.59
CA ALA A 8 23.81 7.38 0.27
C ALA A 8 23.91 8.69 1.04
N SER A 9 25.13 9.23 1.19
CA SER A 9 25.28 10.48 1.93
C SER A 9 24.72 11.68 1.17
N GLY A 10 24.51 11.56 -0.14
CA GLY A 10 24.01 12.65 -0.94
C GLY A 10 22.51 12.84 -0.82
N ARG A 11 21.98 13.69 -1.70
CA ARG A 11 20.56 14.00 -1.69
C ARG A 11 19.76 12.81 -2.16
N ILE A 12 19.99 12.40 -3.41
CA ILE A 12 19.27 11.25 -3.97
C ILE A 12 19.62 9.99 -3.20
N GLY A 13 20.88 9.85 -2.79
CA GLY A 13 21.27 8.66 -2.06
C GLY A 13 20.48 8.49 -0.77
N SER A 14 20.38 9.55 0.02
CA SER A 14 19.66 9.46 1.28
C SER A 14 18.17 9.20 1.06
N ALA A 15 17.57 9.91 0.09
CA ALA A 15 16.15 9.68 -0.17
C ALA A 15 15.91 8.25 -0.67
N VAL A 16 16.78 7.75 -1.55
CA VAL A 16 16.63 6.39 -2.06
C VAL A 16 16.81 5.39 -0.95
N SER A 17 17.74 5.63 -0.03
CA SER A 17 17.96 4.68 1.06
C SER A 17 16.74 4.58 1.96
N PHE A 18 16.14 5.72 2.31
CA PHE A 18 14.95 5.68 3.16
C PHE A 18 13.80 4.97 2.44
N LEU A 19 13.52 5.37 1.20
CA LEU A 19 12.43 4.71 0.47
C LEU A 19 12.72 3.23 0.23
N LEU A 20 13.99 2.85 0.11
CA LEU A 20 14.34 1.46 -0.12
C LEU A 20 14.18 0.61 1.13
N ALA A 21 14.59 1.15 2.28
CA ALA A 21 14.39 0.41 3.53
C ALA A 21 12.91 0.21 3.78
N LYS A 22 12.08 1.18 3.42
CA LYS A 22 10.65 0.96 3.61
C LYS A 22 10.11 -0.16 2.70
N GLU A 23 10.72 -0.36 1.54
CA GLU A 23 10.19 -1.34 0.59
C GLU A 23 10.13 -2.72 1.24
N PRO A 24 8.99 -3.40 1.21
CA PRO A 24 8.86 -4.64 2.01
C PRO A 24 9.85 -5.73 1.60
N TYR A 25 10.16 -5.84 0.30
CA TYR A 25 11.06 -6.89 -0.18
C TYR A 25 12.51 -6.62 0.19
N ILE A 26 12.86 -5.38 0.51
CA ILE A 26 14.24 -5.02 0.85
C ILE A 26 14.49 -5.44 2.29
N LYS A 27 15.27 -6.51 2.48
CA LYS A 27 15.62 -6.95 3.83
C LYS A 27 16.90 -6.25 4.30
N ASP A 28 18.00 -6.43 3.58
CA ASP A 28 19.28 -5.82 3.92
C ASP A 28 19.55 -4.64 3.00
N LEU A 29 20.12 -3.58 3.57
CA LEU A 29 20.41 -2.35 2.82
C LEU A 29 21.77 -1.85 3.26
N VAL A 30 22.71 -1.81 2.33
CA VAL A 30 24.08 -1.40 2.62
C VAL A 30 24.26 0.01 2.11
N LEU A 31 24.47 0.95 3.03
CA LEU A 31 24.73 2.34 2.67
C LEU A 31 26.23 2.57 2.64
N ILE A 32 26.76 2.91 1.46
CA ILE A 32 28.18 3.04 1.24
C ILE A 32 28.49 4.52 1.00
N SER A 33 29.51 5.02 1.70
CA SER A 33 29.98 6.38 1.48
C SER A 33 31.50 6.39 1.56
N ARG A 34 32.10 7.52 1.18
CA ARG A 34 33.51 7.74 1.49
C ARG A 34 33.69 7.75 2.99
N GLU A 35 34.86 7.32 3.45
CA GLU A 35 35.09 7.23 4.89
C GLU A 35 34.71 8.53 5.57
N LYS A 36 35.11 9.68 4.99
CA LYS A 36 34.87 10.97 5.62
C LYS A 36 33.38 11.21 5.84
N SER A 37 32.55 10.78 4.90
CA SER A 37 31.11 10.98 5.01
C SER A 37 30.42 9.89 5.83
N LEU A 38 31.15 8.92 6.35
CA LEU A 38 30.49 7.77 6.95
C LEU A 38 29.61 8.17 8.12
N ASN A 39 29.99 9.21 8.86
CA ASN A 39 29.16 9.67 9.97
C ASN A 39 27.82 10.19 9.47
N LYS A 40 27.83 10.91 8.35
CA LYS A 40 26.57 11.32 7.73
C LYS A 40 25.68 10.11 7.48
N LEU A 41 26.28 8.96 7.18
CA LEU A 41 25.46 7.77 6.97
C LEU A 41 25.00 7.16 8.28
N LYS A 42 25.82 7.23 9.33
CA LYS A 42 25.34 6.77 10.63
C LYS A 42 24.05 7.47 10.99
N GLY A 43 24.02 8.80 10.88
CA GLY A 43 22.80 9.54 11.11
C GLY A 43 21.70 9.26 10.10
N LEU A 44 22.06 8.88 8.88
CA LEU A 44 21.00 8.40 8.00
C LEU A 44 20.42 7.10 8.53
N LYS A 45 21.29 6.14 8.92
CA LYS A 45 20.80 4.88 9.43
C LYS A 45 19.79 5.12 10.56
N MET A 46 20.21 5.83 11.61
CA MET A 46 19.26 6.17 12.67
C MET A 46 17.98 6.78 12.11
N ASP A 47 18.12 7.85 11.33
CA ASP A 47 16.91 8.51 10.84
C ASP A 47 16.01 7.49 10.14
N ILE A 48 16.57 6.68 9.25
CA ILE A 48 15.75 5.72 8.51
C ILE A 48 15.10 4.73 9.47
N TYR A 49 15.86 4.19 10.43
CA TYR A 49 15.21 3.28 11.38
C TYR A 49 14.01 3.94 12.04
N ASP A 50 14.14 5.20 12.46
CA ASP A 50 13.00 5.87 13.08
C ASP A 50 11.80 5.87 12.14
N ALA A 51 12.02 6.23 10.87
CA ALA A 51 10.94 6.19 9.90
C ALA A 51 10.39 4.77 9.74
N LEU A 52 11.26 3.76 9.71
CA LEU A 52 10.72 2.41 9.62
C LEU A 52 9.74 2.14 10.76
N ALA A 53 10.06 2.60 11.97
CA ALA A 53 9.15 2.39 13.09
C ALA A 53 7.80 3.05 12.82
N GLY A 54 7.82 4.24 12.22
CA GLY A 54 6.58 4.94 11.91
C GLY A 54 6.02 4.58 10.56
N THR A 55 6.52 3.50 9.94
CA THR A 55 5.96 3.06 8.67
C THR A 55 5.59 1.58 8.70
N ARG A 56 5.69 0.93 9.85
CA ARG A 56 5.35 -0.49 9.97
C ARG A 56 6.27 -1.33 9.08
N SER A 57 7.46 -0.81 8.82
CA SER A 57 8.45 -1.47 7.96
C SER A 57 9.65 -1.89 8.79
N ASP A 58 10.54 -2.65 8.15
CA ASP A 58 11.74 -3.14 8.81
C ASP A 58 12.81 -3.42 7.77
N ALA A 59 14.07 -3.23 8.18
CA ALA A 59 15.20 -3.52 7.31
C ALA A 59 16.43 -3.60 8.19
N ASN A 60 17.43 -4.34 7.70
CA ASN A 60 18.75 -4.40 8.35
C ASN A 60 19.67 -3.44 7.59
N ILE A 61 19.69 -2.17 8.02
CA ILE A 61 20.54 -1.16 7.40
C ILE A 61 21.93 -1.34 7.97
N GLU A 62 22.91 -0.99 7.15
CA GLU A 62 24.29 -1.47 7.26
C GLU A 62 25.20 -0.44 6.61
N VAL A 63 25.91 0.35 7.41
CA VAL A 63 26.61 1.52 6.94
C VAL A 63 28.10 1.21 6.96
N HIS A 64 28.73 1.36 5.79
CA HIS A 64 30.13 1.07 5.60
C HIS A 64 30.75 2.14 4.71
N SER A 65 32.08 2.19 4.73
CA SER A 65 32.82 3.07 3.83
C SER A 65 33.01 2.38 2.48
N ASP A 66 33.59 3.11 1.53
CA ASP A 66 33.86 2.56 0.21
C ASP A 66 35.23 1.88 0.12
N LYS A 67 35.96 1.81 1.24
CA LYS A 67 37.32 1.28 1.22
C LYS A 67 37.36 -0.14 0.69
N ASP A 68 36.61 -1.04 1.31
CA ASP A 68 36.48 -2.42 0.87
C ASP A 68 35.02 -2.66 0.48
N LEU A 69 34.77 -2.83 -0.82
CA LEU A 69 33.41 -2.98 -1.30
C LEU A 69 32.91 -4.43 -1.20
N SER A 70 33.64 -5.29 -0.50
CA SER A 70 33.17 -6.63 -0.20
C SER A 70 31.91 -6.61 0.66
N VAL A 71 31.57 -5.46 1.24
CA VAL A 71 30.30 -5.35 1.93
C VAL A 71 29.11 -5.35 0.98
N VAL A 72 29.32 -5.25 -0.33
CA VAL A 72 28.23 -5.25 -1.28
C VAL A 72 27.92 -6.64 -1.81
N ASP A 73 28.65 -7.66 -1.34
CA ASP A 73 28.43 -9.03 -1.81
C ASP A 73 27.11 -9.57 -1.26
N GLY A 74 26.33 -10.21 -2.14
CA GLY A 74 24.98 -10.62 -1.84
C GLY A 74 23.95 -9.61 -2.27
N SER A 75 24.38 -8.41 -2.65
CA SER A 75 23.46 -7.38 -3.12
C SER A 75 22.99 -7.71 -4.53
N ASP A 76 21.67 -7.66 -4.74
CA ASP A 76 21.11 -7.89 -6.07
C ASP A 76 21.15 -6.63 -6.92
N ILE A 77 21.11 -5.47 -6.28
CA ILE A 77 21.27 -4.19 -6.97
C ILE A 77 22.22 -3.31 -6.16
N VAL A 78 23.19 -2.71 -6.83
CA VAL A 78 24.05 -1.69 -6.26
C VAL A 78 23.74 -0.40 -7.01
N ILE A 79 23.05 0.49 -6.33
CA ILE A 79 22.66 1.79 -6.89
C ILE A 79 23.79 2.76 -6.61
N ILE A 80 24.41 3.27 -7.67
CA ILE A 80 25.52 4.20 -7.55
C ILE A 80 24.96 5.60 -7.79
N THR A 81 24.70 6.34 -6.70
CA THR A 81 24.30 7.73 -6.78
C THR A 81 25.46 8.69 -6.62
N ALA A 82 26.69 8.17 -6.48
CA ALA A 82 27.83 9.02 -6.18
C ALA A 82 28.21 9.85 -7.38
N GLY A 83 28.34 11.16 -7.18
CA GLY A 83 28.79 12.05 -8.23
C GLY A 83 29.37 13.31 -7.65
N VAL A 84 30.37 13.85 -8.32
CA VAL A 84 30.98 15.10 -7.88
C VAL A 84 30.00 16.25 -8.08
N PRO A 85 29.96 17.24 -7.20
CA PRO A 85 29.16 18.44 -7.48
C PRO A 85 29.79 19.25 -8.61
N ARG A 86 28.94 19.80 -9.48
CA ARG A 86 29.40 20.49 -10.68
C ARG A 86 29.60 21.99 -10.45
N MET A 90 33.72 23.40 -15.73
CA MET A 90 32.75 22.37 -15.39
C MET A 90 31.65 22.29 -16.45
N SER A 91 31.94 21.58 -17.54
CA SER A 91 31.00 21.41 -18.63
C SER A 91 30.24 20.09 -18.46
N ARG A 92 29.44 19.74 -19.47
CA ARG A 92 28.83 18.41 -19.52
C ARG A 92 29.83 17.33 -19.89
N LEU A 93 30.99 17.72 -20.44
CA LEU A 93 32.09 16.79 -20.66
C LEU A 93 33.04 16.74 -19.48
N ASP A 94 33.28 17.85 -18.79
CA ASP A 94 34.28 17.88 -17.72
C ASP A 94 33.83 17.05 -16.52
N LEU A 95 32.63 17.33 -16.01
CA LEU A 95 32.07 16.50 -14.96
C LEU A 95 31.96 15.06 -15.42
N ALA A 96 31.79 14.83 -16.73
CA ALA A 96 31.76 13.46 -17.23
C ALA A 96 33.09 12.76 -16.99
N LYS A 97 34.21 13.46 -17.14
CA LYS A 97 35.50 12.84 -16.86
C LYS A 97 35.67 12.59 -15.37
N ILE A 98 35.31 13.56 -14.53
CA ILE A 98 35.44 13.35 -13.09
C ILE A 98 34.56 12.18 -12.62
N ASN A 99 33.29 12.18 -13.04
CA ASN A 99 32.33 11.18 -12.60
C ASN A 99 32.53 9.84 -13.29
N ALA A 100 33.08 9.81 -14.50
CA ALA A 100 33.49 8.56 -15.09
C ALA A 100 34.64 7.95 -14.31
N LYS A 101 35.57 8.78 -13.82
CA LYS A 101 36.58 8.24 -12.91
C LYS A 101 35.90 7.57 -11.72
N ILE A 102 34.93 8.26 -11.10
CA ILE A 102 34.32 7.71 -9.88
C ILE A 102 33.54 6.44 -10.18
N VAL A 103 32.63 6.51 -11.17
CA VAL A 103 31.76 5.38 -11.48
C VAL A 103 32.59 4.20 -11.99
N GLY A 104 33.63 4.47 -12.78
CA GLY A 104 34.47 3.40 -13.27
C GLY A 104 35.20 2.69 -12.15
N ASN A 105 35.77 3.44 -11.21
CA ASN A 105 36.43 2.76 -10.10
C ASN A 105 35.43 1.93 -9.31
N TYR A 106 34.23 2.49 -9.08
CA TYR A 106 33.24 1.76 -8.30
C TYR A 106 32.80 0.49 -9.03
N ALA A 107 32.61 0.56 -10.34
CA ALA A 107 32.19 -0.62 -11.10
C ALA A 107 33.28 -1.68 -11.10
N ARG A 108 34.54 -1.27 -11.30
CA ARG A 108 35.64 -2.24 -11.29
C ARG A 108 35.71 -2.96 -9.94
N GLU A 109 35.71 -2.21 -8.84
CA GLU A 109 35.85 -2.83 -7.54
C GLU A 109 34.63 -3.67 -7.18
N ILE A 110 33.43 -3.20 -7.52
CA ILE A 110 32.22 -3.98 -7.30
C ILE A 110 32.30 -5.30 -8.05
N ALA A 111 32.77 -5.26 -9.30
CA ALA A 111 32.83 -6.50 -10.08
C ALA A 111 33.90 -7.44 -9.55
N LYS A 112 35.03 -6.90 -9.09
CA LYS A 112 36.01 -7.78 -8.46
C LYS A 112 35.43 -8.46 -7.23
N VAL A 113 34.43 -7.85 -6.61
CA VAL A 113 33.90 -8.44 -5.39
C VAL A 113 32.78 -9.45 -5.67
N CYS A 114 31.89 -9.18 -6.61
CA CYS A 114 30.73 -10.05 -6.77
C CYS A 114 30.12 -9.80 -8.14
N ASP A 115 29.00 -10.47 -8.41
CA ASP A 115 28.18 -10.24 -9.59
C ASP A 115 26.87 -9.62 -9.14
N THR A 116 26.45 -8.54 -9.79
CA THR A 116 25.25 -7.83 -9.36
C THR A 116 24.72 -7.00 -10.54
N LYS A 117 23.63 -6.28 -10.27
CA LYS A 117 23.08 -5.31 -11.21
C LYS A 117 23.46 -3.91 -10.73
N LEU A 118 24.10 -3.14 -11.59
CA LEU A 118 24.58 -1.80 -11.25
C LEU A 118 23.56 -0.79 -11.75
N PHE A 119 22.91 -0.08 -10.84
CA PHE A 119 21.92 0.94 -11.19
C PHE A 119 22.61 2.30 -11.11
N ILE A 120 22.94 2.88 -12.25
CA ILE A 120 23.73 4.10 -12.30
C ILE A 120 22.80 5.30 -12.27
N ILE A 121 23.00 6.18 -11.30
CA ILE A 121 22.27 7.44 -11.22
C ILE A 121 23.15 8.64 -11.49
N THR A 122 24.48 8.49 -11.44
CA THR A 122 25.38 9.60 -11.68
C THR A 122 25.18 10.19 -13.07
N ASN A 123 25.36 11.52 -13.19
CA ASN A 123 25.23 12.20 -14.48
C ASN A 123 26.61 12.50 -15.07
N PRO A 124 26.77 12.50 -16.40
CA PRO A 124 25.77 12.18 -17.45
C PRO A 124 25.34 10.72 -17.35
N VAL A 125 24.05 10.39 -17.20
CA VAL A 125 23.69 9.03 -16.81
C VAL A 125 23.99 8.04 -17.94
N ASP A 126 23.79 8.44 -19.19
CA ASP A 126 24.05 7.51 -20.29
C ASP A 126 25.55 7.22 -20.41
N VAL A 127 26.38 8.26 -20.28
CA VAL A 127 27.82 8.04 -20.30
C VAL A 127 28.29 7.28 -19.07
N MET A 128 27.71 7.55 -17.89
CA MET A 128 28.15 6.82 -16.69
C MET A 128 27.68 5.36 -16.73
N THR A 129 26.51 5.10 -17.30
CA THR A 129 26.09 3.72 -17.49
C THR A 129 27.03 2.99 -18.44
N TYR A 130 27.43 3.65 -19.54
CA TYR A 130 28.38 2.99 -20.43
C TYR A 130 29.70 2.74 -19.70
N LYS A 131 30.17 3.71 -18.91
CA LYS A 131 31.44 3.53 -18.21
C LYS A 131 31.36 2.40 -17.19
N ALA A 132 30.24 2.31 -16.48
CA ALA A 132 30.05 1.24 -15.51
C ALA A 132 30.07 -0.11 -16.20
N LEU A 133 29.37 -0.24 -17.34
CA LEU A 133 29.37 -1.51 -18.06
C LEU A 133 30.77 -1.87 -18.53
N ILE A 134 31.51 -0.88 -19.05
CA ILE A 134 32.85 -1.15 -19.57
C ILE A 134 33.77 -1.61 -18.45
N GLU A 135 33.82 -0.86 -17.35
CA GLU A 135 34.79 -1.16 -16.31
C GLU A 135 34.40 -2.40 -15.51
N SER A 136 33.11 -2.70 -15.41
CA SER A 136 32.68 -3.89 -14.69
C SER A 136 32.85 -5.17 -15.50
N ASN A 137 32.89 -5.07 -16.83
CA ASN A 137 32.84 -6.24 -17.70
C ASN A 137 31.60 -7.07 -17.41
N TYR A 138 30.58 -6.42 -16.87
CA TYR A 138 29.30 -7.06 -16.64
C TYR A 138 28.55 -7.24 -17.97
N GLU A 139 27.72 -8.27 -18.03
CA GLU A 139 26.81 -8.41 -19.15
C GLU A 139 25.83 -7.25 -19.16
N ARG A 140 25.36 -6.89 -20.34
CA ARG A 140 24.59 -5.67 -20.50
C ARG A 140 23.24 -5.75 -19.79
N ASN A 141 22.77 -6.94 -19.45
CA ASN A 141 21.52 -7.05 -18.71
C ASN A 141 21.67 -6.53 -17.29
N GLN A 142 22.90 -6.36 -16.81
CA GLN A 142 23.12 -6.06 -15.41
C GLN A 142 23.35 -4.59 -15.12
N VAL A 143 23.75 -3.81 -16.11
CA VAL A 143 24.08 -2.40 -15.93
C VAL A 143 23.04 -1.55 -16.64
N PHE A 144 22.42 -0.64 -15.91
CA PHE A 144 21.41 0.27 -16.44
C PHE A 144 21.43 1.53 -15.61
N GLY A 145 20.99 2.63 -16.19
CA GLY A 145 20.93 3.90 -15.50
C GLY A 145 19.57 4.54 -15.65
N LEU A 146 19.16 5.24 -14.60
CA LEU A 146 17.91 6.00 -14.65
C LEU A 146 18.13 7.23 -15.51
N GLY A 147 17.58 7.22 -16.73
CA GLY A 147 17.82 8.29 -17.66
C GLY A 147 16.57 9.07 -18.04
N THR A 148 16.13 8.90 -19.29
CA THR A 148 14.98 9.65 -19.77
C THR A 148 13.69 9.25 -19.07
N HIS A 149 13.71 8.25 -18.18
CA HIS A 149 12.51 7.93 -17.42
C HIS A 149 12.11 9.09 -16.50
N LEU A 150 13.09 9.70 -15.83
CA LEU A 150 12.79 10.86 -15.00
C LEU A 150 12.23 12.00 -15.84
N ASP A 151 12.73 12.14 -17.07
CA ASP A 151 12.17 13.14 -17.98
C ASP A 151 10.74 12.78 -18.37
N SER A 152 10.45 11.49 -18.58
CA SER A 152 9.09 11.09 -18.92
C SER A 152 8.13 11.34 -17.76
N LEU A 153 8.62 11.22 -16.52
CA LEU A 153 7.80 11.53 -15.37
C LEU A 153 7.50 13.04 -15.29
N ARG A 154 8.51 13.87 -15.52
CA ARG A 154 8.24 15.32 -15.56
C ARG A 154 7.28 15.67 -16.70
N PHE A 155 7.41 14.99 -17.85
CA PHE A 155 6.45 15.17 -18.93
C PHE A 155 5.05 14.74 -18.51
N LYS A 156 4.94 13.59 -17.85
CA LYS A 156 3.65 13.14 -17.32
C LYS A 156 3.00 14.24 -16.50
N VAL A 157 3.77 14.87 -15.63
CA VAL A 157 3.22 15.93 -14.79
C VAL A 157 2.66 17.04 -15.67
N ALA A 158 3.48 17.53 -16.62
CA ALA A 158 3.01 18.67 -17.40
C ALA A 158 1.71 18.33 -18.12
N ILE A 159 1.63 17.11 -18.67
CA ILE A 159 0.46 16.70 -19.44
C ILE A 159 -0.77 16.58 -18.53
N ALA A 160 -0.60 15.97 -17.35
CA ALA A 160 -1.73 15.77 -16.47
C ALA A 160 -2.27 17.10 -15.97
N LYS A 161 -1.38 18.05 -15.66
CA LYS A 161 -1.84 19.35 -15.19
C LYS A 161 -2.57 20.10 -16.30
N PHE A 162 -2.09 20.00 -17.54
CA PHE A 162 -2.77 20.69 -18.63
C PHE A 162 -4.13 20.04 -18.93
N PHE A 163 -4.17 18.71 -18.98
CA PHE A 163 -5.39 17.98 -19.34
C PHE A 163 -6.30 17.70 -18.14
N GLY A 164 -5.90 18.13 -16.95
CA GLY A 164 -6.76 18.03 -15.78
C GLY A 164 -7.12 16.63 -15.35
N VAL A 165 -6.12 15.75 -15.31
CA VAL A 165 -6.35 14.36 -14.93
C VAL A 165 -5.31 13.97 -13.89
N HIS A 166 -5.64 12.92 -13.14
CA HIS A 166 -4.69 12.32 -12.21
C HIS A 166 -3.37 12.07 -12.91
N ILE A 167 -2.26 12.43 -12.26
CA ILE A 167 -0.96 12.30 -12.91
C ILE A 167 -0.72 10.86 -13.34
N ASP A 168 -1.23 9.89 -12.57
CA ASP A 168 -1.00 8.49 -12.90
C ASP A 168 -1.73 8.06 -14.17
N ASP A 169 -2.82 8.73 -14.54
CA ASP A 169 -3.53 8.38 -15.76
C ASP A 169 -2.70 8.70 -16.99
N VAL A 170 -1.78 9.65 -16.91
CA VAL A 170 -0.88 9.96 -18.02
C VAL A 170 0.25 8.94 -18.03
N ARG A 171 0.59 8.44 -19.21
CA ARG A 171 1.71 7.53 -19.39
C ARG A 171 2.39 7.91 -20.71
N THR A 172 3.59 8.48 -20.62
CA THR A 172 4.34 8.90 -21.79
C THR A 172 5.71 8.25 -21.77
N ARG A 173 6.41 8.37 -22.89
CA ARG A 173 7.72 7.78 -23.05
C ARG A 173 8.66 8.78 -23.72
N ILE A 174 9.84 8.95 -23.15
CA ILE A 174 10.90 9.76 -23.74
C ILE A 174 12.13 8.88 -23.81
N ILE A 175 12.75 8.81 -24.99
CA ILE A 175 13.92 7.94 -25.14
C ILE A 175 15.16 8.78 -25.45
N GLY A 176 16.29 8.11 -25.60
CA GLY A 176 17.52 8.79 -25.95
C GLY A 176 18.27 9.33 -24.75
N GLU A 177 19.09 10.35 -25.02
CA GLU A 177 19.92 10.92 -23.98
C GLU A 177 19.06 11.60 -22.91
N HIS A 178 19.46 11.41 -21.65
CA HIS A 178 18.94 12.21 -20.54
C HIS A 178 19.60 13.57 -20.63
N GLY A 179 19.12 14.38 -21.56
CA GLY A 179 19.71 15.68 -21.84
C GLY A 179 18.96 16.44 -22.92
N ASP A 180 19.66 17.33 -23.62
CA ASP A 180 19.00 18.17 -24.61
C ASP A 180 18.62 17.42 -25.88
N THR A 181 19.26 16.28 -26.15
CA THR A 181 18.92 15.47 -27.32
C THR A 181 17.86 14.43 -27.01
N MET A 182 16.97 14.71 -26.06
CA MET A 182 15.85 13.82 -25.74
C MET A 182 15.06 13.48 -26.99
N VAL A 183 14.31 12.39 -26.96
CA VAL A 183 13.43 12.02 -28.06
C VAL A 183 12.06 11.78 -27.42
N PRO A 184 11.25 12.83 -27.22
CA PRO A 184 9.91 12.64 -26.63
C PRO A 184 8.97 12.00 -27.63
N LEU A 185 8.47 10.82 -27.30
CA LEU A 185 7.63 10.04 -28.21
C LEU A 185 6.18 10.43 -27.99
N LEU A 186 5.67 11.35 -28.83
CA LEU A 186 4.28 11.78 -28.70
C LEU A 186 3.31 10.69 -29.12
N SER A 187 3.77 9.66 -29.83
CA SER A 187 2.94 8.52 -30.18
C SER A 187 2.79 7.55 -29.01
N ALA A 188 3.66 7.66 -28.00
CA ALA A 188 3.54 6.87 -26.78
C ALA A 188 2.92 7.66 -25.63
N THR A 189 2.40 8.85 -25.90
CA THR A 189 1.84 9.72 -24.88
C THR A 189 0.32 9.53 -24.85
N SER A 190 -0.20 9.20 -23.67
CA SER A 190 -1.60 8.86 -23.55
C SER A 190 -2.11 9.19 -22.16
N ILE A 191 -3.41 9.44 -22.07
CA ILE A 191 -4.13 9.60 -20.80
C ILE A 191 -5.21 8.53 -20.79
N GLY A 192 -5.03 7.49 -19.98
CA GLY A 192 -5.96 6.38 -19.95
C GLY A 192 -5.78 5.38 -21.07
N GLY A 193 -4.60 5.34 -21.69
CA GLY A 193 -4.38 4.54 -22.87
C GLY A 193 -4.81 5.21 -24.15
N ILE A 194 -5.44 6.37 -24.07
CA ILE A 194 -5.94 7.09 -25.25
C ILE A 194 -4.83 8.10 -25.67
N PRO A 195 -4.34 8.01 -26.90
CA PRO A 195 -3.37 9.03 -27.34
C PRO A 195 -3.94 10.44 -27.14
N ILE A 196 -3.08 11.34 -26.66
CA ILE A 196 -3.55 12.67 -26.32
C ILE A 196 -3.95 13.47 -27.57
N ASN A 197 -3.41 13.14 -28.73
CA ASN A 197 -3.85 13.80 -29.95
C ASN A 197 -5.35 13.58 -30.18
N ARG A 198 -5.89 12.47 -29.69
CA ARG A 198 -7.30 12.16 -29.80
C ARG A 198 -8.10 12.68 -28.62
N LEU A 199 -7.49 13.43 -27.74
CA LEU A 199 -8.22 13.94 -26.59
C LEU A 199 -8.57 15.41 -26.80
N PRO A 200 -9.65 15.88 -26.18
CA PRO A 200 -10.03 17.30 -26.36
C PRO A 200 -8.91 18.22 -25.92
N ASN A 201 -8.66 19.24 -26.74
CA ASN A 201 -7.75 20.35 -26.45
C ASN A 201 -6.29 20.02 -26.62
N PHE A 202 -5.94 18.93 -27.31
CA PHE A 202 -4.53 18.73 -27.64
C PHE A 202 -4.03 19.82 -28.58
N GLU A 203 -4.92 20.41 -29.37
CA GLU A 203 -4.53 21.52 -30.24
C GLU A 203 -4.01 22.70 -29.44
N ASN A 204 -4.44 22.82 -28.18
CA ASN A 204 -3.97 23.87 -27.29
C ASN A 204 -2.87 23.40 -26.34
N PHE A 205 -2.38 22.18 -26.51
CA PHE A 205 -1.29 21.67 -25.70
C PHE A 205 0.02 22.31 -26.16
N PRO A 206 0.71 23.09 -25.31
CA PRO A 206 1.97 23.74 -25.73
C PRO A 206 3.16 22.79 -25.72
N TYR A 207 3.10 21.77 -26.57
CA TYR A 207 4.05 20.66 -26.49
C TYR A 207 5.50 21.14 -26.52
N GLU A 208 5.87 21.97 -27.49
CA GLU A 208 7.28 22.36 -27.58
C GLU A 208 7.73 23.14 -26.36
N GLU A 209 6.89 24.04 -25.85
CA GLU A 209 7.18 24.70 -24.58
C GLU A 209 7.31 23.68 -23.46
N VAL A 210 6.40 22.70 -23.42
CA VAL A 210 6.42 21.73 -22.32
C VAL A 210 7.66 20.86 -22.38
N ILE A 211 8.07 20.45 -23.58
CA ILE A 211 9.25 19.60 -23.71
C ILE A 211 10.51 20.38 -23.37
N ASP A 212 10.59 21.65 -23.79
CA ASP A 212 11.76 22.43 -23.40
C ASP A 212 11.79 22.63 -21.89
N ASP A 213 10.63 22.85 -21.27
CA ASP A 213 10.60 22.94 -19.82
C ASP A 213 11.05 21.63 -19.17
N VAL A 214 10.60 20.51 -19.73
CA VAL A 214 11.01 19.20 -19.23
C VAL A 214 12.51 19.04 -19.32
N LYS A 215 13.11 19.56 -20.40
CA LYS A 215 14.55 19.46 -20.56
C LYS A 215 15.29 20.34 -19.55
N ASN A 216 14.71 21.47 -19.18
CA ASN A 216 15.36 22.43 -18.29
C ASN A 216 14.87 22.33 -16.86
N LYS A 217 14.14 21.26 -16.52
CA LYS A 217 13.60 21.12 -15.16
C LYS A 217 14.67 20.73 -14.16
N GLY A 218 15.61 19.88 -14.54
CA GLY A 218 16.70 19.54 -13.63
C GLY A 218 17.52 20.77 -13.26
N LYS A 219 17.84 21.60 -14.25
CA LYS A 219 18.54 22.85 -13.99
C LYS A 219 17.70 23.77 -13.10
N LYS A 220 16.41 23.88 -13.37
CA LYS A 220 15.56 24.76 -12.57
C LYS A 220 15.52 24.30 -11.12
N ILE A 221 15.45 22.98 -10.90
CA ILE A 221 15.40 22.46 -9.54
C ILE A 221 16.73 22.70 -8.84
N ILE A 222 17.84 22.53 -9.56
CA ILE A 222 19.15 22.84 -8.96
C ILE A 222 19.19 24.30 -8.53
N LYS A 223 18.75 25.20 -9.41
CA LYS A 223 18.80 26.63 -9.12
C LYS A 223 17.86 27.02 -7.98
N LEU A 224 16.74 26.31 -7.83
CA LEU A 224 15.70 26.72 -6.89
C LEU A 224 15.90 26.10 -5.51
N LYS A 225 15.94 24.77 -5.45
CA LYS A 225 16.15 24.06 -4.19
C LYS A 225 17.59 23.63 -3.98
N GLY A 226 18.27 23.20 -5.04
CA GLY A 226 19.65 22.77 -4.94
C GLY A 226 19.90 21.42 -5.59
N GLY A 227 18.85 20.77 -6.04
CA GLY A 227 18.96 19.48 -6.68
C GLY A 227 17.74 18.61 -6.44
N SER A 228 17.40 17.81 -7.45
CA SER A 228 16.30 16.88 -7.31
C SER A 228 16.68 15.75 -6.35
N GLU A 229 15.77 15.42 -5.44
CA GLU A 229 15.96 14.23 -4.61
C GLU A 229 14.80 13.26 -4.62
N PHE A 230 13.57 13.76 -4.42
CA PHE A 230 12.45 12.82 -4.27
C PHE A 230 12.03 12.22 -5.60
N GLY A 231 12.04 13.03 -6.66
CA GLY A 231 11.61 12.58 -7.96
C GLY A 231 12.48 11.43 -8.43
N PRO A 232 13.78 11.68 -8.50
CA PRO A 232 14.72 10.60 -8.87
C PRO A 232 14.62 9.39 -7.96
N ALA A 233 14.52 9.60 -6.65
CA ALA A 233 14.50 8.48 -5.71
C ALA A 233 13.28 7.59 -5.93
N SER A 234 12.11 8.21 -6.11
CA SER A 234 10.91 7.45 -6.40
C SER A 234 11.04 6.67 -7.72
N ALA A 235 11.57 7.33 -8.75
CA ALA A 235 11.80 6.62 -10.01
C ALA A 235 12.69 5.41 -9.81
N ILE A 236 13.67 5.51 -8.90
CA ILE A 236 14.57 4.38 -8.66
C ILE A 236 13.83 3.25 -7.97
N ILE A 237 13.00 3.59 -6.97
CA ILE A 237 12.28 2.54 -6.28
C ILE A 237 11.41 1.77 -7.26
N ASN A 238 10.87 2.44 -8.28
CA ASN A 238 10.07 1.71 -9.27
C ASN A 238 10.88 0.61 -9.93
N ILE A 239 12.11 0.93 -10.35
CA ILE A 239 12.94 -0.05 -11.05
C ILE A 239 13.34 -1.17 -10.11
N VAL A 240 13.70 -0.81 -8.88
CA VAL A 240 14.10 -1.84 -7.91
C VAL A 240 12.95 -2.79 -7.64
N ARG A 241 11.72 -2.26 -7.62
CA ARG A 241 10.55 -3.09 -7.38
C ARG A 241 10.28 -3.99 -8.57
N CYS A 242 10.46 -3.47 -9.78
CA CYS A 242 10.34 -4.31 -10.97
C CYS A 242 11.33 -5.46 -10.92
N ILE A 243 12.58 -5.17 -10.59
CA ILE A 243 13.59 -6.23 -10.51
C ILE A 243 13.27 -7.18 -9.36
N ALA A 244 12.73 -6.65 -8.26
CA ALA A 244 12.51 -7.45 -7.07
C ALA A 244 11.41 -8.48 -7.29
N ASN A 245 10.30 -8.06 -7.88
CA ASN A 245 9.15 -8.93 -8.09
C ASN A 245 9.11 -9.50 -9.50
N ASP A 246 10.23 -9.42 -10.23
CA ASP A 246 10.33 -9.95 -11.59
C ASP A 246 9.12 -9.55 -12.42
N GLU A 247 8.83 -8.25 -12.42
CA GLU A 247 7.59 -7.74 -12.99
C GLU A 247 7.58 -7.71 -14.51
N LYS A 248 8.73 -7.92 -15.15
CA LYS A 248 8.81 -8.01 -16.61
C LYS A 248 8.03 -6.87 -17.24
N ARG A 249 8.41 -5.64 -16.91
CA ARG A 249 7.69 -4.46 -17.35
C ARG A 249 8.42 -3.75 -18.46
N LEU A 250 7.67 -3.23 -19.43
CA LEU A 250 8.24 -2.34 -20.44
C LEU A 250 8.43 -0.97 -19.82
N LEU A 251 9.67 -0.63 -19.52
CA LEU A 251 10.10 0.63 -18.92
C LEU A 251 11.09 1.29 -19.87
N THR A 252 11.65 2.43 -19.47
CA THR A 252 12.64 3.13 -20.29
C THR A 252 13.87 3.37 -19.44
N LEU A 253 15.00 2.80 -19.85
CA LEU A 253 16.21 2.92 -19.07
C LEU A 253 17.40 3.13 -20.00
N SER A 254 18.44 3.75 -19.45
CA SER A 254 19.70 3.87 -20.16
C SER A 254 20.37 2.51 -20.15
N ALA A 255 20.39 1.84 -21.29
CA ALA A 255 20.99 0.51 -21.37
C ALA A 255 21.78 0.39 -22.66
N TYR A 256 22.58 -0.67 -22.72
CA TYR A 256 23.43 -0.93 -23.87
C TYR A 256 22.61 -1.44 -25.03
N LEU A 257 22.83 -0.85 -26.20
CA LEU A 257 22.19 -1.27 -27.43
C LEU A 257 23.16 -2.18 -28.19
N ASP A 258 22.62 -3.25 -28.76
CA ASP A 258 23.42 -4.19 -29.53
C ASP A 258 22.69 -4.57 -30.81
N GLY A 259 22.11 -3.58 -31.48
CA GLY A 259 21.47 -3.79 -32.76
C GLY A 259 19.97 -3.98 -32.73
N GLU A 260 19.33 -3.78 -31.58
CA GLU A 260 17.88 -3.95 -31.51
C GLU A 260 17.16 -2.85 -32.29
N ILE A 261 17.68 -1.62 -32.24
CA ILE A 261 17.01 -0.46 -32.82
C ILE A 261 17.96 0.14 -33.86
N ASP A 262 17.72 -0.17 -35.13
CA ASP A 262 18.47 0.42 -36.24
C ASP A 262 19.95 0.03 -36.18
N GLY A 263 20.21 -1.21 -35.80
CA GLY A 263 21.58 -1.68 -35.76
C GLY A 263 22.50 -0.85 -34.91
N ILE A 264 21.95 -0.04 -34.00
CA ILE A 264 22.75 0.87 -33.19
C ILE A 264 23.40 0.07 -32.07
N ARG A 265 24.73 0.13 -31.99
CA ARG A 265 25.50 -0.65 -31.04
C ARG A 265 26.55 0.24 -30.37
N ASP A 266 27.15 -0.31 -29.31
CA ASP A 266 28.28 0.33 -28.64
C ASP A 266 27.89 1.68 -28.02
N VAL A 267 26.72 1.72 -27.39
CA VAL A 267 26.27 2.92 -26.69
C VAL A 267 25.32 2.49 -25.59
N CYS A 268 25.22 3.31 -24.55
CA CYS A 268 24.20 3.17 -23.53
C CYS A 268 23.33 4.41 -23.59
N ILE A 269 22.05 4.23 -23.91
CA ILE A 269 21.15 5.36 -24.05
C ILE A 269 19.77 4.93 -23.59
N GLY A 270 18.90 5.92 -23.43
CA GLY A 270 17.53 5.66 -23.05
C GLY A 270 16.86 4.82 -24.11
N VAL A 271 16.35 3.66 -23.71
CA VAL A 271 15.67 2.78 -24.66
C VAL A 271 14.54 2.06 -23.95
N PRO A 272 13.51 1.69 -24.72
CA PRO A 272 12.44 0.84 -24.18
C PRO A 272 13.01 -0.54 -23.88
N VAL A 273 12.86 -0.97 -22.63
CA VAL A 273 13.46 -2.20 -22.15
C VAL A 273 12.42 -2.98 -21.34
N LYS A 274 12.62 -4.29 -21.28
CA LYS A 274 11.78 -5.17 -20.47
C LYS A 274 12.59 -5.51 -19.22
N VAL A 275 12.23 -4.91 -18.10
CA VAL A 275 12.97 -5.05 -16.85
C VAL A 275 12.35 -6.16 -16.01
N GLY A 276 13.20 -6.97 -15.40
CA GLY A 276 12.75 -8.03 -14.52
C GLY A 276 13.85 -8.40 -13.53
N LYS A 277 13.78 -9.64 -13.02
CA LYS A 277 14.77 -10.11 -12.06
C LYS A 277 16.18 -10.14 -12.64
N ASN A 278 16.32 -10.14 -13.97
CA ASN A 278 17.61 -10.14 -14.63
C ASN A 278 17.95 -8.78 -15.24
N GLY A 279 17.47 -7.71 -14.63
CA GLY A 279 17.79 -6.38 -15.13
C GLY A 279 17.17 -6.12 -16.49
N ILE A 280 18.00 -5.64 -17.40
CA ILE A 280 17.56 -5.36 -18.76
C ILE A 280 17.47 -6.68 -19.53
N GLU A 281 16.28 -7.27 -19.57
CA GLU A 281 16.12 -8.59 -20.19
C GLU A 281 16.07 -8.48 -21.71
N GLU A 282 15.59 -7.36 -22.23
CA GLU A 282 15.60 -7.16 -23.67
C GLU A 282 15.36 -5.68 -23.97
N VAL A 283 16.10 -5.15 -24.95
CA VAL A 283 15.85 -3.80 -25.45
C VAL A 283 14.76 -3.91 -26.50
N VAL A 284 13.54 -3.49 -26.16
CA VAL A 284 12.40 -3.61 -27.04
C VAL A 284 12.54 -2.61 -28.20
N PRO A 285 12.49 -3.06 -29.46
CA PRO A 285 12.62 -2.13 -30.59
C PRO A 285 11.30 -1.53 -31.06
N ILE A 286 10.75 -0.58 -30.31
CA ILE A 286 9.43 -0.03 -30.62
C ILE A 286 9.51 0.72 -31.94
N LYS A 287 8.47 0.57 -32.75
CA LYS A 287 8.43 1.27 -34.03
C LYS A 287 8.42 2.77 -33.81
N LEU A 288 9.36 3.46 -34.44
CA LEU A 288 9.54 4.89 -34.28
C LEU A 288 9.17 5.62 -35.56
N GLU A 289 8.49 6.75 -35.40
CA GLU A 289 8.28 7.64 -36.54
C GLU A 289 9.63 8.04 -37.14
N ASP A 290 9.59 8.59 -38.35
CA ASP A 290 10.83 8.96 -39.03
C ASP A 290 11.53 10.13 -38.33
N ASP A 291 10.77 11.15 -37.90
CA ASP A 291 11.39 12.29 -37.23
C ASP A 291 11.96 11.90 -35.86
N GLU A 292 11.25 11.05 -35.10
CA GLU A 292 11.74 10.61 -33.81
C GLU A 292 12.94 9.67 -33.96
N PHE A 293 12.91 8.78 -34.94
CA PHE A 293 14.03 7.90 -35.20
C PHE A 293 15.27 8.71 -35.60
N GLU A 294 15.08 9.76 -36.38
CA GLU A 294 16.21 10.66 -36.65
C GLU A 294 16.73 11.28 -35.36
N ALA A 295 15.84 11.76 -34.49
CA ALA A 295 16.31 12.38 -33.26
C ALA A 295 17.05 11.38 -32.39
N PHE A 296 16.60 10.12 -32.38
CA PHE A 296 17.29 9.09 -31.62
C PHE A 296 18.67 8.81 -32.20
N ARG A 297 18.79 8.80 -33.53
CA ARG A 297 20.11 8.67 -34.15
C ARG A 297 21.02 9.81 -33.72
N HIS A 298 20.48 11.04 -33.67
CA HIS A 298 21.30 12.19 -33.28
C HIS A 298 21.74 12.11 -31.82
N SER A 299 20.82 11.76 -30.93
CA SER A 299 21.18 11.60 -29.53
C SER A 299 22.18 10.47 -29.35
N VAL A 300 22.06 9.40 -30.15
CA VAL A 300 23.06 8.34 -30.09
C VAL A 300 24.41 8.87 -30.55
N GLU A 301 24.43 9.76 -31.54
CA GLU A 301 25.70 10.33 -31.98
C GLU A 301 26.34 11.17 -30.88
N VAL A 302 25.56 12.04 -30.23
CA VAL A 302 26.14 12.90 -29.19
C VAL A 302 26.58 12.05 -28.00
N VAL A 303 25.78 11.05 -27.63
CA VAL A 303 26.13 10.21 -26.49
C VAL A 303 27.37 9.39 -26.82
N LYS A 304 27.51 8.92 -28.07
CA LYS A 304 28.70 8.16 -28.42
C LYS A 304 29.95 9.04 -28.37
N GLU A 305 29.85 10.30 -28.83
CA GLU A 305 30.98 11.21 -28.70
C GLU A 305 31.37 11.40 -27.23
N TYR A 306 30.39 11.67 -26.37
CA TYR A 306 30.69 11.82 -24.94
C TYR A 306 31.29 10.53 -24.36
N CYS A 307 30.74 9.37 -24.74
CA CYS A 307 31.22 8.11 -24.22
C CYS A 307 32.67 7.85 -24.62
N GLU A 308 33.06 8.30 -25.82
CA GLU A 308 34.47 8.17 -26.19
C GLU A 308 35.34 9.09 -25.36
N GLU A 309 34.81 10.25 -24.97
CA GLU A 309 35.70 11.14 -24.21
C GLU A 309 36.01 10.63 -22.80
N VAL A 310 35.36 9.55 -22.35
CA VAL A 310 35.57 9.06 -20.99
C VAL A 310 35.85 7.58 -20.99
N LYS A 311 36.11 7.03 -22.18
CA LYS A 311 36.28 5.58 -22.31
C LYS A 311 37.57 5.11 -21.64
N ASP A 312 38.60 5.95 -21.64
CA ASP A 312 39.89 5.63 -21.06
C ASP A 312 40.10 6.28 -19.70
N ILE A 313 39.10 6.98 -19.18
CA ILE A 313 39.22 7.66 -17.89
C ILE A 313 39.50 6.66 -16.78
N MET B 1 -8.65 16.22 1.44
CA MET B 1 -8.02 16.92 2.59
C MET B 1 -7.00 17.93 2.09
N LYS B 2 -6.99 19.11 2.70
CA LYS B 2 -6.01 20.15 2.41
C LYS B 2 -5.12 20.31 3.63
N VAL B 3 -3.82 20.10 3.45
CA VAL B 3 -2.84 20.28 4.51
C VAL B 3 -1.91 21.41 4.11
N SER B 4 -1.67 22.34 5.02
CA SER B 4 -0.72 23.43 4.77
C SER B 4 0.51 23.21 5.64
N VAL B 5 1.67 23.05 5.02
CA VAL B 5 2.92 22.89 5.74
C VAL B 5 3.59 24.25 5.79
N ILE B 6 3.71 24.83 6.99
CA ILE B 6 4.43 26.07 7.19
C ILE B 6 5.80 25.72 7.76
N GLY B 7 6.83 25.98 6.99
CA GLY B 7 8.15 25.48 7.26
C GLY B 7 8.60 24.39 6.33
N ALA B 8 8.04 24.30 5.12
CA ALA B 8 8.35 23.21 4.20
C ALA B 8 9.73 23.35 3.58
N SER B 9 10.33 24.55 3.66
CA SER B 9 11.67 24.73 3.09
C SER B 9 12.74 24.02 3.90
N GLY B 10 12.40 23.47 5.06
CA GLY B 10 13.35 22.80 5.92
C GLY B 10 13.46 21.31 5.67
N ARG B 11 14.08 20.64 6.63
CA ARG B 11 14.28 19.19 6.54
C ARG B 11 12.98 18.45 6.81
N ILE B 12 12.42 18.64 8.01
CA ILE B 12 11.15 18.03 8.35
C ILE B 12 10.07 18.48 7.37
N GLY B 13 10.03 19.78 7.06
CA GLY B 13 8.96 20.30 6.24
C GLY B 13 8.95 19.72 4.84
N SER B 14 10.12 19.66 4.21
CA SER B 14 10.18 19.12 2.84
C SER B 14 9.89 17.62 2.83
N ALA B 15 10.47 16.87 3.78
CA ALA B 15 10.15 15.45 3.83
C ALA B 15 8.65 15.24 4.01
N VAL B 16 8.03 16.01 4.91
CA VAL B 16 6.61 15.85 5.19
C VAL B 16 5.78 16.20 3.97
N SER B 17 6.16 17.24 3.23
CA SER B 17 5.42 17.60 2.04
C SER B 17 5.44 16.46 1.02
N PHE B 18 6.62 15.87 0.81
CA PHE B 18 6.73 14.76 -0.14
C PHE B 18 5.82 13.60 0.28
N LEU B 19 5.86 13.23 1.56
CA LEU B 19 5.02 12.10 1.99
C LEU B 19 3.54 12.43 1.91
N LEU B 20 3.14 13.63 2.34
CA LEU B 20 1.74 14.02 2.30
C LEU B 20 1.22 14.06 0.87
N ALA B 21 2.05 14.56 -0.06
CA ALA B 21 1.65 14.55 -1.46
C ALA B 21 1.36 13.14 -1.92
N LYS B 22 2.18 12.17 -1.48
CA LYS B 22 1.90 10.81 -1.90
C LYS B 22 0.63 10.25 -1.25
N GLU B 23 0.23 10.76 -0.10
CA GLU B 23 -0.93 10.19 0.60
C GLU B 23 -2.18 10.33 -0.28
N PRO B 24 -2.97 9.26 -0.44
CA PRO B 24 -4.12 9.35 -1.36
C PRO B 24 -5.20 10.33 -0.92
N TYR B 25 -5.36 10.58 0.38
CA TYR B 25 -6.40 11.47 0.87
C TYR B 25 -6.01 12.94 0.78
N ILE B 26 -4.77 13.26 0.43
CA ILE B 26 -4.32 14.65 0.35
C ILE B 26 -4.53 15.12 -1.09
N LYS B 27 -5.53 15.98 -1.29
CA LYS B 27 -5.81 16.53 -2.61
C LYS B 27 -5.11 17.86 -2.82
N ASP B 28 -5.10 18.73 -1.81
CA ASP B 28 -4.42 20.02 -1.88
C ASP B 28 -3.33 20.06 -0.82
N LEU B 29 -2.14 20.47 -1.21
CA LEU B 29 -1.02 20.65 -0.28
C LEU B 29 -0.45 22.03 -0.49
N VAL B 30 -0.52 22.87 0.54
CA VAL B 30 -0.03 24.24 0.47
C VAL B 30 1.27 24.32 1.25
N LEU B 31 2.36 24.62 0.55
CA LEU B 31 3.67 24.75 1.18
C LEU B 31 3.97 26.23 1.38
N ILE B 32 4.23 26.61 2.63
CA ILE B 32 4.44 28.00 3.01
C ILE B 32 5.88 28.16 3.48
N SER B 33 6.47 29.32 3.18
CA SER B 33 7.84 29.60 3.59
C SER B 33 8.03 31.10 3.73
N ARG B 34 9.12 31.48 4.38
CA ARG B 34 9.57 32.87 4.33
C ARG B 34 9.85 33.25 2.88
N GLU B 35 9.75 34.55 2.60
CA GLU B 35 9.91 35.01 1.22
C GLU B 35 11.29 34.67 0.67
N LYS B 36 12.30 34.58 1.54
CA LYS B 36 13.65 34.23 1.13
C LYS B 36 13.82 32.74 0.85
N SER B 37 12.84 31.90 1.19
CA SER B 37 12.93 30.47 0.97
C SER B 37 11.92 29.99 -0.07
N LEU B 38 11.20 30.92 -0.71
CA LEU B 38 10.13 30.52 -1.64
C LEU B 38 10.68 29.78 -2.85
N ASN B 39 11.82 30.19 -3.37
CA ASN B 39 12.45 29.39 -4.42
C ASN B 39 12.72 27.97 -3.93
N LYS B 40 13.20 27.81 -2.71
CA LYS B 40 13.43 26.47 -2.21
C LYS B 40 12.15 25.64 -2.21
N LEU B 41 10.99 26.29 -2.17
CA LEU B 41 9.73 25.57 -2.25
C LEU B 41 9.29 25.33 -3.69
N LYS B 42 9.61 26.24 -4.61
CA LYS B 42 9.25 26.01 -6.01
C LYS B 42 10.08 24.89 -6.61
N GLY B 43 11.30 24.69 -6.12
CA GLY B 43 11.99 23.44 -6.43
C GLY B 43 11.40 22.25 -5.72
N LEU B 44 10.87 22.45 -4.52
CA LEU B 44 10.26 21.34 -3.80
C LEU B 44 9.01 20.84 -4.52
N LYS B 45 8.10 21.76 -4.85
CA LYS B 45 6.89 21.43 -5.58
C LYS B 45 7.20 20.62 -6.84
N MET B 46 8.18 21.06 -7.61
CA MET B 46 8.55 20.30 -8.80
C MET B 46 9.02 18.90 -8.42
N ASP B 47 9.97 18.82 -7.49
CA ASP B 47 10.52 17.51 -7.16
C ASP B 47 9.42 16.56 -6.70
N ILE B 48 8.60 17.02 -5.75
CA ILE B 48 7.50 16.18 -5.28
C ILE B 48 6.60 15.81 -6.43
N TYR B 49 6.29 16.74 -7.33
CA TYR B 49 5.46 16.36 -8.47
C TYR B 49 6.10 15.23 -9.27
N ASP B 50 7.39 15.32 -9.56
CA ASP B 50 8.04 14.21 -10.24
C ASP B 50 7.90 12.91 -9.45
N ALA B 51 8.12 12.99 -8.13
CA ALA B 51 7.90 11.82 -7.28
C ALA B 51 6.46 11.31 -7.40
N LEU B 52 5.48 12.21 -7.43
CA LEU B 52 4.10 11.75 -7.57
C LEU B 52 3.87 11.08 -8.92
N ALA B 53 4.65 11.46 -9.94
CA ALA B 53 4.54 10.77 -11.23
C ALA B 53 5.11 9.36 -11.15
N GLY B 54 6.08 9.14 -10.26
CA GLY B 54 6.69 7.83 -10.09
C GLY B 54 6.19 7.11 -8.87
N THR B 55 5.06 7.56 -8.32
CA THR B 55 4.42 6.88 -7.19
C THR B 55 2.92 6.72 -7.42
N ARG B 56 2.45 6.88 -8.66
CA ARG B 56 1.04 6.69 -8.99
C ARG B 56 0.15 7.56 -8.10
N SER B 57 0.68 8.69 -7.67
CA SER B 57 -0.01 9.63 -6.80
C SER B 57 -0.29 10.93 -7.54
N ASP B 58 -1.13 11.77 -6.94
CA ASP B 58 -1.45 13.07 -7.50
C ASP B 58 -1.89 14.00 -6.38
N ALA B 59 -1.56 15.28 -6.52
CA ALA B 59 -1.96 16.30 -5.56
C ALA B 59 -1.81 17.65 -6.23
N ASN B 60 -2.49 18.65 -5.65
CA ASN B 60 -2.41 20.03 -6.13
C ASN B 60 -1.53 20.81 -5.16
N ILE B 61 -0.23 20.82 -5.43
CA ILE B 61 0.72 21.52 -4.58
C ILE B 61 0.72 23.00 -4.95
N GLU B 62 0.39 23.86 -3.98
CA GLU B 62 0.43 25.31 -4.13
C GLU B 62 1.53 25.84 -3.23
N VAL B 63 2.34 26.75 -3.73
CA VAL B 63 3.51 27.25 -3.02
C VAL B 63 3.34 28.74 -2.79
N HIS B 64 3.23 29.15 -1.53
CA HIS B 64 3.06 30.55 -1.16
C HIS B 64 4.07 30.90 -0.06
N SER B 65 4.05 32.17 0.34
CA SER B 65 4.92 32.68 1.39
C SER B 65 4.10 32.98 2.65
N ASP B 66 4.81 33.27 3.73
CA ASP B 66 4.18 33.50 5.03
C ASP B 66 3.60 34.90 5.18
N LYS B 67 3.68 35.74 4.15
CA LYS B 67 3.17 37.11 4.26
C LYS B 67 1.65 37.11 4.40
N ASP B 68 0.95 36.50 3.46
CA ASP B 68 -0.50 36.37 3.51
C ASP B 68 -0.83 34.90 3.70
N LEU B 69 -1.37 34.56 4.88
CA LEU B 69 -1.72 33.18 5.19
C LEU B 69 -3.20 32.90 4.93
N SER B 70 -3.88 33.78 4.22
CA SER B 70 -5.20 33.44 3.68
C SER B 70 -5.12 32.29 2.69
N VAL B 71 -3.91 31.84 2.35
CA VAL B 71 -3.75 30.71 1.44
C VAL B 71 -3.96 29.38 2.14
N VAL B 72 -3.91 29.34 3.47
CA VAL B 72 -4.16 28.10 4.20
C VAL B 72 -5.64 27.91 4.51
N ASP B 73 -6.48 28.90 4.23
CA ASP B 73 -7.92 28.74 4.47
C ASP B 73 -8.43 27.53 3.69
N GLY B 74 -9.23 26.71 4.36
CA GLY B 74 -9.68 25.45 3.81
C GLY B 74 -8.84 24.26 4.21
N SER B 75 -7.76 24.47 4.96
CA SER B 75 -6.91 23.37 5.41
C SER B 75 -7.57 22.65 6.57
N ASP B 76 -7.57 21.31 6.49
CA ASP B 76 -7.97 20.51 7.63
C ASP B 76 -6.91 20.55 8.72
N ILE B 77 -5.63 20.57 8.30
CA ILE B 77 -4.50 20.60 9.21
C ILE B 77 -3.46 21.57 8.66
N VAL B 78 -2.76 22.22 9.57
CA VAL B 78 -1.63 23.09 9.25
C VAL B 78 -0.47 22.60 10.10
N ILE B 79 0.50 21.96 9.44
CA ILE B 79 1.67 21.40 10.12
C ILE B 79 2.75 22.47 10.15
N ILE B 80 3.11 22.91 11.34
CA ILE B 80 4.10 23.97 11.53
C ILE B 80 5.42 23.28 11.86
N THR B 81 6.25 23.10 10.84
CA THR B 81 7.64 22.68 11.04
C THR B 81 8.58 23.87 11.09
N ALA B 82 8.06 25.09 11.06
CA ALA B 82 8.91 26.27 11.10
C ALA B 82 9.62 26.35 12.45
N GLY B 83 10.94 26.49 12.40
CA GLY B 83 11.72 26.61 13.60
C GLY B 83 13.13 27.06 13.28
N VAL B 84 13.80 27.57 14.30
CA VAL B 84 15.15 28.11 14.14
C VAL B 84 16.16 26.97 14.24
N PRO B 85 17.24 27.01 13.45
CA PRO B 85 18.31 26.03 13.64
C PRO B 85 18.90 26.12 15.05
N ARG B 86 18.93 24.98 15.73
CA ARG B 86 19.46 24.90 17.09
C ARG B 86 20.98 24.94 17.03
N LYS B 87 21.53 26.16 17.01
CA LYS B 87 22.96 26.33 17.11
C LYS B 87 23.46 25.82 18.46
N GLU B 88 24.74 25.41 18.49
CA GLU B 88 25.29 24.88 19.73
C GLU B 88 25.32 25.92 20.82
N ASP B 89 25.46 27.19 20.43
CA ASP B 89 25.42 28.25 21.43
C ASP B 89 24.01 28.74 21.69
N MET B 90 23.11 27.83 21.98
CA MET B 90 21.71 28.16 22.19
C MET B 90 21.24 27.25 23.31
N SER B 91 20.65 27.85 24.33
CA SER B 91 20.11 27.08 25.43
C SER B 91 18.73 26.56 25.05
N ARG B 92 18.12 25.82 25.98
CA ARG B 92 16.72 25.43 25.78
C ARG B 92 15.80 26.64 25.86
N LEU B 93 16.01 27.49 26.88
CA LEU B 93 15.18 28.67 27.03
C LEU B 93 15.36 29.61 25.84
N ASP B 94 16.57 29.65 25.26
CA ASP B 94 16.81 30.53 24.12
C ASP B 94 16.02 30.08 22.89
N LEU B 95 16.10 28.79 22.55
CA LEU B 95 15.34 28.28 21.42
C LEU B 95 13.84 28.33 21.70
N ALA B 96 13.44 28.12 22.96
CA ALA B 96 12.03 28.24 23.30
C ALA B 96 11.54 29.66 23.09
N LYS B 97 12.33 30.66 23.51
CA LYS B 97 11.92 32.04 23.31
C LYS B 97 11.92 32.42 21.83
N ILE B 98 12.86 31.86 21.06
CA ILE B 98 12.95 32.21 19.65
C ILE B 98 11.79 31.59 18.86
N ASN B 99 11.50 30.32 19.12
CA ASN B 99 10.46 29.63 18.40
C ASN B 99 9.08 29.88 18.98
N ALA B 100 8.99 30.44 20.18
CA ALA B 100 7.69 30.83 20.71
C ALA B 100 7.14 32.01 19.93
N LYS B 101 7.99 32.95 19.52
CA LYS B 101 7.52 34.06 18.69
C LYS B 101 7.12 33.56 17.31
N ILE B 102 7.93 32.68 16.71
CA ILE B 102 7.60 32.13 15.39
C ILE B 102 6.27 31.41 15.45
N VAL B 103 6.12 30.48 16.39
CA VAL B 103 4.91 29.68 16.49
C VAL B 103 3.73 30.55 16.91
N GLY B 104 3.94 31.51 17.81
CA GLY B 104 2.85 32.36 18.24
C GLY B 104 2.33 33.26 17.14
N ASN B 105 3.24 33.89 16.39
CA ASN B 105 2.80 34.72 15.27
C ASN B 105 2.06 33.89 14.24
N TYR B 106 2.59 32.70 13.92
CA TYR B 106 1.88 31.86 12.95
C TYR B 106 0.52 31.44 13.50
N ALA B 107 0.42 31.13 14.79
CA ALA B 107 -0.87 30.73 15.36
C ALA B 107 -1.87 31.88 15.29
N ARG B 108 -1.44 33.09 15.65
CA ARG B 108 -2.32 34.24 15.62
C ARG B 108 -2.82 34.51 14.20
N GLU B 109 -1.91 34.45 13.22
CA GLU B 109 -2.32 34.76 11.86
C GLU B 109 -3.15 33.64 11.23
N ILE B 110 -2.88 32.38 11.58
CA ILE B 110 -3.69 31.28 11.06
C ILE B 110 -5.09 31.33 11.66
N ALA B 111 -5.22 31.73 12.92
CA ALA B 111 -6.55 31.87 13.51
C ALA B 111 -7.31 33.03 12.88
N LYS B 112 -6.61 34.12 12.54
CA LYS B 112 -7.25 35.25 11.88
C LYS B 112 -7.86 34.87 10.54
N VAL B 113 -7.38 33.77 9.94
CA VAL B 113 -7.83 33.36 8.62
C VAL B 113 -9.02 32.41 8.74
N CYS B 114 -8.84 31.31 9.45
CA CYS B 114 -9.83 30.24 9.46
C CYS B 114 -9.80 29.53 10.80
N ASP B 115 -10.52 28.41 10.88
CA ASP B 115 -10.44 27.48 12.00
C ASP B 115 -9.97 26.13 11.46
N THR B 116 -8.81 25.69 11.91
CA THR B 116 -8.20 24.46 11.43
C THR B 116 -7.44 23.83 12.59
N LYS B 117 -6.94 22.62 12.34
CA LYS B 117 -6.06 21.97 13.31
C LYS B 117 -4.63 22.46 13.12
N LEU B 118 -3.91 22.63 14.22
CA LEU B 118 -2.52 23.06 14.18
C LEU B 118 -1.66 21.90 14.67
N PHE B 119 -0.93 21.27 13.76
CA PHE B 119 -0.01 20.18 14.09
C PHE B 119 1.36 20.81 14.30
N ILE B 120 1.74 20.99 15.55
CA ILE B 120 2.98 21.69 15.87
C ILE B 120 4.13 20.69 15.91
N ILE B 121 5.14 20.95 15.09
CA ILE B 121 6.38 20.18 15.13
C ILE B 121 7.52 20.97 15.76
N THR B 122 7.46 22.30 15.75
CA THR B 122 8.56 23.12 16.26
C THR B 122 8.87 22.76 17.70
N ASN B 123 10.19 22.59 18.02
CA ASN B 123 10.63 22.31 19.39
C ASN B 123 10.96 23.61 20.12
N PRO B 124 10.79 23.65 21.46
CA PRO B 124 10.29 22.58 22.36
C PRO B 124 8.84 22.25 22.06
N VAL B 125 8.52 21.04 21.60
CA VAL B 125 7.24 20.81 20.95
C VAL B 125 6.08 21.00 21.92
N ASP B 126 6.27 20.63 23.18
CA ASP B 126 5.19 20.80 24.16
C ASP B 126 4.92 22.26 24.40
N VAL B 127 5.96 23.05 24.64
CA VAL B 127 5.78 24.48 24.91
C VAL B 127 5.28 25.19 23.65
N MET B 128 5.76 24.80 22.48
CA MET B 128 5.29 25.44 21.24
C MET B 128 3.83 25.08 20.96
N THR B 129 3.45 23.83 21.22
CA THR B 129 2.05 23.44 21.06
C THR B 129 1.17 24.24 22.01
N TYR B 130 1.64 24.44 23.26
CA TYR B 130 0.88 25.24 24.21
C TYR B 130 0.77 26.69 23.74
N LYS B 131 1.88 27.27 23.30
CA LYS B 131 1.85 28.65 22.83
C LYS B 131 0.92 28.80 21.64
N ALA B 132 0.90 27.79 20.75
CA ALA B 132 0.06 27.86 19.56
C ALA B 132 -1.41 27.73 19.92
N LEU B 133 -1.74 26.83 20.85
CA LEU B 133 -3.13 26.74 21.32
C LEU B 133 -3.57 28.05 21.94
N ILE B 134 -2.70 28.68 22.73
CA ILE B 134 -3.10 29.91 23.43
C ILE B 134 -3.26 31.05 22.43
N GLU B 135 -2.26 31.28 21.58
CA GLU B 135 -2.29 32.42 20.68
C GLU B 135 -3.25 32.22 19.52
N SER B 136 -3.67 30.98 19.26
CA SER B 136 -4.69 30.74 18.26
C SER B 136 -6.09 30.91 18.85
N ASN B 137 -6.22 30.73 20.17
CA ASN B 137 -7.53 30.70 20.83
C ASN B 137 -8.42 29.63 20.22
N TYR B 138 -7.81 28.55 19.73
CA TYR B 138 -8.56 27.44 19.16
C TYR B 138 -9.09 26.52 20.26
N GLU B 139 -9.95 25.58 19.88
CA GLU B 139 -10.30 24.49 20.76
C GLU B 139 -9.07 23.64 21.01
N ARG B 140 -8.93 23.16 22.26
CA ARG B 140 -7.76 22.38 22.63
C ARG B 140 -7.70 21.05 21.90
N ASN B 141 -8.83 20.54 21.42
CA ASN B 141 -8.84 19.33 20.61
C ASN B 141 -8.22 19.54 19.24
N GLN B 142 -8.00 20.79 18.84
CA GLN B 142 -7.56 21.12 17.48
C GLN B 142 -6.08 21.42 17.38
N VAL B 143 -5.40 21.65 18.50
CA VAL B 143 -3.97 21.94 18.52
C VAL B 143 -3.27 20.80 19.24
N PHE B 144 -2.21 20.28 18.60
CA PHE B 144 -1.51 19.09 19.08
C PHE B 144 -0.16 19.04 18.38
N GLY B 145 0.84 18.49 19.08
CA GLY B 145 2.18 18.42 18.57
C GLY B 145 2.73 17.01 18.60
N LEU B 146 3.83 16.82 17.88
CA LEU B 146 4.52 15.54 17.82
C LEU B 146 5.60 15.54 18.88
N GLY B 147 5.38 14.81 19.96
CA GLY B 147 6.30 14.85 21.06
C GLY B 147 6.93 13.51 21.37
N THR B 148 6.52 12.91 22.48
CA THR B 148 7.11 11.64 22.89
C THR B 148 6.76 10.51 21.94
N HIS B 149 5.93 10.73 20.93
CA HIS B 149 5.69 9.68 19.94
C HIS B 149 6.98 9.33 19.21
N LEU B 150 7.74 10.34 18.80
CA LEU B 150 9.02 10.08 18.13
C LEU B 150 9.99 9.37 19.06
N ASP B 151 10.08 9.81 20.31
CA ASP B 151 10.89 9.09 21.29
C ASP B 151 10.40 7.66 21.46
N SER B 152 9.10 7.43 21.29
CA SER B 152 8.55 6.08 21.42
C SER B 152 8.98 5.21 20.23
N LEU B 153 8.96 5.77 19.03
CA LEU B 153 9.42 5.03 17.87
C LEU B 153 10.91 4.72 17.97
N ARG B 154 11.70 5.63 18.55
CA ARG B 154 13.12 5.35 18.76
C ARG B 154 13.33 4.27 19.80
N PHE B 155 12.57 4.30 20.89
CA PHE B 155 12.57 3.21 21.85
C PHE B 155 12.17 1.90 21.17
N LYS B 156 11.21 1.97 20.25
CA LYS B 156 10.77 0.79 19.52
C LYS B 156 11.90 0.22 18.68
N VAL B 157 12.66 1.10 18.02
CA VAL B 157 13.81 0.64 17.23
C VAL B 157 14.84 -0.01 18.13
N ALA B 158 15.10 0.56 19.30
CA ALA B 158 16.09 -0.03 20.20
C ALA B 158 15.60 -1.36 20.76
N ILE B 159 14.29 -1.52 20.96
CA ILE B 159 13.76 -2.77 21.48
C ILE B 159 13.81 -3.85 20.40
N ALA B 160 13.32 -3.53 19.20
CA ALA B 160 13.22 -4.54 18.15
C ALA B 160 14.58 -4.95 17.61
N LYS B 161 15.60 -4.12 17.77
CA LYS B 161 16.95 -4.48 17.39
C LYS B 161 17.72 -5.20 18.49
N PHE B 162 17.16 -5.26 19.70
CA PHE B 162 17.72 -6.04 20.80
C PHE B 162 17.08 -7.41 20.90
N PHE B 163 15.79 -7.53 20.60
CA PHE B 163 15.05 -8.77 20.74
C PHE B 163 14.94 -9.55 19.44
N GLY B 164 15.59 -9.09 18.37
CA GLY B 164 15.55 -9.80 17.11
C GLY B 164 14.15 -9.92 16.54
N VAL B 165 13.44 -8.79 16.46
CA VAL B 165 12.06 -8.78 15.97
C VAL B 165 11.86 -7.66 14.96
N HIS B 166 10.88 -7.85 14.09
CA HIS B 166 10.45 -6.80 13.18
C HIS B 166 10.06 -5.57 13.99
N ILE B 167 10.41 -4.39 13.47
CA ILE B 167 10.16 -3.17 14.23
C ILE B 167 8.67 -3.04 14.56
N ASP B 168 7.81 -3.33 13.59
CA ASP B 168 6.38 -3.10 13.81
C ASP B 168 5.80 -4.02 14.87
N ASP B 169 6.47 -5.12 15.20
CA ASP B 169 5.97 -6.00 16.24
C ASP B 169 6.17 -5.42 17.64
N VAL B 170 7.07 -4.44 17.79
CA VAL B 170 7.26 -3.77 19.06
C VAL B 170 6.31 -2.58 19.14
N ARG B 171 5.61 -2.46 20.26
CA ARG B 171 4.70 -1.35 20.52
C ARG B 171 4.98 -0.84 21.92
N THR B 172 5.42 0.41 22.02
CA THR B 172 5.75 1.03 23.30
C THR B 172 5.18 2.43 23.36
N ARG B 173 5.15 2.97 24.59
CA ARG B 173 4.63 4.30 24.85
C ARG B 173 5.63 5.09 25.68
N ILE B 174 5.85 6.34 25.30
CA ILE B 174 6.55 7.30 26.13
C ILE B 174 5.63 8.50 26.28
N ILE B 175 5.38 8.93 27.51
CA ILE B 175 4.51 10.06 27.76
C ILE B 175 5.34 11.17 28.41
N GLY B 176 4.75 12.37 28.44
CA GLY B 176 5.41 13.49 29.05
C GLY B 176 6.11 14.39 28.05
N GLU B 177 7.26 14.93 28.43
CA GLU B 177 7.94 15.92 27.59
C GLU B 177 8.75 15.23 26.49
N HIS B 178 8.80 15.87 25.32
CA HIS B 178 9.76 15.52 24.27
C HIS B 178 11.13 16.05 24.71
N GLY B 179 11.63 15.45 25.77
CA GLY B 179 12.84 15.93 26.40
C GLY B 179 13.30 14.97 27.47
N ASP B 180 14.11 15.49 28.39
CA ASP B 180 14.75 14.64 29.37
C ASP B 180 13.82 14.22 30.50
N THR B 181 12.69 14.91 30.69
CA THR B 181 11.71 14.49 31.68
C THR B 181 10.75 13.44 31.15
N MET B 182 11.14 12.78 30.05
CA MET B 182 10.33 11.71 29.47
C MET B 182 9.92 10.70 30.54
N VAL B 183 8.77 10.08 30.30
CA VAL B 183 8.24 9.01 31.15
C VAL B 183 7.99 7.82 30.23
N PRO B 184 9.01 7.01 29.95
CA PRO B 184 8.78 5.76 29.20
C PRO B 184 7.95 4.79 30.02
N LEU B 185 6.93 4.22 29.39
CA LEU B 185 5.99 3.33 30.08
C LEU B 185 6.34 1.90 29.68
N LEU B 186 7.19 1.27 30.49
CA LEU B 186 7.49 -0.14 30.31
C LEU B 186 6.26 -1.02 30.51
N SER B 187 5.23 -0.49 31.16
CA SER B 187 3.95 -1.18 31.21
C SER B 187 3.35 -1.31 29.81
N ALA B 188 3.49 -0.26 28.99
CA ALA B 188 2.92 -0.23 27.65
C ALA B 188 3.90 -0.69 26.59
N THR B 189 5.00 -1.33 26.96
CA THR B 189 5.97 -1.85 26.03
C THR B 189 5.69 -3.33 25.79
N SER B 190 5.66 -3.73 24.52
CA SER B 190 5.25 -5.08 24.17
C SER B 190 5.91 -5.52 22.88
N ILE B 191 5.88 -6.83 22.64
CA ILE B 191 6.28 -7.43 21.37
C ILE B 191 5.23 -8.46 21.02
N GLY B 192 4.48 -8.22 19.94
CA GLY B 192 3.39 -9.10 19.59
C GLY B 192 2.23 -9.05 20.56
N GLY B 193 2.17 -8.01 21.39
CA GLY B 193 1.19 -7.91 22.44
C GLY B 193 1.67 -8.42 23.78
N ILE B 194 2.74 -9.22 23.80
CA ILE B 194 3.30 -9.77 25.03
C ILE B 194 4.10 -8.67 25.72
N PRO B 195 3.80 -8.32 26.97
CA PRO B 195 4.66 -7.36 27.68
C PRO B 195 6.09 -7.87 27.70
N ILE B 196 7.05 -6.95 27.52
CA ILE B 196 8.41 -7.39 27.32
C ILE B 196 9.01 -7.93 28.62
N ASN B 197 8.47 -7.54 29.78
CA ASN B 197 8.90 -8.17 31.03
C ASN B 197 8.57 -9.66 31.02
N ARG B 198 7.52 -10.06 30.32
CA ARG B 198 7.15 -11.45 30.17
C ARG B 198 7.84 -12.12 28.99
N LEU B 199 8.94 -11.55 28.51
CA LEU B 199 9.59 -12.09 27.32
C LEU B 199 10.97 -12.65 27.67
N PRO B 200 11.40 -13.70 26.97
CA PRO B 200 12.76 -14.22 27.20
C PRO B 200 13.80 -13.14 26.97
N ASN B 201 14.73 -13.01 27.92
CA ASN B 201 15.92 -12.17 27.84
C ASN B 201 15.65 -10.70 28.19
N PHE B 202 14.47 -10.36 28.71
CA PHE B 202 14.30 -9.00 29.22
C PHE B 202 15.28 -8.72 30.35
N GLU B 203 15.80 -9.75 31.00
CA GLU B 203 16.77 -9.58 32.06
C GLU B 203 17.96 -8.73 31.60
N ASN B 204 18.39 -8.93 30.36
CA ASN B 204 19.59 -8.29 29.84
C ASN B 204 19.29 -7.07 28.99
N PHE B 205 18.05 -6.63 28.92
CA PHE B 205 17.73 -5.41 28.19
C PHE B 205 18.35 -4.23 28.93
N PRO B 206 19.24 -3.45 28.30
CA PRO B 206 19.85 -2.31 28.98
C PRO B 206 18.95 -1.08 29.03
N TYR B 207 17.75 -1.26 29.59
CA TYR B 207 16.70 -0.27 29.42
C TYR B 207 17.18 1.14 29.73
N GLU B 208 17.85 1.33 30.86
CA GLU B 208 18.24 2.69 31.23
C GLU B 208 19.22 3.29 30.24
N GLU B 209 20.23 2.50 29.81
CA GLU B 209 21.10 2.95 28.74
C GLU B 209 20.29 3.27 27.49
N VAL B 210 19.34 2.40 27.15
CA VAL B 210 18.55 2.59 25.94
C VAL B 210 17.76 3.89 26.02
N ILE B 211 17.20 4.19 27.18
CA ILE B 211 16.41 5.40 27.31
C ILE B 211 17.29 6.62 27.24
N ASP B 212 18.50 6.57 27.79
CA ASP B 212 19.37 7.72 27.63
C ASP B 212 19.77 7.89 26.17
N ASP B 213 19.92 6.78 25.45
CA ASP B 213 20.17 6.87 24.01
C ASP B 213 18.98 7.49 23.29
N VAL B 214 17.76 7.03 23.61
CA VAL B 214 16.56 7.56 22.97
C VAL B 214 16.35 9.02 23.34
N LYS B 215 16.84 9.42 24.50
CA LYS B 215 16.74 10.82 24.92
C LYS B 215 17.75 11.69 24.18
N ASN B 216 18.91 11.15 23.82
CA ASN B 216 19.94 11.92 23.13
C ASN B 216 20.03 11.60 21.64
N LYS B 217 19.11 10.78 21.12
CA LYS B 217 19.21 10.34 19.74
C LYS B 217 19.04 11.49 18.76
N GLY B 218 18.15 12.44 19.09
CA GLY B 218 18.00 13.61 18.24
C GLY B 218 19.29 14.41 18.15
N LYS B 219 19.94 14.63 19.30
CA LYS B 219 21.20 15.36 19.29
C LYS B 219 22.25 14.61 18.48
N LYS B 220 22.30 13.29 18.61
CA LYS B 220 23.28 12.52 17.84
C LYS B 220 23.00 12.60 16.34
N ILE B 221 21.73 12.52 15.94
CA ILE B 221 21.38 12.61 14.53
C ILE B 221 21.75 13.98 14.00
N ILE B 222 21.60 15.02 14.82
CA ILE B 222 22.02 16.35 14.40
C ILE B 222 23.53 16.39 14.20
N LYS B 223 24.27 15.82 15.16
CA LYS B 223 25.73 15.84 15.06
C LYS B 223 26.20 15.11 13.81
N LEU B 224 25.56 13.99 13.48
CA LEU B 224 26.04 13.15 12.39
C LEU B 224 25.60 13.66 11.03
N LYS B 225 24.29 13.82 10.84
CA LYS B 225 23.71 14.10 9.54
C LYS B 225 23.22 15.53 9.38
N GLY B 226 22.89 16.20 10.48
CA GLY B 226 22.41 17.57 10.43
C GLY B 226 20.99 17.76 10.92
N GLY B 227 20.36 16.71 11.44
CA GLY B 227 18.97 16.81 11.87
C GLY B 227 18.16 15.67 11.29
N SER B 228 17.25 15.11 12.08
CA SER B 228 16.38 14.05 11.59
C SER B 228 15.41 14.63 10.57
N GLU B 229 15.08 13.83 9.55
CA GLU B 229 13.97 14.22 8.69
C GLU B 229 12.93 13.14 8.44
N PHE B 230 13.36 11.90 8.19
CA PHE B 230 12.40 10.89 7.76
C PHE B 230 11.63 10.32 8.94
N GLY B 231 12.25 10.25 10.11
CA GLY B 231 11.57 9.72 11.28
C GLY B 231 10.39 10.57 11.68
N PRO B 232 10.65 11.85 12.00
CA PRO B 232 9.54 12.75 12.34
C PRO B 232 8.54 12.92 11.22
N ALA B 233 8.99 12.93 9.95
CA ALA B 233 8.06 13.10 8.84
C ALA B 233 7.10 11.93 8.75
N SER B 234 7.61 10.71 8.83
CA SER B 234 6.74 9.53 8.79
C SER B 234 5.77 9.53 9.97
N ALA B 235 6.25 9.88 11.17
CA ALA B 235 5.34 9.94 12.32
C ALA B 235 4.22 10.97 12.08
N ILE B 236 4.60 12.12 11.49
CA ILE B 236 3.61 13.14 11.17
C ILE B 236 2.55 12.57 10.24
N ILE B 237 2.98 11.84 9.22
CA ILE B 237 2.02 11.27 8.28
C ILE B 237 1.05 10.35 9.02
N ASN B 238 1.57 9.56 9.96
CA ASN B 238 0.67 8.65 10.69
C ASN B 238 -0.43 9.44 11.39
N ILE B 239 -0.06 10.56 12.01
CA ILE B 239 -1.09 11.36 12.68
C ILE B 239 -2.08 11.93 11.66
N VAL B 240 -1.57 12.43 10.53
CA VAL B 240 -2.45 13.01 9.53
C VAL B 240 -3.44 11.96 9.02
N ARG B 241 -2.95 10.73 8.82
CA ARG B 241 -3.81 9.64 8.36
C ARG B 241 -4.89 9.33 9.38
N CYS B 242 -4.54 9.29 10.67
CA CYS B 242 -5.54 9.02 11.68
C CYS B 242 -6.62 10.10 11.68
N ILE B 243 -6.22 11.36 11.44
CA ILE B 243 -7.20 12.44 11.41
C ILE B 243 -8.06 12.36 10.15
N ALA B 244 -7.43 12.09 9.01
CA ALA B 244 -8.13 12.15 7.73
C ALA B 244 -9.17 11.05 7.60
N ASN B 245 -8.78 9.81 7.91
CA ASN B 245 -9.66 8.66 7.79
C ASN B 245 -10.45 8.39 9.08
N ASP B 246 -10.33 9.26 10.08
CA ASP B 246 -11.04 9.11 11.35
C ASP B 246 -10.88 7.70 11.90
N GLU B 247 -9.62 7.31 12.12
CA GLU B 247 -9.32 5.96 12.58
C GLU B 247 -9.56 5.78 14.08
N LYS B 248 -9.70 6.88 14.83
CA LYS B 248 -9.96 6.81 16.26
C LYS B 248 -8.92 5.93 16.93
N ARG B 249 -7.64 6.26 16.73
CA ARG B 249 -6.57 5.43 17.25
C ARG B 249 -6.03 6.02 18.55
N LEU B 250 -5.64 5.13 19.47
CA LEU B 250 -4.99 5.54 20.70
C LEU B 250 -3.52 5.78 20.38
N LEU B 251 -3.13 7.04 20.32
CA LEU B 251 -1.78 7.46 20.00
C LEU B 251 -1.21 8.21 21.20
N THR B 252 0.00 8.74 21.04
CA THR B 252 0.59 9.60 22.07
C THR B 252 1.02 10.89 21.41
N LEU B 253 0.43 12.00 21.85
CA LEU B 253 0.78 13.27 21.27
C LEU B 253 0.83 14.33 22.35
N SER B 254 1.52 15.43 22.05
CA SER B 254 1.46 16.59 22.91
C SER B 254 0.06 17.17 22.81
N ALA B 255 -0.68 17.13 23.91
CA ALA B 255 -2.05 17.63 23.89
C ALA B 255 -2.32 18.34 25.21
N TYR B 256 -3.32 19.22 25.17
CA TYR B 256 -3.72 19.97 26.35
C TYR B 256 -4.47 19.09 27.32
N LEU B 257 -4.15 19.22 28.60
CA LEU B 257 -4.80 18.48 29.66
C LEU B 257 -5.76 19.41 30.38
N ASP B 258 -6.97 18.91 30.63
CA ASP B 258 -7.98 19.64 31.41
C ASP B 258 -8.49 18.75 32.54
N GLY B 259 -7.56 18.10 33.24
CA GLY B 259 -7.89 17.34 34.42
C GLY B 259 -8.00 15.84 34.20
N GLU B 260 -7.89 15.37 32.96
CA GLU B 260 -8.07 13.95 32.71
C GLU B 260 -7.12 13.10 33.55
N ILE B 261 -5.93 13.61 33.85
CA ILE B 261 -4.91 12.89 34.60
C ILE B 261 -4.67 13.65 35.89
N ASP B 262 -5.30 13.20 36.99
CA ASP B 262 -5.06 13.76 38.32
C ASP B 262 -5.20 15.27 38.31
N GLY B 263 -6.29 15.75 37.72
CA GLY B 263 -6.57 17.17 37.71
C GLY B 263 -5.47 18.02 37.12
N ILE B 264 -4.51 17.39 36.45
CA ILE B 264 -3.44 18.14 35.80
C ILE B 264 -4.04 18.90 34.64
N ARG B 265 -3.87 20.22 34.66
CA ARG B 265 -4.51 21.09 33.67
C ARG B 265 -3.57 22.22 33.30
N ASP B 266 -3.88 22.89 32.19
CA ASP B 266 -3.15 24.06 31.73
C ASP B 266 -1.74 23.72 31.27
N VAL B 267 -1.63 22.62 30.52
CA VAL B 267 -0.33 22.21 29.98
C VAL B 267 -0.58 21.36 28.75
N CYS B 268 0.23 21.58 27.72
CA CYS B 268 0.27 20.70 26.55
C CYS B 268 1.46 19.79 26.73
N ILE B 269 1.20 18.53 27.08
CA ILE B 269 2.27 17.57 27.30
C ILE B 269 1.91 16.27 26.62
N GLY B 270 2.92 15.42 26.46
CA GLY B 270 2.71 14.13 25.84
C GLY B 270 1.75 13.29 26.64
N VAL B 271 0.66 12.85 26.02
CA VAL B 271 -0.31 12.01 26.73
C VAL B 271 -0.97 11.04 25.75
N PRO B 272 -1.55 9.96 26.27
CA PRO B 272 -2.41 9.11 25.43
C PRO B 272 -3.62 9.89 24.96
N VAL B 273 -3.85 9.87 23.64
CA VAL B 273 -4.92 10.63 23.02
C VAL B 273 -5.57 9.77 21.96
N LYS B 274 -6.89 9.66 22.00
CA LYS B 274 -7.64 9.04 20.92
C LYS B 274 -7.80 10.07 19.81
N VAL B 275 -7.09 9.88 18.71
CA VAL B 275 -7.07 10.83 17.62
C VAL B 275 -8.05 10.37 16.55
N GLY B 276 -8.77 11.34 15.98
CA GLY B 276 -9.75 11.09 14.92
C GLY B 276 -10.02 12.29 14.03
N LYS B 277 -11.18 12.26 13.36
CA LYS B 277 -11.55 13.34 12.45
C LYS B 277 -11.45 14.71 13.10
N ASN B 278 -11.56 14.77 14.43
CA ASN B 278 -11.54 16.04 15.14
C ASN B 278 -10.31 16.13 16.04
N GLY B 279 -9.15 15.74 15.51
CA GLY B 279 -7.92 15.88 16.26
C GLY B 279 -7.94 15.07 17.54
N ILE B 280 -7.51 15.70 18.64
CA ILE B 280 -7.52 15.05 19.94
C ILE B 280 -8.98 14.95 20.39
N GLU B 281 -9.58 13.77 20.24
CA GLU B 281 -10.98 13.58 20.62
C GLU B 281 -11.14 13.15 22.06
N GLU B 282 -10.07 12.68 22.70
CA GLU B 282 -10.08 12.41 24.13
C GLU B 282 -8.66 12.20 24.65
N VAL B 283 -8.33 12.75 25.81
CA VAL B 283 -7.10 12.42 26.53
C VAL B 283 -7.44 11.21 27.39
N VAL B 284 -7.04 10.03 26.93
CA VAL B 284 -7.34 8.79 27.65
C VAL B 284 -6.46 8.73 28.90
N PRO B 285 -7.04 8.68 30.10
CA PRO B 285 -6.23 8.61 31.34
C PRO B 285 -5.84 7.19 31.74
N ILE B 286 -4.80 6.66 31.09
CA ILE B 286 -4.39 5.30 31.38
C ILE B 286 -3.86 5.20 32.80
N LYS B 287 -4.00 4.01 33.39
CA LYS B 287 -3.58 3.77 34.77
C LYS B 287 -2.06 3.65 34.81
N LEU B 288 -1.40 4.77 35.08
CA LEU B 288 0.04 4.79 35.25
C LEU B 288 0.42 4.26 36.62
N GLU B 289 1.53 3.52 36.69
CA GLU B 289 2.05 3.09 37.97
C GLU B 289 2.38 4.33 38.82
N ASP B 290 2.70 4.08 40.10
CA ASP B 290 3.01 5.19 40.99
C ASP B 290 4.26 5.94 40.54
N ASP B 291 5.36 5.21 40.30
CA ASP B 291 6.58 5.86 39.86
C ASP B 291 6.37 6.56 38.52
N GLU B 292 5.64 5.91 37.61
CA GLU B 292 5.35 6.52 36.32
C GLU B 292 4.53 7.79 36.48
N PHE B 293 3.53 7.78 37.36
CA PHE B 293 2.69 8.96 37.55
C PHE B 293 3.45 10.10 38.23
N GLU B 294 4.35 9.77 39.16
CA GLU B 294 5.22 10.81 39.72
C GLU B 294 6.10 11.43 38.64
N ALA B 295 6.70 10.59 37.79
CA ALA B 295 7.55 11.13 36.74
C ALA B 295 6.75 12.01 35.79
N PHE B 296 5.48 11.65 35.55
CA PHE B 296 4.64 12.50 34.71
C PHE B 296 4.33 13.83 35.38
N ARG B 297 4.04 13.81 36.69
CA ARG B 297 3.84 15.06 37.41
C ARG B 297 5.08 15.95 37.30
N HIS B 298 6.26 15.35 37.42
CA HIS B 298 7.50 16.10 37.29
C HIS B 298 7.62 16.73 35.90
N SER B 299 7.38 15.93 34.86
CA SER B 299 7.49 16.45 33.50
C SER B 299 6.51 17.60 33.28
N VAL B 300 5.30 17.49 33.83
CA VAL B 300 4.34 18.58 33.70
C VAL B 300 4.84 19.82 34.41
N GLU B 301 5.40 19.67 35.61
CA GLU B 301 5.91 20.82 36.34
C GLU B 301 6.99 21.56 35.54
N VAL B 302 7.94 20.80 34.97
CA VAL B 302 9.01 21.47 34.22
C VAL B 302 8.44 22.12 32.95
N VAL B 303 7.49 21.46 32.29
CA VAL B 303 6.96 22.02 31.05
C VAL B 303 6.15 23.28 31.35
N LYS B 304 5.42 23.29 32.46
CA LYS B 304 4.72 24.51 32.86
C LYS B 304 5.71 25.64 33.13
N GLU B 305 6.87 25.32 33.71
CA GLU B 305 7.88 26.36 33.91
C GLU B 305 8.36 26.92 32.56
N TYR B 306 8.65 26.04 31.60
CA TYR B 306 9.06 26.52 30.28
C TYR B 306 7.98 27.41 29.67
N CYS B 307 6.72 27.00 29.82
CA CYS B 307 5.60 27.76 29.29
C CYS B 307 5.49 29.14 29.92
N GLU B 308 5.66 29.22 31.24
CA GLU B 308 5.67 30.52 31.89
C GLU B 308 6.84 31.36 31.39
N GLU B 309 7.95 30.71 31.03
CA GLU B 309 9.09 31.45 30.50
C GLU B 309 8.82 32.01 29.11
N VAL B 310 7.92 31.41 28.34
CA VAL B 310 7.59 31.95 27.05
C VAL B 310 6.17 32.49 26.99
N LYS B 311 5.55 32.71 28.15
CA LYS B 311 4.14 33.09 28.18
C LYS B 311 3.85 34.41 27.47
N ASP B 312 4.85 35.31 27.43
CA ASP B 312 4.70 36.68 26.93
C ASP B 312 5.78 36.91 25.88
N ILE B 313 5.86 36.03 24.89
CA ILE B 313 6.80 36.24 23.78
C ILE B 313 6.11 36.60 22.47
N MET C 1 8.18 -15.63 -5.80
CA MET C 1 7.71 -16.73 -4.90
C MET C 1 6.59 -17.52 -5.57
N LYS C 2 6.70 -18.84 -5.51
CA LYS C 2 5.67 -19.75 -6.00
C LYS C 2 4.99 -20.37 -4.79
N VAL C 3 3.66 -20.28 -4.76
CA VAL C 3 2.87 -20.92 -3.72
C VAL C 3 1.81 -21.76 -4.40
N SER C 4 1.59 -22.97 -3.90
CA SER C 4 0.52 -23.82 -4.40
C SER C 4 -0.60 -23.87 -3.37
N VAL C 5 -1.83 -23.67 -3.82
CA VAL C 5 -3.00 -23.77 -2.94
C VAL C 5 -3.68 -25.10 -3.23
N ILE C 6 -3.56 -26.05 -2.32
CA ILE C 6 -4.23 -27.34 -2.43
C ILE C 6 -5.57 -27.22 -1.72
N GLY C 7 -6.64 -27.32 -2.49
CA GLY C 7 -7.96 -26.99 -2.01
C GLY C 7 -8.44 -25.61 -2.44
N ALA C 8 -7.99 -25.13 -3.60
CA ALA C 8 -8.26 -23.77 -4.03
C ALA C 8 -9.69 -23.56 -4.49
N SER C 9 -10.40 -24.64 -4.85
CA SER C 9 -11.79 -24.50 -5.26
C SER C 9 -12.71 -24.13 -4.09
N GLY C 10 -12.26 -24.32 -2.86
CA GLY C 10 -13.09 -24.08 -1.70
C GLY C 10 -13.31 -22.61 -1.46
N ARG C 11 -14.16 -22.33 -0.46
CA ARG C 11 -14.42 -20.95 -0.07
C ARG C 11 -13.13 -20.26 0.36
N ILE C 12 -12.47 -20.85 1.35
CA ILE C 12 -11.20 -20.28 1.83
C ILE C 12 -10.14 -20.34 0.75
N GLY C 13 -10.04 -21.46 0.05
CA GLY C 13 -9.00 -21.59 -0.96
C GLY C 13 -9.14 -20.57 -2.06
N SER C 14 -10.37 -20.24 -2.47
CA SER C 14 -10.55 -19.24 -3.50
C SER C 14 -10.21 -17.85 -2.99
N ALA C 15 -10.63 -17.50 -1.77
CA ALA C 15 -10.24 -16.17 -1.29
C ALA C 15 -8.72 -16.08 -1.12
N VAL C 16 -8.09 -17.17 -0.66
CA VAL C 16 -6.65 -17.19 -0.48
C VAL C 16 -5.95 -17.04 -1.82
N SER C 17 -6.46 -17.70 -2.86
CA SER C 17 -5.84 -17.59 -4.17
C SER C 17 -5.93 -16.18 -4.72
N PHE C 18 -7.11 -15.55 -4.60
CA PHE C 18 -7.26 -14.18 -5.08
C PHE C 18 -6.31 -13.23 -4.35
N LEU C 19 -6.23 -13.35 -3.02
CA LEU C 19 -5.34 -12.48 -2.26
C LEU C 19 -3.87 -12.80 -2.50
N LEU C 20 -3.53 -14.06 -2.76
CA LEU C 20 -2.12 -14.42 -2.97
C LEU C 20 -1.64 -13.91 -4.32
N ALA C 21 -2.45 -14.08 -5.37
CA ALA C 21 -2.08 -13.49 -6.66
C ALA C 21 -1.94 -11.98 -6.54
N LYS C 22 -2.81 -11.33 -5.76
CA LYS C 22 -2.67 -9.89 -5.63
C LYS C 22 -1.35 -9.47 -4.97
N GLU C 23 -0.71 -10.35 -4.21
CA GLU C 23 0.51 -9.96 -3.48
C GLU C 23 1.67 -9.76 -4.45
N PRO C 24 2.51 -8.73 -4.24
CA PRO C 24 3.58 -8.45 -5.22
C PRO C 24 4.65 -9.53 -5.29
N TYR C 25 4.91 -10.25 -4.21
CA TYR C 25 5.97 -11.25 -4.22
C TYR C 25 5.54 -12.56 -4.87
N ILE C 26 4.24 -12.86 -4.89
CA ILE C 26 3.76 -14.10 -5.47
C ILE C 26 3.81 -13.97 -6.99
N LYS C 27 4.79 -14.61 -7.61
CA LYS C 27 4.90 -14.59 -9.06
C LYS C 27 4.21 -15.77 -9.71
N ASP C 28 4.20 -16.93 -9.07
CA ASP C 28 3.54 -18.13 -9.57
C ASP C 28 2.60 -18.65 -8.50
N LEU C 29 1.38 -18.99 -8.88
CA LEU C 29 0.38 -19.51 -7.96
C LEU C 29 -0.25 -20.73 -8.61
N VAL C 30 -0.02 -21.90 -8.04
CA VAL C 30 -0.52 -23.16 -8.59
C VAL C 30 -1.75 -23.58 -7.79
N LEU C 31 -2.92 -23.48 -8.40
CA LEU C 31 -4.17 -23.85 -7.75
C LEU C 31 -4.47 -25.31 -8.05
N ILE C 32 -4.74 -26.09 -7.00
CA ILE C 32 -4.93 -27.53 -7.12
C ILE C 32 -6.28 -27.91 -6.52
N SER C 33 -7.03 -28.73 -7.25
CA SER C 33 -8.31 -29.24 -6.79
C SER C 33 -8.44 -30.69 -7.23
N ARG C 34 -9.41 -31.39 -6.67
CA ARG C 34 -9.76 -32.70 -7.20
C ARG C 34 -10.28 -32.54 -8.62
N GLU C 35 -10.25 -33.64 -9.37
CA GLU C 35 -10.69 -33.56 -10.75
C GLU C 35 -12.10 -32.99 -10.84
N LYS C 36 -12.98 -33.39 -9.93
CA LYS C 36 -14.39 -32.97 -9.97
C LYS C 36 -14.54 -31.46 -9.89
N SER C 37 -13.52 -30.74 -9.44
CA SER C 37 -13.59 -29.30 -9.31
C SER C 37 -12.59 -28.55 -10.19
N LEU C 38 -11.90 -29.25 -11.10
CA LEU C 38 -10.88 -28.57 -11.90
C LEU C 38 -11.47 -27.41 -12.69
N ASN C 39 -12.66 -27.61 -13.27
CA ASN C 39 -13.29 -26.51 -13.99
C ASN C 39 -13.55 -25.32 -13.07
N LYS C 40 -14.04 -25.57 -11.86
CA LYS C 40 -14.20 -24.46 -10.91
C LYS C 40 -12.92 -23.68 -10.74
N LEU C 41 -11.77 -24.36 -10.80
CA LEU C 41 -10.49 -23.69 -10.66
C LEU C 41 -10.14 -22.88 -11.89
N LYS C 42 -10.50 -23.38 -13.09
CA LYS C 42 -10.15 -22.65 -14.31
C LYS C 42 -10.96 -21.37 -14.46
N GLY C 43 -12.16 -21.32 -13.86
CA GLY C 43 -12.85 -20.05 -13.72
C GLY C 43 -12.35 -19.21 -12.57
N LEU C 44 -11.71 -19.81 -11.57
CA LEU C 44 -11.09 -18.99 -10.55
C LEU C 44 -9.85 -18.30 -11.11
N LYS C 45 -9.00 -19.06 -11.80
CA LYS C 45 -7.86 -18.47 -12.49
C LYS C 45 -8.27 -17.32 -13.39
N MET C 46 -9.31 -17.52 -14.19
CA MET C 46 -9.80 -16.41 -15.01
C MET C 46 -10.23 -15.26 -14.11
N ASP C 47 -11.07 -15.55 -13.12
CA ASP C 47 -11.63 -14.46 -12.31
C ASP C 47 -10.53 -13.68 -11.62
N ILE C 48 -9.60 -14.37 -10.99
CA ILE C 48 -8.46 -13.68 -10.37
C ILE C 48 -7.69 -12.85 -11.41
N TYR C 49 -7.44 -13.40 -12.60
CA TYR C 49 -6.73 -12.58 -13.58
C TYR C 49 -7.47 -11.25 -13.78
N ASP C 50 -8.81 -11.30 -13.89
CA ASP C 50 -9.60 -10.09 -14.07
C ASP C 50 -9.45 -9.13 -12.89
N ALA C 51 -9.36 -9.67 -11.68
CA ALA C 51 -9.06 -8.82 -10.54
C ALA C 51 -7.65 -8.27 -10.61
N LEU C 52 -6.68 -9.08 -11.01
CA LEU C 52 -5.30 -8.60 -11.06
C LEU C 52 -5.16 -7.42 -12.01
N ALA C 53 -5.88 -7.45 -13.14
CA ALA C 53 -5.92 -6.31 -14.05
C ALA C 53 -6.54 -5.08 -13.40
N GLY C 54 -7.50 -5.28 -12.51
CA GLY C 54 -8.11 -4.19 -11.76
C GLY C 54 -7.47 -3.90 -10.43
N THR C 55 -6.32 -4.51 -10.13
CA THR C 55 -5.59 -4.23 -8.90
C THR C 55 -4.14 -3.86 -9.17
N ARG C 56 -3.78 -3.61 -10.43
CA ARG C 56 -2.42 -3.24 -10.81
C ARG C 56 -1.42 -4.32 -10.42
N SER C 57 -1.90 -5.55 -10.28
CA SER C 57 -1.10 -6.71 -9.91
C SER C 57 -0.95 -7.64 -11.12
N ASP C 58 -0.13 -8.66 -10.94
CA ASP C 58 0.07 -9.67 -11.97
C ASP C 58 0.62 -10.92 -11.32
N ALA C 59 0.44 -12.05 -12.01
CA ALA C 59 0.92 -13.34 -11.51
C ALA C 59 0.74 -14.36 -12.62
N ASN C 60 1.33 -15.53 -12.42
CA ASN C 60 1.15 -16.66 -13.33
C ASN C 60 0.40 -17.76 -12.57
N ILE C 61 -0.89 -17.85 -12.81
CA ILE C 61 -1.73 -18.85 -12.15
C ILE C 61 -1.69 -20.13 -12.97
N GLU C 62 -1.56 -21.27 -12.29
CA GLU C 62 -1.50 -22.58 -12.93
C GLU C 62 -2.53 -23.48 -12.27
N VAL C 63 -3.48 -23.98 -13.06
CA VAL C 63 -4.59 -24.77 -12.54
C VAL C 63 -4.36 -26.22 -12.93
N HIS C 64 -4.37 -27.11 -11.95
CA HIS C 64 -4.17 -28.53 -12.16
C HIS C 64 -4.99 -29.30 -11.13
N SER C 65 -5.25 -30.56 -11.44
CA SER C 65 -5.89 -31.45 -10.47
C SER C 65 -4.85 -31.96 -9.48
N ASP C 66 -5.31 -32.71 -8.48
CA ASP C 66 -4.42 -33.29 -7.48
C ASP C 66 -3.85 -34.64 -7.91
N LYS C 67 -4.12 -35.07 -9.14
CA LYS C 67 -3.67 -36.38 -9.58
C LYS C 67 -2.15 -36.48 -9.54
N ASP C 68 -1.45 -35.57 -10.22
CA ASP C 68 0.00 -35.50 -10.21
C ASP C 68 0.40 -34.19 -9.55
N LEU C 69 0.97 -34.28 -8.36
CA LEU C 69 1.36 -33.10 -7.59
C LEU C 69 2.76 -32.61 -7.95
N SER C 70 3.36 -33.14 -9.02
CA SER C 70 4.62 -32.57 -9.49
C SER C 70 4.43 -31.11 -9.88
N VAL C 71 3.19 -30.68 -10.12
CA VAL C 71 2.92 -29.29 -10.40
C VAL C 71 3.24 -28.37 -9.24
N VAL C 72 3.50 -28.92 -8.05
CA VAL C 72 3.80 -28.07 -6.90
C VAL C 72 5.30 -27.86 -6.69
N ASP C 73 6.16 -28.58 -7.41
CA ASP C 73 7.59 -28.44 -7.21
C ASP C 73 8.02 -27.01 -7.55
N GLY C 74 8.96 -26.49 -6.77
CA GLY C 74 9.35 -25.10 -6.85
C GLY C 74 8.57 -24.18 -5.93
N SER C 75 7.57 -24.70 -5.24
CA SER C 75 6.78 -23.91 -4.32
C SER C 75 7.58 -23.65 -3.04
N ASP C 76 7.67 -22.38 -2.65
CA ASP C 76 8.19 -22.05 -1.33
C ASP C 76 7.19 -22.43 -0.24
N ILE C 77 5.90 -22.36 -0.56
CA ILE C 77 4.83 -22.70 0.37
C ILE C 77 3.73 -23.44 -0.37
N VAL C 78 3.13 -24.40 0.32
CA VAL C 78 1.95 -25.11 -0.15
C VAL C 78 0.90 -24.99 0.95
N ILE C 79 -0.19 -24.31 0.65
CA ILE C 79 -1.25 -24.02 1.61
C ILE C 79 -2.35 -25.05 1.37
N ILE C 80 -2.56 -25.93 2.34
CA ILE C 80 -3.55 -26.99 2.24
C ILE C 80 -4.80 -26.52 2.96
N THR C 81 -5.76 -26.00 2.20
CA THR C 81 -7.10 -25.70 2.68
C THR C 81 -8.08 -26.83 2.40
N ALA C 82 -7.65 -27.88 1.69
CA ALA C 82 -8.53 -29.00 1.40
C ALA C 82 -8.98 -29.66 2.68
N GLY C 83 -10.30 -29.82 2.83
CA GLY C 83 -10.83 -30.45 4.02
C GLY C 83 -12.34 -30.43 4.12
N VAL C 84 -12.91 -31.54 4.59
CA VAL C 84 -14.35 -31.63 4.84
C VAL C 84 -14.71 -30.55 5.85
N PRO C 85 -15.65 -29.68 5.54
CA PRO C 85 -15.96 -28.58 6.46
C PRO C 85 -16.83 -29.05 7.61
N ARG C 86 -16.94 -28.18 8.62
CA ARG C 86 -17.79 -28.46 9.77
C ARG C 86 -19.10 -27.66 9.71
N ARG C 92 -16.39 -33.99 15.12
CA ARG C 92 -15.37 -33.67 16.12
C ARG C 92 -14.15 -34.57 15.95
N LEU C 93 -14.16 -35.73 16.60
CA LEU C 93 -13.11 -36.73 16.36
C LEU C 93 -13.26 -37.34 14.97
N ASP C 94 -14.50 -37.56 14.52
CA ASP C 94 -14.72 -38.10 13.18
C ASP C 94 -14.19 -37.14 12.10
N LEU C 95 -14.45 -35.84 12.27
CA LEU C 95 -13.92 -34.87 11.31
C LEU C 95 -12.40 -34.89 11.32
N ALA C 96 -11.80 -35.08 12.49
CA ALA C 96 -10.36 -35.25 12.57
C ALA C 96 -9.91 -36.43 11.72
N LYS C 97 -10.60 -37.56 11.77
CA LYS C 97 -10.14 -38.72 11.01
C LYS C 97 -10.28 -38.50 9.50
N ILE C 98 -11.43 -37.97 9.07
CA ILE C 98 -11.66 -37.70 7.65
C ILE C 98 -10.56 -36.77 7.10
N ASN C 99 -10.36 -35.65 7.78
CA ASN C 99 -9.38 -34.71 7.26
C ASN C 99 -7.94 -35.13 7.55
N ALA C 100 -7.72 -36.04 8.50
CA ALA C 100 -6.38 -36.58 8.66
C ALA C 100 -6.01 -37.45 7.48
N LYS C 101 -6.97 -38.19 6.92
CA LYS C 101 -6.66 -38.90 5.68
C LYS C 101 -6.37 -37.91 4.56
N ILE C 102 -7.18 -36.86 4.42
CA ILE C 102 -6.93 -35.92 3.31
C ILE C 102 -5.54 -35.28 3.46
N VAL C 103 -5.25 -34.74 4.65
CA VAL C 103 -4.00 -34.02 4.86
C VAL C 103 -2.80 -34.98 4.83
N GLY C 104 -2.96 -36.19 5.37
CA GLY C 104 -1.86 -37.13 5.35
C GLY C 104 -1.47 -37.55 3.94
N ASN C 105 -2.47 -37.89 3.11
CA ASN C 105 -2.14 -38.24 1.73
C ASN C 105 -1.52 -37.06 1.00
N TYR C 106 -2.05 -35.84 1.20
CA TYR C 106 -1.48 -34.70 0.51
C TYR C 106 -0.03 -34.45 0.94
N ALA C 107 0.24 -34.52 2.25
CA ALA C 107 1.61 -34.31 2.72
C ALA C 107 2.54 -35.42 2.24
N ARG C 108 2.03 -36.65 2.18
CA ARG C 108 2.84 -37.77 1.69
C ARG C 108 3.26 -37.53 0.24
N GLU C 109 2.31 -37.13 -0.61
CA GLU C 109 2.63 -36.96 -2.03
C GLU C 109 3.41 -35.68 -2.28
N ILE C 110 3.19 -34.64 -1.49
CA ILE C 110 3.97 -33.41 -1.61
C ILE C 110 5.42 -33.67 -1.19
N ALA C 111 5.62 -34.43 -0.11
CA ALA C 111 6.96 -34.73 0.32
C ALA C 111 7.68 -35.64 -0.68
N LYS C 112 6.93 -36.42 -1.45
CA LYS C 112 7.53 -37.23 -2.51
C LYS C 112 7.87 -36.41 -3.74
N VAL C 113 7.38 -35.17 -3.83
CA VAL C 113 7.58 -34.34 -5.02
C VAL C 113 8.71 -33.35 -4.77
N CYS C 114 8.85 -32.88 -3.53
CA CYS C 114 9.82 -31.86 -3.21
C CYS C 114 9.90 -31.71 -1.70
N ASP C 115 10.73 -30.76 -1.26
CA ASP C 115 10.77 -30.29 0.11
C ASP C 115 10.23 -28.86 0.12
N THR C 116 9.15 -28.63 0.86
CA THR C 116 8.48 -27.33 0.87
C THR C 116 7.99 -27.03 2.28
N LYS C 117 7.55 -25.80 2.48
CA LYS C 117 6.81 -25.44 3.69
C LYS C 117 5.34 -25.77 3.48
N LEU C 118 4.71 -26.33 4.51
CA LEU C 118 3.31 -26.73 4.45
C LEU C 118 2.51 -25.87 5.43
N PHE C 119 1.72 -24.94 4.89
CA PHE C 119 0.82 -24.12 5.69
C PHE C 119 -0.52 -24.84 5.75
N ILE C 120 -0.91 -25.30 6.93
CA ILE C 120 -2.07 -26.18 7.09
C ILE C 120 -3.23 -25.38 7.65
N ILE C 121 -4.30 -25.28 6.85
CA ILE C 121 -5.51 -24.60 7.28
C ILE C 121 -6.62 -25.58 7.64
N THR C 122 -6.54 -26.82 7.18
CA THR C 122 -7.57 -27.82 7.44
C THR C 122 -7.79 -27.98 8.94
N ASN C 123 -9.09 -28.16 9.36
CA ASN C 123 -9.41 -28.37 10.76
C ASN C 123 -9.57 -29.86 11.05
N PRO C 124 -9.27 -30.33 12.28
CA PRO C 124 -8.70 -29.60 13.42
C PRO C 124 -7.29 -29.12 13.12
N VAL C 125 -7.03 -27.82 13.05
CA VAL C 125 -5.79 -27.34 12.42
C VAL C 125 -4.56 -27.85 13.18
N ASP C 126 -4.63 -27.89 14.51
CA ASP C 126 -3.49 -28.37 15.27
C ASP C 126 -3.20 -29.84 14.93
N VAL C 127 -4.24 -30.67 14.97
CA VAL C 127 -4.06 -32.08 14.66
C VAL C 127 -3.62 -32.27 13.22
N MET C 128 -4.23 -31.54 12.29
CA MET C 128 -3.88 -31.69 10.88
C MET C 128 -2.46 -31.22 10.59
N THR C 129 -1.99 -30.18 11.29
CA THR C 129 -0.60 -29.78 11.17
C THR C 129 0.31 -30.88 11.66
N TYR C 130 -0.05 -31.54 12.77
CA TYR C 130 0.76 -32.66 13.24
C TYR C 130 0.80 -33.78 12.20
N LYS C 131 -0.36 -34.12 11.63
CA LYS C 131 -0.41 -35.20 10.64
C LYS C 131 0.40 -34.84 9.41
N ALA C 132 0.34 -33.58 8.99
CA ALA C 132 1.16 -33.14 7.86
C ALA C 132 2.64 -33.30 8.16
N LEU C 133 3.06 -32.88 9.36
CA LEU C 133 4.46 -33.03 9.74
C LEU C 133 4.90 -34.48 9.68
N ILE C 134 4.12 -35.38 10.29
CA ILE C 134 4.54 -36.77 10.37
C ILE C 134 4.52 -37.43 8.99
N GLU C 135 3.42 -37.25 8.25
CA GLU C 135 3.27 -37.92 6.97
C GLU C 135 4.15 -37.32 5.88
N SER C 136 4.80 -36.18 6.11
CA SER C 136 5.77 -35.69 5.16
C SER C 136 7.22 -35.94 5.59
N ASN C 137 7.46 -36.24 6.87
CA ASN C 137 8.80 -36.30 7.43
C ASN C 137 9.61 -35.03 7.12
N TYR C 138 8.91 -33.92 6.86
CA TYR C 138 9.55 -32.63 6.74
C TYR C 138 10.13 -32.22 8.11
N GLU C 139 11.04 -31.27 8.07
CA GLU C 139 11.54 -30.69 9.32
C GLU C 139 10.43 -29.90 10.00
N ARG C 140 10.48 -29.85 11.33
CA ARG C 140 9.41 -29.23 12.09
C ARG C 140 9.34 -27.72 11.86
N ASN C 141 10.42 -27.11 11.39
CA ASN C 141 10.39 -25.70 11.05
C ASN C 141 9.61 -25.44 9.77
N GLN C 142 9.26 -26.48 9.02
CA GLN C 142 8.66 -26.32 7.71
C GLN C 142 7.16 -26.61 7.69
N VAL C 143 6.58 -27.01 8.81
CA VAL C 143 5.16 -27.36 8.87
C VAL C 143 4.52 -26.57 10.00
N PHE C 144 3.42 -25.89 9.69
CA PHE C 144 2.75 -24.99 10.59
C PHE C 144 1.33 -24.78 10.07
N GLY C 145 0.44 -24.36 10.97
CA GLY C 145 -0.95 -24.15 10.61
C GLY C 145 -1.49 -22.85 11.17
N LEU C 146 -2.53 -22.35 10.52
CA LEU C 146 -3.24 -21.17 10.97
C LEU C 146 -4.24 -21.59 12.03
N GLY C 147 -3.85 -21.48 13.30
CA GLY C 147 -4.70 -21.96 14.38
C GLY C 147 -5.30 -20.86 15.23
N THR C 148 -4.73 -20.65 16.42
CA THR C 148 -5.25 -19.68 17.35
C THR C 148 -5.10 -18.24 16.86
N HIS C 149 -4.34 -18.01 15.80
CA HIS C 149 -4.19 -16.67 15.26
C HIS C 149 -5.54 -16.07 14.87
N LEU C 150 -6.39 -16.87 14.21
CA LEU C 150 -7.71 -16.38 13.81
C LEU C 150 -8.59 -16.09 15.03
N ASP C 151 -8.52 -16.94 16.04
CA ASP C 151 -9.21 -16.63 17.29
C ASP C 151 -8.73 -15.30 17.85
N SER C 152 -7.43 -15.04 17.76
CA SER C 152 -6.89 -13.78 18.27
C SER C 152 -7.42 -12.61 17.46
N LEU C 153 -7.57 -12.79 16.15
CA LEU C 153 -8.13 -11.71 15.33
C LEU C 153 -9.60 -11.45 15.67
N ARG C 154 -10.35 -12.51 16.01
CA ARG C 154 -11.74 -12.32 16.43
C ARG C 154 -11.84 -11.64 17.79
N PHE C 155 -10.97 -12.05 18.73
CA PHE C 155 -10.85 -11.33 20.00
C PHE C 155 -10.44 -9.88 19.75
N LYS C 156 -9.59 -9.65 18.75
CA LYS C 156 -9.19 -8.30 18.40
C LYS C 156 -10.40 -7.47 18.01
N VAL C 157 -11.28 -8.03 17.19
CA VAL C 157 -12.49 -7.29 16.80
C VAL C 157 -13.33 -6.99 18.03
N ALA C 158 -13.55 -7.99 18.89
CA ALA C 158 -14.42 -7.77 20.04
C ALA C 158 -13.85 -6.67 20.95
N ILE C 159 -12.55 -6.74 21.23
CA ILE C 159 -11.92 -5.75 22.10
C ILE C 159 -12.01 -4.37 21.47
N ALA C 160 -11.61 -4.25 20.20
CA ALA C 160 -11.59 -2.95 19.55
C ALA C 160 -12.97 -2.32 19.53
N LYS C 161 -14.01 -3.14 19.41
CA LYS C 161 -15.35 -2.58 19.41
C LYS C 161 -15.80 -2.14 20.80
N PHE C 162 -15.52 -2.94 21.83
CA PHE C 162 -15.93 -2.51 23.17
C PHE C 162 -15.20 -1.23 23.58
N PHE C 163 -13.92 -1.12 23.23
CA PHE C 163 -13.12 0.02 23.66
C PHE C 163 -13.15 1.19 22.69
N GLY C 164 -13.86 1.07 21.58
CA GLY C 164 -14.01 2.18 20.66
C GLY C 164 -12.71 2.64 20.03
N VAL C 165 -11.92 1.69 19.54
CA VAL C 165 -10.63 1.99 18.94
C VAL C 165 -10.54 1.29 17.58
N HIS C 166 -9.56 1.74 16.79
CA HIS C 166 -9.26 1.07 15.53
C HIS C 166 -8.94 -0.39 15.80
N ILE C 167 -9.42 -1.27 14.92
CA ILE C 167 -9.20 -2.71 15.12
C ILE C 167 -7.71 -3.00 15.20
N ASP C 168 -6.91 -2.35 14.36
CA ASP C 168 -5.48 -2.63 14.34
C ASP C 168 -4.76 -2.14 15.59
N ASP C 169 -5.34 -1.15 16.30
CA ASP C 169 -4.74 -0.72 17.55
C ASP C 169 -4.71 -1.86 18.57
N VAL C 170 -5.67 -2.78 18.47
CA VAL C 170 -5.72 -3.91 19.39
C VAL C 170 -4.73 -4.96 18.94
N ARG C 171 -4.04 -5.55 19.92
CA ARG C 171 -3.12 -6.65 19.66
C ARG C 171 -3.18 -7.61 20.84
N THR C 172 -3.69 -8.81 20.59
CA THR C 172 -3.86 -9.83 21.61
C THR C 172 -3.18 -11.11 21.17
N ARG C 173 -3.03 -12.04 22.12
CA ARG C 173 -2.44 -13.34 21.86
C ARG C 173 -3.34 -14.42 22.44
N ILE C 174 -3.73 -15.38 21.62
CA ILE C 174 -4.41 -16.59 22.04
C ILE C 174 -3.53 -17.77 21.64
N ILE C 175 -3.20 -18.61 22.61
CA ILE C 175 -2.35 -19.77 22.37
C ILE C 175 -3.15 -21.03 22.61
N GLY C 176 -2.54 -22.18 22.41
CA GLY C 176 -3.24 -23.44 22.57
C GLY C 176 -3.92 -23.91 21.31
N GLU C 177 -5.07 -24.57 21.45
CA GLU C 177 -5.78 -25.16 20.33
C GLU C 177 -6.75 -24.17 19.72
N HIS C 178 -6.90 -24.26 18.39
CA HIS C 178 -7.96 -23.54 17.67
C HIS C 178 -9.28 -24.24 17.97
N GLY C 179 -9.78 -24.01 19.17
CA GLY C 179 -10.98 -24.67 19.63
C GLY C 179 -11.38 -24.32 21.05
N ASP C 180 -11.99 -25.26 21.76
CA ASP C 180 -12.53 -25.00 23.09
C ASP C 180 -11.48 -25.05 24.19
N THR C 181 -10.28 -25.56 23.91
CA THR C 181 -9.19 -25.47 24.86
C THR C 181 -8.30 -24.27 24.59
N MET C 182 -8.81 -23.27 23.86
CA MET C 182 -8.13 -22.00 23.68
C MET C 182 -7.57 -21.51 25.01
N VAL C 183 -6.41 -20.87 24.94
CA VAL C 183 -5.80 -20.25 26.11
C VAL C 183 -5.61 -18.78 25.80
N PRO C 184 -6.67 -17.96 25.89
CA PRO C 184 -6.49 -16.52 25.70
C PRO C 184 -5.57 -15.97 26.78
N LEU C 185 -4.66 -15.08 26.37
CA LEU C 185 -3.69 -14.48 27.28
C LEU C 185 -4.08 -13.02 27.48
N LEU C 186 -4.86 -12.76 28.52
CA LEU C 186 -5.20 -11.38 28.86
C LEU C 186 -3.96 -10.56 29.16
N SER C 187 -2.89 -11.21 29.64
CA SER C 187 -1.65 -10.50 29.91
C SER C 187 -1.03 -9.93 28.65
N ALA C 188 -1.41 -10.44 27.47
CA ALA C 188 -0.89 -9.96 26.20
C ALA C 188 -1.89 -9.09 25.43
N THR C 189 -3.15 -9.04 25.87
CA THR C 189 -4.13 -8.19 25.22
C THR C 189 -3.78 -6.72 25.45
N SER C 190 -3.69 -5.95 24.37
CA SER C 190 -3.22 -4.58 24.46
C SER C 190 -3.98 -3.70 23.48
N ILE C 191 -3.96 -2.39 23.77
CA ILE C 191 -4.46 -1.36 22.87
C ILE C 191 -3.41 -0.26 22.82
N GLY C 192 -2.82 -0.06 21.64
CA GLY C 192 -1.69 0.86 21.51
C GLY C 192 -0.46 0.41 22.24
N GLY C 193 -0.38 -0.88 22.58
CA GLY C 193 0.66 -1.39 23.45
C GLY C 193 0.32 -1.33 24.92
N ILE C 194 -0.73 -0.62 25.30
CA ILE C 194 -1.13 -0.45 26.69
C ILE C 194 -1.97 -1.65 27.12
N PRO C 195 -1.58 -2.41 28.15
CA PRO C 195 -2.43 -3.53 28.57
C PRO C 195 -3.84 -3.04 28.87
N ILE C 196 -4.83 -3.83 28.45
CA ILE C 196 -6.20 -3.33 28.50
C ILE C 196 -6.66 -3.17 29.95
N ASN C 197 -6.10 -3.95 30.87
CA ASN C 197 -6.45 -3.78 32.28
C ASN C 197 -6.21 -2.34 32.73
N ARG C 198 -5.08 -1.77 32.34
CA ARG C 198 -4.75 -0.40 32.71
C ARG C 198 -5.62 0.64 31.99
N LEU C 199 -6.32 0.25 30.93
CA LEU C 199 -7.13 1.20 30.20
C LEU C 199 -8.38 1.56 31.00
N PRO C 200 -8.99 2.71 30.70
CA PRO C 200 -10.28 3.03 31.33
C PRO C 200 -11.37 2.10 30.82
N ASN C 201 -12.21 1.66 31.75
CA ASN C 201 -13.41 0.85 31.46
C ASN C 201 -13.10 -0.62 31.22
N PHE C 202 -11.91 -1.10 31.58
CA PHE C 202 -11.68 -2.54 31.53
C PHE C 202 -12.60 -3.27 32.49
N GLU C 203 -13.02 -2.60 33.56
CA GLU C 203 -13.92 -3.22 34.53
C GLU C 203 -15.23 -3.65 33.90
N ASN C 204 -15.63 -2.99 32.81
CA ASN C 204 -16.88 -3.31 32.13
C ASN C 204 -16.69 -4.20 30.91
N PHE C 205 -15.47 -4.63 30.63
CA PHE C 205 -15.24 -5.49 29.47
C PHE C 205 -15.72 -6.90 29.79
N PRO C 206 -16.67 -7.45 29.02
CA PRO C 206 -17.16 -8.82 29.30
C PRO C 206 -16.22 -9.90 28.76
N TYR C 207 -15.09 -10.09 29.45
CA TYR C 207 -14.03 -10.94 28.90
C TYR C 207 -14.51 -12.37 28.67
N GLU C 208 -15.20 -12.96 29.66
CA GLU C 208 -15.60 -14.35 29.53
C GLU C 208 -16.67 -14.54 28.45
N GLU C 209 -17.63 -13.62 28.39
CA GLU C 209 -18.61 -13.65 27.31
C GLU C 209 -17.95 -13.45 25.95
N VAL C 210 -16.97 -12.55 25.87
CA VAL C 210 -16.30 -12.27 24.61
C VAL C 210 -15.50 -13.49 24.15
N ILE C 211 -14.80 -14.15 25.07
CA ILE C 211 -14.03 -15.33 24.68
C ILE C 211 -14.96 -16.46 24.27
N ASP C 212 -16.08 -16.62 24.97
CA ASP C 212 -17.05 -17.63 24.54
C ASP C 212 -17.51 -17.32 23.11
N ASP C 213 -17.77 -16.04 22.81
CA ASP C 213 -18.16 -15.67 21.46
C ASP C 213 -17.04 -15.93 20.45
N VAL C 214 -15.80 -15.64 20.82
CA VAL C 214 -14.68 -15.88 19.91
C VAL C 214 -14.59 -17.36 19.60
N LYS C 215 -14.79 -18.22 20.60
CA LYS C 215 -14.75 -19.66 20.36
C LYS C 215 -15.87 -20.07 19.41
N ASN C 216 -17.06 -19.51 19.58
CA ASN C 216 -18.19 -19.95 18.77
C ASN C 216 -18.35 -19.16 17.47
N LYS C 217 -17.45 -18.22 17.18
CA LYS C 217 -17.60 -17.39 15.99
C LYS C 217 -17.54 -18.23 14.72
N GLY C 218 -16.66 -19.24 14.67
CA GLY C 218 -16.66 -20.12 13.52
C GLY C 218 -17.98 -20.82 13.31
N LYS C 219 -18.54 -21.37 14.39
CA LYS C 219 -19.84 -22.03 14.30
C LYS C 219 -20.91 -21.06 13.84
N LYS C 220 -20.83 -19.79 14.26
CA LYS C 220 -21.84 -18.82 13.90
C LYS C 220 -21.71 -18.38 12.44
N ILE C 221 -20.48 -18.21 11.95
CA ILE C 221 -20.30 -17.88 10.54
C ILE C 221 -20.75 -19.04 9.66
N ILE C 222 -20.56 -20.28 10.12
CA ILE C 222 -21.05 -21.41 9.35
C ILE C 222 -22.57 -21.42 9.34
N LYS C 223 -23.19 -21.15 10.49
CA LYS C 223 -24.65 -21.17 10.55
C LYS C 223 -25.26 -20.07 9.69
N LEU C 224 -24.65 -18.89 9.67
CA LEU C 224 -25.25 -17.73 9.02
C LEU C 224 -24.87 -17.61 7.56
N LYS C 225 -23.65 -17.99 7.18
CA LYS C 225 -23.15 -17.73 5.84
C LYS C 225 -22.65 -19.00 5.16
N GLY C 226 -22.12 -19.94 5.95
CA GLY C 226 -21.70 -21.21 5.41
C GLY C 226 -20.22 -21.49 5.54
N GLY C 227 -19.50 -20.63 6.27
CA GLY C 227 -18.09 -20.82 6.53
C GLY C 227 -17.28 -19.55 6.39
N SER C 228 -16.20 -19.47 7.16
CA SER C 228 -15.32 -18.31 7.12
C SER C 228 -14.44 -18.37 5.88
N GLU C 229 -14.33 -17.25 5.17
CA GLU C 229 -13.35 -17.18 4.09
C GLU C 229 -12.41 -15.98 4.11
N PHE C 230 -12.95 -14.78 4.33
CA PHE C 230 -12.13 -13.58 4.21
C PHE C 230 -11.21 -13.41 5.41
N GLY C 231 -11.67 -13.75 6.61
CA GLY C 231 -10.86 -13.69 7.79
C GLY C 231 -9.67 -14.63 7.71
N PRO C 232 -9.95 -15.93 7.58
CA PRO C 232 -8.85 -16.91 7.47
C PRO C 232 -7.93 -16.63 6.30
N ALA C 233 -8.47 -16.16 5.18
CA ALA C 233 -7.65 -15.89 3.99
C ALA C 233 -6.69 -14.73 4.25
N SER C 234 -7.18 -13.62 4.79
CA SER C 234 -6.29 -12.50 5.07
C SER C 234 -5.24 -12.89 6.11
N ALA C 235 -5.63 -13.66 7.13
CA ALA C 235 -4.65 -14.16 8.09
C ALA C 235 -3.56 -14.96 7.38
N ILE C 236 -3.95 -15.89 6.51
CA ILE C 236 -2.97 -16.66 5.76
C ILE C 236 -2.04 -15.74 5.01
N ILE C 237 -2.59 -14.66 4.44
CA ILE C 237 -1.75 -13.74 3.66
C ILE C 237 -0.68 -13.14 4.57
N ASN C 238 -1.05 -12.78 5.79
CA ASN C 238 -0.04 -12.20 6.68
C ASN C 238 1.09 -13.20 6.91
N ILE C 239 0.75 -14.47 7.15
CA ILE C 239 1.81 -15.45 7.43
C ILE C 239 2.68 -15.66 6.19
N VAL C 240 2.04 -15.82 5.03
CA VAL C 240 2.78 -16.01 3.79
C VAL C 240 3.71 -14.83 3.53
N ARG C 241 3.24 -13.61 3.81
CA ARG C 241 4.06 -12.43 3.62
C ARG C 241 5.24 -12.42 4.58
N CYS C 242 5.02 -12.85 5.83
CA CYS C 242 6.13 -12.93 6.77
C CYS C 242 7.21 -13.85 6.23
N ILE C 243 6.82 -14.97 5.62
CA ILE C 243 7.82 -15.86 5.05
C ILE C 243 8.46 -15.23 3.81
N ALA C 244 7.66 -14.54 3.01
CA ALA C 244 8.14 -14.06 1.72
C ALA C 244 9.10 -12.90 1.86
N ASN C 245 8.98 -12.12 2.94
CA ASN C 245 9.88 -11.00 3.20
C ASN C 245 10.77 -11.26 4.40
N ASP C 246 10.76 -12.47 4.95
CA ASP C 246 11.59 -12.83 6.10
C ASP C 246 11.41 -11.81 7.22
N GLU C 247 10.17 -11.42 7.46
CA GLU C 247 9.89 -10.34 8.40
C GLU C 247 10.33 -10.69 9.82
N LYS C 248 10.46 -11.98 10.15
CA LYS C 248 10.90 -12.39 11.48
C LYS C 248 9.98 -11.83 12.55
N ARG C 249 8.70 -11.79 12.24
CA ARG C 249 7.69 -11.28 13.18
C ARG C 249 7.32 -12.36 14.20
N LEU C 250 7.06 -11.92 15.43
CA LEU C 250 6.57 -12.81 16.47
C LEU C 250 5.07 -13.00 16.29
N LEU C 251 4.68 -14.14 15.75
CA LEU C 251 3.29 -14.47 15.47
C LEU C 251 2.83 -15.64 16.35
N THR C 252 1.59 -16.04 16.16
CA THR C 252 1.05 -17.24 16.80
C THR C 252 0.68 -18.22 15.71
N LEU C 253 1.23 -19.43 15.79
CA LEU C 253 0.86 -20.42 14.79
C LEU C 253 0.87 -21.80 15.42
N SER C 254 0.09 -22.70 14.84
CA SER C 254 0.13 -24.11 15.23
C SER C 254 1.49 -24.65 14.79
N ALA C 255 2.34 -24.97 15.75
CA ALA C 255 3.69 -25.42 15.45
C ALA C 255 4.04 -26.59 16.35
N TYR C 256 5.02 -27.37 15.90
CA TYR C 256 5.52 -28.47 16.70
C TYR C 256 6.31 -27.95 17.90
N LEU C 257 6.04 -28.51 19.06
CA LEU C 257 6.76 -28.19 20.28
C LEU C 257 7.74 -29.32 20.57
N ASP C 258 8.98 -28.96 20.89
CA ASP C 258 10.02 -29.92 21.20
C ASP C 258 10.65 -29.61 22.54
N GLY C 259 9.85 -29.14 23.48
CA GLY C 259 10.33 -28.84 24.82
C GLY C 259 10.63 -27.39 25.10
N GLU C 260 10.25 -26.48 24.20
CA GLU C 260 10.51 -25.07 24.43
C GLU C 260 9.73 -24.55 25.64
N ILE C 261 8.51 -25.05 25.84
CA ILE C 261 7.63 -24.59 26.90
C ILE C 261 7.35 -25.76 27.83
N ASP C 262 7.93 -25.72 29.04
CA ASP C 262 7.63 -26.69 30.09
C ASP C 262 7.83 -28.13 29.60
N GLY C 263 8.88 -28.33 28.80
CA GLY C 263 9.16 -29.66 28.30
C GLY C 263 7.99 -30.30 27.57
N ILE C 264 7.10 -29.48 27.02
CA ILE C 264 5.96 -29.99 26.26
C ILE C 264 6.44 -30.33 24.86
N ARG C 265 6.30 -31.59 24.47
CA ARG C 265 6.85 -32.08 23.22
C ARG C 265 5.79 -32.89 22.47
N ASP C 266 6.15 -33.35 21.28
CA ASP C 266 5.31 -34.24 20.47
C ASP C 266 3.88 -33.73 20.38
N VAL C 267 3.74 -32.52 19.85
CA VAL C 267 2.44 -31.90 19.65
C VAL C 267 2.62 -30.73 18.69
N CYS C 268 1.61 -30.49 17.87
CA CYS C 268 1.55 -29.30 17.03
C CYS C 268 0.39 -28.46 17.57
N ILE C 269 0.71 -27.46 18.39
CA ILE C 269 -0.32 -26.64 19.00
C ILE C 269 0.02 -25.18 18.74
N GLY C 270 -1.00 -24.33 18.84
CA GLY C 270 -0.81 -22.92 18.65
C GLY C 270 0.13 -22.37 19.68
N VAL C 271 1.19 -21.68 19.26
CA VAL C 271 2.15 -21.15 20.21
C VAL C 271 2.80 -19.89 19.65
N PRO C 272 3.42 -19.08 20.51
CA PRO C 272 4.22 -17.94 20.03
C PRO C 272 5.45 -18.44 19.31
N VAL C 273 5.59 -18.08 18.04
CA VAL C 273 6.70 -18.50 17.22
C VAL C 273 7.23 -17.30 16.43
N LYS C 274 8.50 -17.38 16.07
CA LYS C 274 9.11 -16.40 15.18
C LYS C 274 9.07 -16.97 13.77
N VAL C 275 8.24 -16.37 12.91
CA VAL C 275 8.08 -16.83 11.54
C VAL C 275 9.02 -16.03 10.64
N GLY C 276 9.58 -16.70 9.65
CA GLY C 276 10.53 -16.08 8.75
C GLY C 276 10.65 -16.83 7.45
N LYS C 277 11.79 -16.64 6.78
CA LYS C 277 11.99 -17.24 5.46
C LYS C 277 11.94 -18.76 5.53
N ASN C 278 12.49 -19.33 6.59
CA ASN C 278 12.56 -20.78 6.73
C ASN C 278 11.36 -21.36 7.47
N GLY C 279 10.39 -20.53 7.81
CA GLY C 279 9.17 -20.99 8.47
C GLY C 279 9.22 -20.74 9.96
N ILE C 280 8.95 -21.77 10.75
CA ILE C 280 8.99 -21.65 12.20
C ILE C 280 10.46 -21.62 12.60
N GLU C 281 11.02 -20.42 12.73
CA GLU C 281 12.44 -20.31 13.08
C GLU C 281 12.68 -20.61 14.55
N GLU C 282 11.70 -20.31 15.40
CA GLU C 282 11.86 -20.52 16.83
C GLU C 282 10.48 -20.57 17.47
N VAL C 283 10.35 -21.41 18.50
CA VAL C 283 9.21 -21.37 19.39
C VAL C 283 9.67 -20.60 20.62
N VAL C 284 9.12 -19.41 20.84
CA VAL C 284 9.58 -18.51 21.88
C VAL C 284 8.83 -18.85 23.17
N PRO C 285 9.52 -19.28 24.23
CA PRO C 285 8.81 -19.64 25.48
C PRO C 285 8.47 -18.43 26.34
N ILE C 286 7.34 -17.78 26.06
CA ILE C 286 7.00 -16.59 26.84
C ILE C 286 6.62 -17.00 28.26
N LYS C 287 6.68 -16.03 29.17
CA LYS C 287 6.33 -16.25 30.57
C LYS C 287 4.82 -16.24 30.71
N LEU C 288 4.23 -17.42 30.90
CA LEU C 288 2.79 -17.55 31.07
C LEU C 288 2.46 -17.65 32.56
N GLU C 289 1.39 -16.97 32.96
CA GLU C 289 0.89 -17.12 34.32
C GLU C 289 0.55 -18.58 34.58
N ASP C 290 0.50 -18.95 35.86
CA ASP C 290 0.23 -20.34 36.21
C ASP C 290 -1.09 -20.80 35.61
N ASP C 291 -2.14 -19.98 35.72
CA ASP C 291 -3.44 -20.36 35.19
C ASP C 291 -3.37 -20.57 33.68
N GLU C 292 -2.75 -19.62 32.97
CA GLU C 292 -2.62 -19.74 31.53
C GLU C 292 -1.81 -20.97 31.15
N PHE C 293 -0.72 -21.23 31.88
CA PHE C 293 0.09 -22.40 31.56
C PHE C 293 -0.66 -23.70 31.80
N GLU C 294 -1.44 -23.76 32.88
CA GLU C 294 -2.22 -24.97 33.15
C GLU C 294 -3.24 -25.21 32.04
N ALA C 295 -3.90 -24.14 31.58
CA ALA C 295 -4.82 -24.29 30.46
C ALA C 295 -4.07 -24.73 29.19
N PHE C 296 -2.86 -24.23 29.00
CA PHE C 296 -2.07 -24.65 27.84
C PHE C 296 -1.72 -26.13 27.93
N ARG C 297 -1.39 -26.61 29.14
CA ARG C 297 -1.10 -28.03 29.32
C ARG C 297 -2.32 -28.88 29.01
N HIS C 298 -3.50 -28.46 29.48
CA HIS C 298 -4.72 -29.19 29.18
C HIS C 298 -5.00 -29.22 27.68
N SER C 299 -4.89 -28.05 27.03
CA SER C 299 -5.08 -27.96 25.60
C SER C 299 -4.15 -28.93 24.88
N VAL C 300 -2.87 -28.91 25.25
CA VAL C 300 -1.91 -29.83 24.66
C VAL C 300 -2.38 -31.26 24.86
N GLU C 301 -2.92 -31.57 26.04
CA GLU C 301 -3.37 -32.93 26.31
C GLU C 301 -4.44 -33.36 25.31
N VAL C 302 -5.49 -32.56 25.16
CA VAL C 302 -6.57 -32.98 24.27
C VAL C 302 -6.08 -33.03 22.82
N VAL C 303 -5.18 -32.11 22.46
CA VAL C 303 -4.66 -32.11 21.09
C VAL C 303 -3.84 -33.37 20.84
N LYS C 304 -3.09 -33.82 21.85
CA LYS C 304 -2.34 -35.06 21.70
C LYS C 304 -3.26 -36.27 21.64
N GLU C 305 -4.39 -36.22 22.36
CA GLU C 305 -5.37 -37.31 22.27
C GLU C 305 -5.91 -37.41 20.84
N TYR C 306 -6.31 -36.28 20.26
CA TYR C 306 -6.82 -36.31 18.89
C TYR C 306 -5.70 -36.65 17.90
N CYS C 307 -4.47 -36.21 18.18
CA CYS C 307 -3.34 -36.55 17.32
C CYS C 307 -3.06 -38.05 17.33
N GLU C 308 -3.28 -38.70 18.47
CA GLU C 308 -3.11 -40.14 18.53
C GLU C 308 -4.25 -40.85 17.82
N GLU C 309 -5.47 -40.33 17.93
CA GLU C 309 -6.59 -41.00 17.26
C GLU C 309 -6.44 -41.01 15.74
N VAL C 310 -5.59 -40.14 15.18
CA VAL C 310 -5.38 -40.08 13.74
C VAL C 310 -3.95 -40.42 13.37
N LYS C 311 -3.26 -41.19 14.22
CA LYS C 311 -1.84 -41.44 14.03
C LYS C 311 -1.57 -42.41 12.89
N ASP C 312 -2.57 -43.18 12.48
CA ASP C 312 -2.42 -44.16 11.42
C ASP C 312 -3.37 -43.90 10.26
N ILE C 313 -4.31 -42.97 10.40
CA ILE C 313 -5.20 -42.60 9.31
C ILE C 313 -4.42 -42.12 8.10
N MET D 1 -16.01 7.91 4.17
CA MET D 1 -17.08 7.68 3.16
C MET D 1 -17.99 6.55 3.60
N LYS D 2 -19.30 6.73 3.41
CA LYS D 2 -20.29 5.69 3.71
C LYS D 2 -20.81 5.14 2.40
N VAL D 3 -20.58 3.85 2.16
CA VAL D 3 -21.07 3.16 0.98
C VAL D 3 -22.06 2.10 1.43
N SER D 4 -23.19 2.02 0.74
CA SER D 4 -24.18 0.98 0.99
C SER D 4 -24.20 0.02 -0.19
N VAL D 5 -24.10 -1.28 0.08
CA VAL D 5 -24.14 -2.30 -0.96
C VAL D 5 -25.49 -3.00 -0.88
N ILE D 6 -26.25 -2.96 -1.96
CA ILE D 6 -27.55 -3.62 -2.06
C ILE D 6 -27.36 -4.90 -2.87
N GLY D 7 -27.62 -6.04 -2.23
CA GLY D 7 -27.27 -7.32 -2.79
C GLY D 7 -25.94 -7.87 -2.32
N ALA D 8 -25.50 -7.50 -1.11
CA ALA D 8 -24.20 -7.95 -0.62
C ALA D 8 -24.15 -9.46 -0.41
N SER D 9 -25.29 -10.12 -0.35
CA SER D 9 -25.31 -11.57 -0.19
C SER D 9 -24.88 -12.33 -1.43
N GLY D 10 -24.74 -11.66 -2.58
CA GLY D 10 -24.35 -12.31 -3.80
C GLY D 10 -22.85 -12.49 -3.92
N ARG D 11 -22.45 -13.09 -5.04
CA ARG D 11 -21.03 -13.28 -5.31
C ARG D 11 -20.31 -11.94 -5.31
N ILE D 12 -20.68 -11.08 -6.25
CA ILE D 12 -20.05 -9.77 -6.37
C ILE D 12 -20.31 -8.95 -5.12
N GLY D 13 -21.52 -9.01 -4.57
CA GLY D 13 -21.84 -8.18 -3.43
C GLY D 13 -20.97 -8.48 -2.22
N SER D 14 -20.78 -9.75 -1.90
CA SER D 14 -19.95 -10.11 -0.76
C SER D 14 -18.49 -9.78 -1.02
N ALA D 15 -17.99 -10.07 -2.23
CA ALA D 15 -16.59 -9.72 -2.50
C ALA D 15 -16.38 -8.21 -2.39
N VAL D 16 -17.33 -7.42 -2.88
CA VAL D 16 -17.17 -5.97 -2.85
C VAL D 16 -17.34 -5.43 -1.44
N SER D 17 -18.18 -6.06 -0.61
CA SER D 17 -18.29 -5.63 0.78
C SER D 17 -16.96 -5.85 1.50
N PHE D 18 -16.34 -7.02 1.35
CA PHE D 18 -15.05 -7.26 1.99
C PHE D 18 -14.00 -6.24 1.50
N LEU D 19 -13.89 -6.06 0.18
CA LEU D 19 -12.88 -5.15 -0.34
C LEU D 19 -13.13 -3.71 0.08
N LEU D 20 -14.39 -3.26 0.04
CA LEU D 20 -14.69 -1.89 0.43
C LEU D 20 -14.41 -1.68 1.91
N ALA D 21 -14.78 -2.64 2.76
CA ALA D 21 -14.47 -2.51 4.19
C ALA D 21 -12.97 -2.32 4.37
N LYS D 22 -12.15 -2.98 3.56
CA LYS D 22 -10.72 -2.79 3.72
C LYS D 22 -10.23 -1.41 3.28
N GLU D 23 -10.97 -0.71 2.43
CA GLU D 23 -10.51 0.59 1.95
C GLU D 23 -10.41 1.59 3.10
N PRO D 24 -9.29 2.32 3.25
CA PRO D 24 -9.18 3.23 4.40
C PRO D 24 -10.23 4.32 4.44
N TYR D 25 -10.61 4.85 3.28
CA TYR D 25 -11.60 5.92 3.23
C TYR D 25 -12.98 5.42 3.66
N ILE D 26 -13.31 4.17 3.38
CA ILE D 26 -14.61 3.63 3.76
C ILE D 26 -14.65 3.53 5.29
N LYS D 27 -15.42 4.41 5.92
CA LYS D 27 -15.60 4.34 7.36
C LYS D 27 -16.86 3.58 7.74
N ASP D 28 -17.96 3.76 7.01
CA ASP D 28 -19.24 3.11 7.31
C ASP D 28 -19.71 2.36 6.08
N LEU D 29 -19.83 1.04 6.20
CA LEU D 29 -20.35 0.20 5.13
C LEU D 29 -21.70 -0.36 5.57
N VAL D 30 -22.72 -0.20 4.73
CA VAL D 30 -24.07 -0.64 5.06
C VAL D 30 -24.44 -1.74 4.07
N LEU D 31 -24.32 -2.99 4.51
CA LEU D 31 -24.73 -4.13 3.70
C LEU D 31 -26.24 -4.29 3.75
N ILE D 32 -26.83 -4.60 2.60
CA ILE D 32 -28.27 -4.72 2.48
C ILE D 32 -28.60 -5.93 1.61
N SER D 33 -29.67 -6.63 1.96
CA SER D 33 -30.15 -7.77 1.20
C SER D 33 -31.64 -7.93 1.48
N ARG D 34 -32.26 -8.88 0.78
CA ARG D 34 -33.61 -9.28 1.13
C ARG D 34 -33.60 -9.88 2.53
N GLU D 35 -34.73 -9.74 3.23
CA GLU D 35 -34.75 -10.24 4.60
C GLU D 35 -34.40 -11.72 4.64
N LYS D 36 -34.86 -12.49 3.65
CA LYS D 36 -34.58 -13.91 3.59
C LYS D 36 -33.10 -14.22 3.54
N SER D 37 -32.27 -13.27 3.10
CA SER D 37 -30.84 -13.46 3.05
C SER D 37 -30.09 -12.64 4.09
N LEU D 38 -30.82 -11.94 4.98
CA LEU D 38 -30.14 -11.06 5.92
C LEU D 38 -29.16 -11.82 6.80
N ASN D 39 -29.49 -13.06 7.18
CA ASN D 39 -28.55 -13.83 7.98
C ASN D 39 -27.23 -14.05 7.25
N LYS D 40 -27.29 -14.32 5.94
CA LYS D 40 -26.04 -14.46 5.18
C LYS D 40 -25.20 -13.19 5.28
N LEU D 41 -25.86 -12.03 5.34
CA LEU D 41 -25.12 -10.79 5.56
C LEU D 41 -24.61 -10.71 7.00
N LYS D 42 -25.40 -11.18 7.97
CA LYS D 42 -24.93 -11.16 9.36
C LYS D 42 -23.66 -11.99 9.51
N GLY D 43 -23.60 -13.14 8.87
CA GLY D 43 -22.35 -13.85 8.82
C GLY D 43 -21.27 -13.09 8.08
N LEU D 44 -21.64 -12.48 6.95
CA LEU D 44 -20.65 -11.75 6.16
C LEU D 44 -20.00 -10.66 6.99
N LYS D 45 -20.81 -9.83 7.65
CA LYS D 45 -20.25 -8.81 8.53
C LYS D 45 -19.22 -9.40 9.48
N MET D 46 -19.50 -10.58 10.03
CA MET D 46 -18.53 -11.15 10.96
C MET D 46 -17.24 -11.54 10.25
N ASP D 47 -17.36 -12.30 9.16
CA ASP D 47 -16.17 -12.77 8.47
C ASP D 47 -15.32 -11.60 8.01
N ILE D 48 -15.94 -10.60 7.36
CA ILE D 48 -15.20 -9.40 6.97
C ILE D 48 -14.52 -8.77 8.17
N TYR D 49 -15.22 -8.68 9.31
CA TYR D 49 -14.57 -8.09 10.48
C TYR D 49 -13.26 -8.80 10.80
N ASP D 50 -13.28 -10.14 10.84
CA ASP D 50 -12.04 -10.84 11.14
C ASP D 50 -10.98 -10.55 10.10
N ALA D 51 -11.38 -10.43 8.83
CA ALA D 51 -10.45 -10.03 7.78
C ALA D 51 -9.87 -8.65 8.06
N LEU D 52 -10.71 -7.71 8.51
CA LEU D 52 -10.19 -6.41 8.89
C LEU D 52 -9.16 -6.53 10.01
N ALA D 53 -9.33 -7.50 10.90
CA ALA D 53 -8.36 -7.67 11.97
C ALA D 53 -7.01 -8.11 11.43
N GLY D 54 -6.99 -8.76 10.27
CA GLY D 54 -5.77 -9.28 9.68
C GLY D 54 -5.34 -8.53 8.45
N THR D 55 -5.80 -7.28 8.30
CA THR D 55 -5.38 -6.44 7.19
C THR D 55 -5.14 -5.00 7.65
N ARG D 56 -5.05 -4.78 8.97
CA ARG D 56 -4.70 -3.47 9.53
C ARG D 56 -5.76 -2.43 9.18
N SER D 57 -7.00 -2.87 9.03
CA SER D 57 -8.10 -2.04 8.57
C SER D 57 -9.16 -1.92 9.65
N ASP D 58 -10.16 -1.07 9.38
CA ASP D 58 -11.25 -0.83 10.30
C ASP D 58 -12.44 -0.31 9.51
N ALA D 59 -13.64 -0.66 9.98
CA ALA D 59 -14.85 -0.21 9.31
C ALA D 59 -16.04 -0.53 10.18
N ASN D 60 -17.04 0.36 10.14
CA ASN D 60 -18.29 0.17 10.87
C ASN D 60 -19.29 -0.45 9.89
N ILE D 61 -19.40 -1.78 9.92
CA ILE D 61 -20.22 -2.52 8.97
C ILE D 61 -21.58 -2.78 9.61
N GLU D 62 -22.62 -2.15 9.05
CA GLU D 62 -23.99 -2.35 9.47
C GLU D 62 -24.67 -3.28 8.49
N VAL D 63 -25.47 -4.22 9.00
CA VAL D 63 -26.15 -5.21 8.18
C VAL D 63 -27.65 -5.02 8.35
N HIS D 64 -28.35 -4.84 7.23
CA HIS D 64 -29.77 -4.56 7.26
C HIS D 64 -30.46 -5.23 6.08
N SER D 65 -31.79 -5.16 6.09
CA SER D 65 -32.65 -5.66 5.03
C SER D 65 -33.05 -4.53 4.09
N ASP D 66 -33.72 -4.91 3.00
CA ASP D 66 -34.15 -3.95 2.00
C ASP D 66 -35.53 -3.36 2.30
N LYS D 67 -36.11 -3.68 3.46
CA LYS D 67 -37.46 -3.23 3.77
C LYS D 67 -37.50 -1.81 4.31
N ASP D 68 -36.41 -1.34 4.91
CA ASP D 68 -36.28 0.05 5.36
C ASP D 68 -34.95 0.57 4.81
N LEU D 69 -34.97 1.16 3.61
CA LEU D 69 -33.77 1.65 2.97
C LEU D 69 -33.31 2.99 3.55
N SER D 70 -33.94 3.46 4.63
CA SER D 70 -33.43 4.62 5.33
C SER D 70 -32.00 4.39 5.80
N VAL D 71 -31.58 3.14 5.94
CA VAL D 71 -30.22 2.84 6.37
C VAL D 71 -29.20 3.35 5.36
N VAL D 72 -29.64 3.68 4.14
CA VAL D 72 -28.71 4.18 3.15
C VAL D 72 -28.53 5.69 3.24
N ASP D 73 -29.19 6.36 4.18
CA ASP D 73 -29.00 7.79 4.30
C ASP D 73 -27.58 8.10 4.75
N GLY D 74 -27.00 9.14 4.16
CA GLY D 74 -25.60 9.46 4.39
C GLY D 74 -24.64 8.69 3.52
N SER D 75 -25.13 7.76 2.71
CA SER D 75 -24.26 6.99 1.83
C SER D 75 -23.81 7.88 0.67
N ASP D 76 -22.50 8.09 0.59
CA ASP D 76 -21.95 8.79 -0.57
C ASP D 76 -22.24 8.01 -1.85
N ILE D 77 -22.12 6.69 -1.79
CA ILE D 77 -22.41 5.82 -2.92
C ILE D 77 -23.29 4.67 -2.45
N VAL D 78 -24.21 4.26 -3.33
CA VAL D 78 -24.99 3.04 -3.14
C VAL D 78 -24.73 2.17 -4.35
N ILE D 79 -24.10 1.02 -4.11
CA ILE D 79 -23.74 0.08 -5.15
C ILE D 79 -24.82 -0.98 -5.19
N ILE D 80 -25.56 -1.05 -6.29
CA ILE D 80 -26.62 -2.03 -6.46
C ILE D 80 -26.03 -3.21 -7.23
N THR D 81 -25.64 -4.27 -6.50
CA THR D 81 -25.23 -5.52 -7.11
C THR D 81 -26.34 -6.56 -7.07
N ALA D 82 -27.58 -6.12 -6.83
CA ALA D 82 -28.71 -7.02 -6.67
C ALA D 82 -29.37 -7.30 -8.01
N GLY D 83 -29.67 -8.56 -8.27
CA GLY D 83 -30.31 -8.97 -9.50
C GLY D 83 -30.12 -10.45 -9.73
N VAL D 84 -31.03 -11.03 -10.51
CA VAL D 84 -30.87 -12.43 -10.91
C VAL D 84 -29.72 -12.54 -11.90
N PRO D 85 -28.91 -13.60 -11.84
CA PRO D 85 -27.84 -13.85 -12.81
C PRO D 85 -27.85 -13.03 -14.10
N SER D 91 -33.55 -15.89 -21.17
CA SER D 91 -33.97 -14.84 -22.10
C SER D 91 -33.42 -13.48 -21.73
N ARG D 92 -32.68 -12.86 -22.67
CA ARG D 92 -32.04 -11.58 -22.36
C ARG D 92 -33.10 -10.53 -22.00
N LEU D 93 -34.10 -10.35 -22.87
CA LEU D 93 -35.13 -9.37 -22.55
C LEU D 93 -35.81 -9.73 -21.24
N ASP D 94 -35.82 -11.02 -20.89
CA ASP D 94 -36.40 -11.45 -19.61
C ASP D 94 -35.55 -10.98 -18.43
N LEU D 95 -34.22 -11.14 -18.52
CA LEU D 95 -33.37 -10.67 -17.44
C LEU D 95 -33.41 -9.15 -17.35
N ALA D 96 -33.50 -8.47 -18.49
CA ALA D 96 -33.61 -7.01 -18.44
C ALA D 96 -34.92 -6.59 -17.77
N LYS D 97 -36.03 -7.29 -18.07
CA LYS D 97 -37.32 -6.90 -17.48
C LYS D 97 -37.37 -7.19 -15.98
N ILE D 98 -36.94 -8.39 -15.57
CA ILE D 98 -36.96 -8.76 -14.15
C ILE D 98 -36.00 -7.88 -13.36
N ASN D 99 -34.73 -7.80 -13.79
CA ASN D 99 -33.78 -6.96 -13.10
C ASN D 99 -34.13 -5.48 -13.22
N ALA D 100 -34.93 -5.10 -14.21
CA ALA D 100 -35.37 -3.71 -14.31
C ALA D 100 -36.39 -3.42 -13.22
N LYS D 101 -37.30 -4.35 -12.94
CA LYS D 101 -38.16 -4.14 -11.77
C LYS D 101 -37.31 -4.02 -10.51
N ILE D 102 -36.32 -4.90 -10.36
CA ILE D 102 -35.51 -4.89 -9.13
C ILE D 102 -34.77 -3.56 -8.98
N VAL D 103 -34.04 -3.16 -10.03
CA VAL D 103 -33.20 -1.97 -9.94
C VAL D 103 -34.06 -0.71 -9.89
N GLY D 104 -35.16 -0.67 -10.65
CA GLY D 104 -36.02 0.49 -10.60
C GLY D 104 -36.63 0.72 -9.24
N ASN D 105 -37.08 -0.36 -8.59
CA ASN D 105 -37.61 -0.20 -7.24
C ASN D 105 -36.53 0.31 -6.30
N TYR D 106 -35.34 -0.32 -6.33
CA TYR D 106 -34.29 0.10 -5.41
C TYR D 106 -33.94 1.58 -5.64
N ALA D 107 -33.86 2.01 -6.90
CA ALA D 107 -33.54 3.41 -7.18
C ALA D 107 -34.63 4.34 -6.66
N ARG D 108 -35.91 4.00 -6.89
CA ARG D 108 -36.97 4.89 -6.42
C ARG D 108 -36.94 5.05 -4.90
N GLU D 109 -36.81 3.92 -4.18
CA GLU D 109 -36.81 3.99 -2.72
C GLU D 109 -35.58 4.73 -2.20
N ILE D 110 -34.42 4.47 -2.80
CA ILE D 110 -33.21 5.21 -2.41
C ILE D 110 -33.40 6.70 -2.63
N ALA D 111 -33.99 7.10 -3.77
CA ALA D 111 -34.18 8.52 -4.04
C ALA D 111 -35.12 9.14 -3.04
N LYS D 112 -36.11 8.38 -2.55
CA LYS D 112 -36.94 8.93 -1.48
C LYS D 112 -36.18 9.08 -0.18
N VAL D 113 -35.11 8.31 0.03
CA VAL D 113 -34.37 8.43 1.30
C VAL D 113 -33.34 9.57 1.26
N CYS D 114 -32.56 9.67 0.20
CA CYS D 114 -31.43 10.61 0.18
C CYS D 114 -31.08 10.91 -1.27
N ASP D 115 -30.10 11.79 -1.46
CA ASP D 115 -29.54 12.09 -2.78
C ASP D 115 -28.11 11.56 -2.79
N THR D 116 -27.95 10.32 -3.21
CA THR D 116 -26.65 9.66 -3.31
C THR D 116 -26.31 9.45 -4.79
N LYS D 117 -25.15 8.86 -5.02
CA LYS D 117 -24.74 8.40 -6.34
C LYS D 117 -24.95 6.89 -6.40
N LEU D 118 -25.58 6.42 -7.48
CA LEU D 118 -25.91 5.01 -7.63
C LEU D 118 -24.91 4.35 -8.57
N PHE D 119 -24.21 3.33 -8.07
CA PHE D 119 -23.28 2.54 -8.86
C PHE D 119 -24.01 1.26 -9.21
N ILE D 120 -24.50 1.16 -10.44
CA ILE D 120 -25.26 -0.02 -10.86
C ILE D 120 -24.27 -1.07 -11.35
N ILE D 121 -24.32 -2.25 -10.74
CA ILE D 121 -23.59 -3.41 -11.23
C ILE D 121 -24.51 -4.46 -11.82
N THR D 122 -25.82 -4.35 -11.60
CA THR D 122 -26.76 -5.34 -12.13
C THR D 122 -26.77 -5.30 -13.67
N ASN D 123 -27.05 -6.47 -14.27
CA ASN D 123 -27.05 -6.60 -15.73
C ASN D 123 -28.49 -6.68 -16.26
N PRO D 124 -28.74 -6.25 -17.52
CA PRO D 124 -27.83 -5.60 -18.47
C PRO D 124 -27.37 -4.25 -17.91
N VAL D 125 -26.07 -4.02 -17.68
CA VAL D 125 -25.67 -2.90 -16.84
C VAL D 125 -26.01 -1.57 -17.51
N ASP D 126 -25.82 -1.47 -18.83
CA ASP D 126 -26.12 -0.21 -19.51
C ASP D 126 -27.60 0.12 -19.51
N VAL D 127 -28.45 -0.87 -19.28
CA VAL D 127 -29.89 -0.66 -19.22
C VAL D 127 -30.36 -0.50 -17.78
N MET D 128 -29.80 -1.27 -16.85
CA MET D 128 -30.13 -1.08 -15.44
C MET D 128 -29.64 0.27 -14.94
N THR D 129 -28.55 0.79 -15.52
CA THR D 129 -28.10 2.14 -15.18
C THR D 129 -29.09 3.20 -15.64
N TYR D 130 -29.60 3.06 -16.87
CA TYR D 130 -30.62 3.99 -17.36
C TYR D 130 -31.89 3.88 -16.53
N LYS D 131 -32.30 2.66 -16.17
CA LYS D 131 -33.46 2.49 -15.32
C LYS D 131 -33.25 3.14 -13.97
N ALA D 132 -32.06 2.99 -13.38
CA ALA D 132 -31.77 3.63 -12.11
C ALA D 132 -31.88 5.14 -12.22
N LEU D 133 -31.30 5.71 -13.29
CA LEU D 133 -31.34 7.17 -13.43
C LEU D 133 -32.77 7.68 -13.60
N ILE D 134 -33.57 7.00 -14.42
CA ILE D 134 -34.93 7.47 -14.66
C ILE D 134 -35.78 7.32 -13.40
N GLU D 135 -35.68 6.17 -12.73
CA GLU D 135 -36.51 5.94 -11.55
C GLU D 135 -36.02 6.69 -10.33
N SER D 136 -34.82 7.26 -10.36
CA SER D 136 -34.37 8.11 -9.28
C SER D 136 -34.63 9.58 -9.53
N ASN D 137 -34.67 10.00 -10.79
CA ASN D 137 -34.67 11.40 -11.20
C ASN D 137 -33.36 12.10 -10.83
N TYR D 138 -32.36 11.35 -10.39
CA TYR D 138 -31.08 11.93 -10.01
C TYR D 138 -30.44 12.65 -11.19
N GLU D 139 -29.56 13.59 -10.86
CA GLU D 139 -28.75 14.25 -11.89
C GLU D 139 -27.88 13.20 -12.58
N ARG D 140 -27.68 13.39 -13.89
CA ARG D 140 -26.97 12.38 -14.68
C ARG D 140 -25.63 12.02 -14.05
N ASN D 141 -24.96 13.00 -13.43
CA ASN D 141 -23.61 12.81 -12.93
C ASN D 141 -23.54 11.84 -11.77
N GLN D 142 -24.67 11.44 -11.20
CA GLN D 142 -24.67 10.66 -9.98
C GLN D 142 -25.00 9.19 -10.17
N VAL D 143 -25.55 8.80 -11.32
CA VAL D 143 -25.86 7.40 -11.62
C VAL D 143 -24.93 6.94 -12.74
N PHE D 144 -24.24 5.84 -12.49
CA PHE D 144 -23.27 5.27 -13.43
C PHE D 144 -23.21 3.77 -13.18
N GLY D 145 -22.71 3.03 -14.17
CA GLY D 145 -22.63 1.59 -14.07
C GLY D 145 -21.27 1.07 -14.48
N LEU D 146 -20.96 -0.13 -13.99
CA LEU D 146 -19.73 -0.82 -14.33
C LEU D 146 -20.00 -1.66 -15.56
N GLY D 147 -19.68 -1.13 -16.73
CA GLY D 147 -19.96 -1.83 -17.96
C GLY D 147 -18.72 -2.32 -18.67
N THR D 148 -18.32 -1.58 -19.70
CA THR D 148 -17.19 -1.98 -20.53
C THR D 148 -15.86 -1.97 -19.79
N HIS D 149 -15.79 -1.40 -18.58
CA HIS D 149 -14.54 -1.41 -17.83
C HIS D 149 -14.10 -2.84 -17.51
N LEU D 150 -15.04 -3.69 -17.09
CA LEU D 150 -14.71 -5.08 -16.81
C LEU D 150 -14.22 -5.80 -18.07
N ASP D 151 -14.88 -5.55 -19.20
CA ASP D 151 -14.43 -6.10 -20.46
C ASP D 151 -13.03 -5.61 -20.81
N SER D 152 -12.74 -4.34 -20.51
CA SER D 152 -11.42 -3.79 -20.81
C SER D 152 -10.35 -4.43 -19.95
N LEU D 153 -10.68 -4.77 -18.69
CA LEU D 153 -9.71 -5.49 -17.87
C LEU D 153 -9.45 -6.90 -18.40
N ARG D 154 -10.49 -7.57 -18.93
CA ARG D 154 -10.28 -8.89 -19.53
C ARG D 154 -9.41 -8.79 -20.79
N PHE D 155 -9.68 -7.80 -21.63
CA PHE D 155 -8.81 -7.53 -22.78
C PHE D 155 -7.39 -7.21 -22.33
N LYS D 156 -7.25 -6.45 -21.25
CA LYS D 156 -5.94 -6.14 -20.70
C LYS D 156 -5.19 -7.41 -20.35
N VAL D 157 -5.87 -8.38 -19.74
CA VAL D 157 -5.22 -9.64 -19.43
C VAL D 157 -4.75 -10.34 -20.70
N ALA D 158 -5.62 -10.48 -21.68
CA ALA D 158 -5.24 -11.26 -22.86
C ALA D 158 -4.04 -10.62 -23.58
N ILE D 159 -4.04 -9.29 -23.67
CA ILE D 159 -2.91 -8.60 -24.27
C ILE D 159 -1.65 -8.81 -23.44
N ALA D 160 -1.76 -8.63 -22.12
CA ALA D 160 -0.58 -8.72 -21.27
C ALA D 160 0.02 -10.11 -21.27
N LYS D 161 -0.76 -11.14 -21.61
CA LYS D 161 -0.21 -12.47 -21.72
C LYS D 161 0.41 -12.74 -23.08
N PHE D 162 -0.24 -12.30 -24.17
CA PHE D 162 0.38 -12.49 -25.48
C PHE D 162 1.73 -11.76 -25.55
N PHE D 163 1.77 -10.52 -25.09
CA PHE D 163 2.97 -9.70 -25.16
C PHE D 163 3.93 -9.92 -24.01
N GLY D 164 3.59 -10.79 -23.06
CA GLY D 164 4.53 -11.17 -22.02
C GLY D 164 4.99 -10.01 -21.17
N VAL D 165 4.04 -9.19 -20.72
CA VAL D 165 4.33 -8.06 -19.85
C VAL D 165 3.45 -8.16 -18.62
N HIS D 166 3.84 -7.43 -17.57
CA HIS D 166 2.98 -7.23 -16.42
C HIS D 166 1.64 -6.68 -16.90
N ILE D 167 0.55 -7.23 -16.35
CA ILE D 167 -0.77 -6.82 -16.80
C ILE D 167 -0.93 -5.31 -16.68
N ASP D 168 -0.37 -4.72 -15.62
CA ASP D 168 -0.56 -3.30 -15.38
C ASP D 168 0.21 -2.42 -16.36
N ASP D 169 1.16 -2.98 -17.10
CA ASP D 169 1.78 -2.20 -18.17
C ASP D 169 0.85 -2.05 -19.36
N VAL D 170 -0.05 -2.99 -19.54
CA VAL D 170 -1.09 -2.87 -20.56
C VAL D 170 -2.16 -1.90 -20.06
N ARG D 171 -2.63 -1.05 -20.95
CA ARG D 171 -3.76 -0.17 -20.66
C ARG D 171 -4.59 -0.04 -21.92
N THR D 172 -5.82 -0.53 -21.86
CA THR D 172 -6.70 -0.53 -23.03
C THR D 172 -8.02 0.15 -22.67
N ARG D 173 -9.01 0.06 -23.56
CA ARG D 173 -10.30 0.69 -23.32
C ARG D 173 -11.31 0.10 -24.29
N ILE D 174 -12.51 -0.18 -23.79
CA ILE D 174 -13.61 -0.67 -24.60
C ILE D 174 -14.81 0.22 -24.29
N ILE D 175 -15.52 0.66 -25.32
CA ILE D 175 -16.66 1.54 -25.11
C ILE D 175 -17.92 0.89 -25.67
N GLY D 176 -19.05 1.50 -25.37
CA GLY D 176 -20.31 0.98 -25.85
C GLY D 176 -20.95 0.00 -24.89
N GLU D 177 -21.59 -1.04 -25.42
CA GLU D 177 -22.35 -1.96 -24.58
C GLU D 177 -21.44 -2.94 -23.85
N HIS D 178 -21.79 -3.23 -22.60
CA HIS D 178 -21.26 -4.36 -21.86
C HIS D 178 -21.92 -5.62 -22.43
N GLY D 179 -21.64 -5.91 -23.69
CA GLY D 179 -22.33 -6.97 -24.40
C GLY D 179 -21.78 -7.11 -25.81
N ASP D 180 -22.40 -7.99 -26.59
CA ASP D 180 -21.83 -8.35 -27.89
C ASP D 180 -21.63 -7.16 -28.83
N THR D 181 -22.19 -5.99 -28.51
CA THR D 181 -21.95 -4.80 -29.32
C THR D 181 -20.88 -3.91 -28.70
N MET D 182 -19.89 -4.50 -28.04
CA MET D 182 -18.75 -3.73 -27.57
C MET D 182 -18.11 -2.99 -28.73
N VAL D 183 -17.29 -2.00 -28.39
CA VAL D 183 -16.49 -1.23 -29.33
C VAL D 183 -15.10 -1.20 -28.71
N PRO D 184 -14.32 -2.27 -28.81
CA PRO D 184 -12.93 -2.23 -28.33
C PRO D 184 -12.11 -1.21 -29.10
N LEU D 185 -11.31 -0.45 -28.37
CA LEU D 185 -10.48 0.60 -28.96
C LEU D 185 -9.05 0.08 -29.03
N LEU D 186 -8.74 -0.65 -30.11
CA LEU D 186 -7.38 -1.09 -30.32
C LEU D 186 -6.45 0.10 -30.56
N SER D 187 -6.98 1.21 -31.07
CA SER D 187 -6.22 2.44 -31.21
C SER D 187 -5.89 3.06 -29.85
N ALA D 188 -6.59 2.65 -28.79
CA ALA D 188 -6.32 3.11 -27.44
C ALA D 188 -5.76 2.00 -26.56
N THR D 189 -5.08 1.03 -27.18
CA THR D 189 -4.47 -0.09 -26.48
C THR D 189 -2.96 0.09 -26.54
N SER D 190 -2.33 0.19 -25.37
CA SER D 190 -0.93 0.57 -25.30
C SER D 190 -0.24 -0.08 -24.12
N ILE D 191 0.97 -0.59 -24.36
CA ILE D 191 1.79 -1.21 -23.33
C ILE D 191 2.93 -0.25 -23.01
N GLY D 192 2.91 0.30 -21.80
CA GLY D 192 3.86 1.33 -21.44
C GLY D 192 3.56 2.68 -22.02
N GLY D 193 2.32 2.90 -22.46
CA GLY D 193 1.99 4.06 -23.26
C GLY D 193 2.24 3.88 -24.73
N ILE D 194 2.97 2.84 -25.11
CA ILE D 194 3.32 2.58 -26.51
C ILE D 194 2.18 1.78 -27.13
N PRO D 195 1.54 2.28 -28.19
CA PRO D 195 0.47 1.49 -28.82
C PRO D 195 1.00 0.14 -29.26
N ILE D 196 0.15 -0.89 -29.12
CA ILE D 196 0.58 -2.23 -29.50
C ILE D 196 0.88 -2.29 -30.99
N ASN D 197 0.19 -1.48 -31.80
CA ASN D 197 0.47 -1.46 -33.23
C ASN D 197 1.91 -1.10 -33.51
N ARG D 198 2.55 -0.33 -32.63
CA ARG D 198 3.97 0.01 -32.75
C ARG D 198 4.85 -0.88 -31.88
N LEU D 199 4.45 -2.12 -31.64
CA LEU D 199 5.20 -3.01 -30.76
C LEU D 199 5.48 -4.34 -31.45
N PRO D 200 6.67 -4.90 -31.25
CA PRO D 200 7.00 -6.17 -31.92
C PRO D 200 5.98 -7.25 -31.60
N ASN D 201 5.68 -8.06 -32.62
CA ASN D 201 4.79 -9.22 -32.57
C ASN D 201 3.32 -8.82 -32.59
N PHE D 202 2.99 -7.53 -32.70
CA PHE D 202 1.59 -7.14 -32.83
C PHE D 202 0.93 -7.81 -34.03
N GLU D 203 1.71 -8.13 -35.07
CA GLU D 203 1.16 -8.77 -36.24
C GLU D 203 0.50 -10.09 -35.90
N ASN D 204 1.14 -10.87 -35.01
CA ASN D 204 0.63 -12.17 -34.60
C ASN D 204 -0.32 -12.10 -33.41
N PHE D 205 -0.65 -10.89 -32.96
CA PHE D 205 -1.66 -10.75 -31.91
C PHE D 205 -3.03 -11.11 -32.48
N PRO D 206 -3.73 -12.11 -31.92
CA PRO D 206 -5.01 -12.55 -32.50
C PRO D 206 -6.18 -11.67 -32.06
N TYR D 207 -6.16 -10.41 -32.48
CA TYR D 207 -7.10 -9.43 -31.94
C TYR D 207 -8.54 -9.95 -32.00
N GLU D 208 -8.93 -10.56 -33.12
CA GLU D 208 -10.32 -11.00 -33.27
C GLU D 208 -10.65 -12.12 -32.30
N GLU D 209 -9.77 -13.12 -32.20
CA GLU D 209 -9.98 -14.19 -31.23
C GLU D 209 -10.04 -13.64 -29.82
N VAL D 210 -9.14 -12.70 -29.50
CA VAL D 210 -9.09 -12.14 -28.15
C VAL D 210 -10.40 -11.46 -27.81
N ILE D 211 -10.90 -10.61 -28.72
CA ILE D 211 -12.12 -9.87 -28.41
C ILE D 211 -13.31 -10.83 -28.31
N ASP D 212 -13.32 -11.91 -29.11
CA ASP D 212 -14.39 -12.89 -28.96
C ASP D 212 -14.35 -13.56 -27.58
N ASP D 213 -13.16 -13.98 -27.17
CA ASP D 213 -13.05 -14.59 -25.84
C ASP D 213 -13.47 -13.62 -24.75
N VAL D 214 -13.17 -12.33 -24.93
CA VAL D 214 -13.62 -11.34 -23.96
C VAL D 214 -15.13 -11.25 -23.95
N LYS D 215 -15.74 -11.26 -25.15
CA LYS D 215 -17.20 -11.21 -25.23
C LYS D 215 -17.82 -12.33 -24.42
N ASN D 216 -17.20 -13.51 -24.42
CA ASN D 216 -17.80 -14.64 -23.74
C ASN D 216 -17.13 -15.03 -22.43
N LYS D 217 -16.17 -14.25 -21.93
CA LYS D 217 -15.49 -14.62 -20.70
C LYS D 217 -16.44 -14.62 -19.51
N GLY D 218 -17.41 -13.71 -19.50
CA GLY D 218 -18.42 -13.76 -18.45
C GLY D 218 -19.21 -15.05 -18.48
N LYS D 219 -19.66 -15.45 -19.66
CA LYS D 219 -20.40 -16.70 -19.79
C LYS D 219 -19.53 -17.89 -19.43
N LYS D 220 -18.23 -17.83 -19.73
CA LYS D 220 -17.32 -18.93 -19.42
C LYS D 220 -17.03 -19.02 -17.93
N ILE D 221 -16.94 -17.89 -17.23
CA ILE D 221 -16.81 -17.94 -15.78
C ILE D 221 -18.10 -18.45 -15.16
N ILE D 222 -19.25 -18.04 -15.69
CA ILE D 222 -20.52 -18.57 -15.19
C ILE D 222 -20.57 -20.07 -15.39
N LYS D 223 -20.01 -20.56 -16.51
CA LYS D 223 -20.02 -22.00 -16.75
C LYS D 223 -19.06 -22.75 -15.85
N LEU D 224 -17.88 -22.17 -15.58
CA LEU D 224 -16.84 -22.91 -14.88
C LEU D 224 -16.94 -22.75 -13.36
N LYS D 225 -17.12 -21.52 -12.89
CA LYS D 225 -17.11 -21.20 -11.47
C LYS D 225 -18.48 -20.88 -10.92
N GLY D 226 -19.39 -20.37 -11.76
CA GLY D 226 -20.71 -19.96 -11.35
C GLY D 226 -20.97 -18.47 -11.49
N GLY D 227 -19.92 -17.67 -11.64
CA GLY D 227 -20.09 -16.24 -11.82
C GLY D 227 -18.86 -15.44 -11.44
N SER D 228 -18.58 -14.37 -12.19
CA SER D 228 -17.45 -13.52 -11.90
C SER D 228 -17.67 -12.84 -10.55
N GLU D 229 -16.71 -13.02 -9.63
CA GLU D 229 -16.81 -12.49 -8.27
C GLU D 229 -15.71 -11.50 -7.96
N PHE D 230 -14.44 -11.88 -8.09
CA PHE D 230 -13.35 -11.00 -7.67
C PHE D 230 -13.04 -9.94 -8.71
N GLY D 231 -13.05 -10.29 -10.00
CA GLY D 231 -12.76 -9.34 -11.04
C GLY D 231 -13.70 -8.14 -11.01
N PRO D 232 -15.01 -8.42 -11.08
CA PRO D 232 -15.99 -7.33 -10.96
C PRO D 232 -15.83 -6.53 -9.69
N ALA D 233 -15.53 -7.20 -8.57
CA ALA D 233 -15.42 -6.50 -7.29
C ALA D 233 -14.26 -5.51 -7.29
N SER D 234 -13.06 -5.97 -7.65
CA SER D 234 -11.92 -5.07 -7.71
C SER D 234 -12.15 -3.93 -8.70
N ALA D 235 -12.81 -4.21 -9.83
CA ALA D 235 -13.15 -3.14 -10.74
C ALA D 235 -14.06 -2.11 -10.08
N ILE D 236 -14.97 -2.55 -9.21
CA ILE D 236 -15.81 -1.60 -8.48
C ILE D 236 -14.96 -0.75 -7.54
N ILE D 237 -13.98 -1.37 -6.89
CA ILE D 237 -13.24 -0.61 -5.89
C ILE D 237 -12.41 0.48 -6.55
N ASN D 238 -11.97 0.26 -7.79
CA ASN D 238 -11.24 1.34 -8.47
C ASN D 238 -12.12 2.58 -8.66
N ILE D 239 -13.38 2.38 -9.06
CA ILE D 239 -14.29 3.50 -9.26
C ILE D 239 -14.61 4.17 -7.93
N VAL D 240 -14.84 3.36 -6.90
CA VAL D 240 -15.14 3.92 -5.58
C VAL D 240 -13.96 4.74 -5.07
N ARG D 241 -12.73 4.26 -5.32
CA ARG D 241 -11.56 5.02 -4.92
C ARG D 241 -11.47 6.34 -5.68
N CYS D 242 -11.69 6.30 -6.99
CA CYS D 242 -11.59 7.53 -7.78
C CYS D 242 -12.62 8.56 -7.28
N ILE D 243 -13.82 8.10 -6.93
CA ILE D 243 -14.83 9.04 -6.44
C ILE D 243 -14.45 9.55 -5.05
N ALA D 244 -14.00 8.66 -4.17
CA ALA D 244 -13.70 9.07 -2.80
C ALA D 244 -12.57 10.08 -2.78
N ASN D 245 -11.45 9.76 -3.44
CA ASN D 245 -10.27 10.61 -3.43
C ASN D 245 -10.31 11.69 -4.50
N ASP D 246 -11.41 11.79 -5.26
CA ASP D 246 -11.59 12.88 -6.23
C ASP D 246 -10.46 12.87 -7.25
N GLU D 247 -10.03 11.67 -7.66
CA GLU D 247 -8.86 11.53 -8.50
C GLU D 247 -9.03 12.16 -9.88
N LYS D 248 -10.25 12.49 -10.27
CA LYS D 248 -10.50 13.12 -11.57
C LYS D 248 -9.83 12.33 -12.68
N ARG D 249 -10.07 11.02 -12.69
CA ARG D 249 -9.42 10.15 -13.66
C ARG D 249 -10.33 9.93 -14.87
N LEU D 250 -9.70 9.69 -16.02
CA LEU D 250 -10.46 9.31 -17.22
C LEU D 250 -10.63 7.80 -17.21
N LEU D 251 -11.85 7.35 -16.96
CA LEU D 251 -12.21 5.94 -16.89
C LEU D 251 -13.29 5.66 -17.94
N THR D 252 -13.83 4.45 -17.94
CA THR D 252 -14.92 4.10 -18.84
C THR D 252 -16.06 3.52 -18.03
N LEU D 253 -17.20 4.20 -18.04
CA LEU D 253 -18.33 3.71 -17.28
C LEU D 253 -19.60 3.87 -18.10
N SER D 254 -20.59 3.01 -17.80
CA SER D 254 -21.94 3.20 -18.32
C SER D 254 -22.45 4.51 -17.76
N ALA D 255 -22.62 5.51 -18.61
CA ALA D 255 -23.07 6.81 -18.13
C ALA D 255 -24.03 7.39 -19.15
N TYR D 256 -24.84 8.34 -18.67
CA TYR D 256 -25.80 9.02 -19.52
C TYR D 256 -25.09 9.95 -20.50
N LEU D 257 -25.54 9.92 -21.74
CA LEU D 257 -25.00 10.78 -22.79
C LEU D 257 -26.00 11.89 -23.06
N ASP D 258 -25.48 13.11 -23.22
CA ASP D 258 -26.29 14.26 -23.59
C ASP D 258 -25.65 14.99 -24.76
N GLY D 259 -25.16 14.24 -25.73
CA GLY D 259 -24.65 14.84 -26.96
C GLY D 259 -23.18 15.19 -26.96
N GLU D 260 -22.41 14.72 -25.97
CA GLU D 260 -20.98 14.96 -26.00
C GLU D 260 -20.33 14.24 -27.17
N ILE D 261 -20.86 13.08 -27.56
CA ILE D 261 -20.31 12.29 -28.66
C ILE D 261 -21.40 12.19 -29.73
N ASP D 262 -21.37 13.14 -30.67
CA ASP D 262 -22.25 13.12 -31.84
C ASP D 262 -23.72 13.21 -31.43
N GLY D 263 -24.02 14.16 -30.55
CA GLY D 263 -25.38 14.46 -30.19
C GLY D 263 -26.17 13.26 -29.70
N ILE D 264 -25.48 12.24 -29.24
CA ILE D 264 -26.12 11.02 -28.76
C ILE D 264 -26.65 11.28 -27.36
N ARG D 265 -27.97 11.15 -27.19
CA ARG D 265 -28.63 11.49 -25.95
C ARG D 265 -29.62 10.39 -25.58
N ASP D 266 -30.12 10.49 -24.34
CA ASP D 266 -31.12 9.56 -23.83
C ASP D 266 -30.63 8.11 -23.88
N VAL D 267 -29.39 7.89 -23.46
CA VAL D 267 -28.82 6.56 -23.44
C VAL D 267 -27.74 6.51 -22.37
N CYS D 268 -27.74 5.45 -21.57
CA CYS D 268 -26.65 5.14 -20.66
C CYS D 268 -25.83 4.04 -21.30
N ILE D 269 -24.60 4.38 -21.70
CA ILE D 269 -23.73 3.39 -22.35
C ILE D 269 -22.31 3.62 -21.88
N GLY D 270 -21.47 2.61 -22.10
CA GLY D 270 -20.09 2.72 -21.72
C GLY D 270 -19.42 3.85 -22.48
N VAL D 271 -18.86 4.82 -21.77
CA VAL D 271 -18.16 5.90 -22.46
C VAL D 271 -16.97 6.37 -21.63
N PRO D 272 -16.01 7.02 -22.28
CA PRO D 272 -14.97 7.74 -21.53
C PRO D 272 -15.60 8.84 -20.68
N VAL D 273 -15.31 8.81 -19.39
CA VAL D 273 -15.87 9.73 -18.43
C VAL D 273 -14.78 10.12 -17.45
N LYS D 274 -14.75 11.39 -17.08
CA LYS D 274 -13.83 11.83 -16.03
C LYS D 274 -14.57 11.73 -14.69
N VAL D 275 -14.09 10.84 -13.84
CA VAL D 275 -14.75 10.51 -12.58
C VAL D 275 -14.03 11.19 -11.43
N GLY D 276 -14.82 11.72 -10.48
CA GLY D 276 -14.33 12.37 -9.27
C GLY D 276 -15.34 12.35 -8.15
N LYS D 277 -15.22 13.30 -7.20
CA LYS D 277 -16.11 13.31 -6.05
C LYS D 277 -17.57 13.44 -6.43
N ASN D 278 -17.86 13.94 -7.63
CA ASN D 278 -19.22 14.12 -8.11
C ASN D 278 -19.57 13.10 -9.19
N GLY D 279 -19.13 11.86 -8.99
CA GLY D 279 -19.43 10.81 -9.95
C GLY D 279 -18.92 11.17 -11.33
N ILE D 280 -19.77 10.93 -12.33
CA ILE D 280 -19.43 11.27 -13.72
C ILE D 280 -19.36 12.79 -13.81
N GLU D 281 -18.16 13.34 -14.00
CA GLU D 281 -17.97 14.78 -14.02
C GLU D 281 -18.01 15.35 -15.44
N GLU D 282 -17.72 14.54 -16.45
CA GLU D 282 -17.94 14.91 -17.83
C GLU D 282 -17.77 13.67 -18.69
N VAL D 283 -18.56 13.58 -19.75
CA VAL D 283 -18.41 12.54 -20.77
C VAL D 283 -17.40 13.06 -21.79
N VAL D 284 -16.14 12.69 -21.62
CA VAL D 284 -15.06 13.21 -22.46
C VAL D 284 -15.26 12.65 -23.87
N PRO D 285 -15.49 13.50 -24.89
CA PRO D 285 -15.66 12.99 -26.27
C PRO D 285 -14.33 12.74 -26.98
N ILE D 286 -13.74 11.57 -26.71
CA ILE D 286 -12.48 11.23 -27.37
C ILE D 286 -12.72 11.11 -28.87
N LYS D 287 -11.71 11.49 -29.65
CA LYS D 287 -11.78 11.36 -31.10
C LYS D 287 -11.67 9.88 -31.45
N LEU D 288 -12.80 9.26 -31.78
CA LEU D 288 -12.81 7.84 -32.15
C LEU D 288 -12.43 7.67 -33.61
N GLU D 289 -11.97 6.46 -33.94
CA GLU D 289 -11.74 6.08 -35.32
C GLU D 289 -13.09 5.90 -36.02
N ASP D 290 -13.02 5.64 -37.33
CA ASP D 290 -14.24 5.54 -38.13
C ASP D 290 -15.04 4.29 -37.76
N ASP D 291 -14.44 3.11 -37.97
CA ASP D 291 -15.10 1.86 -37.59
C ASP D 291 -15.56 1.89 -36.14
N GLU D 292 -14.77 2.51 -35.26
CA GLU D 292 -15.10 2.55 -33.84
C GLU D 292 -16.36 3.36 -33.58
N PHE D 293 -16.42 4.59 -34.09
CA PHE D 293 -17.60 5.41 -33.85
C PHE D 293 -18.85 4.75 -34.43
N GLU D 294 -18.71 4.01 -35.53
CA GLU D 294 -19.91 3.36 -36.06
C GLU D 294 -20.36 2.18 -35.21
N ALA D 295 -19.43 1.36 -34.73
CA ALA D 295 -19.85 0.30 -33.81
C ALA D 295 -20.40 0.89 -32.52
N PHE D 296 -19.99 2.11 -32.17
CA PHE D 296 -20.53 2.79 -30.99
C PHE D 296 -21.96 3.27 -31.24
N ARG D 297 -22.25 3.79 -32.44
CA ARG D 297 -23.64 4.16 -32.71
C ARG D 297 -24.53 2.93 -32.82
N HIS D 298 -23.97 1.80 -33.27
CA HIS D 298 -24.72 0.55 -33.28
C HIS D 298 -25.00 0.04 -31.87
N SER D 299 -24.01 0.15 -30.98
CA SER D 299 -24.25 -0.22 -29.58
C SER D 299 -25.26 0.72 -28.94
N VAL D 300 -25.19 2.01 -29.26
CA VAL D 300 -26.19 2.95 -28.73
C VAL D 300 -27.57 2.60 -29.27
N GLU D 301 -27.66 2.18 -30.53
CA GLU D 301 -28.94 1.78 -31.12
C GLU D 301 -29.53 0.58 -30.37
N VAL D 302 -28.75 -0.48 -30.20
CA VAL D 302 -29.28 -1.69 -29.56
C VAL D 302 -29.64 -1.38 -28.09
N VAL D 303 -28.79 -0.61 -27.41
CA VAL D 303 -29.03 -0.29 -26.01
C VAL D 303 -30.29 0.55 -25.85
N LYS D 304 -30.52 1.50 -26.77
CA LYS D 304 -31.75 2.27 -26.73
C LYS D 304 -32.96 1.36 -26.94
N GLU D 305 -32.83 0.35 -27.81
CA GLU D 305 -33.92 -0.61 -27.94
C GLU D 305 -34.27 -1.23 -26.59
N TYR D 306 -33.25 -1.74 -25.89
CA TYR D 306 -33.56 -2.42 -24.62
C TYR D 306 -34.15 -1.45 -23.61
N CYS D 307 -33.60 -0.24 -23.54
CA CYS D 307 -34.11 0.76 -22.60
C CYS D 307 -35.59 1.04 -22.87
N GLU D 308 -35.97 1.10 -24.15
CA GLU D 308 -37.39 1.23 -24.47
C GLU D 308 -38.17 0.03 -23.98
N GLU D 309 -37.62 -1.18 -24.17
CA GLU D 309 -38.33 -2.40 -23.79
C GLU D 309 -38.52 -2.53 -22.29
N VAL D 310 -37.78 -1.78 -21.48
CA VAL D 310 -37.93 -1.87 -20.04
C VAL D 310 -38.27 -0.51 -19.44
N LYS D 311 -38.88 0.37 -20.23
CA LYS D 311 -39.17 1.72 -19.76
C LYS D 311 -40.43 1.77 -18.90
N ASP D 312 -41.42 0.94 -19.24
CA ASP D 312 -42.68 0.88 -18.50
C ASP D 312 -42.64 -0.17 -17.38
N ILE D 313 -41.46 -0.47 -16.86
CA ILE D 313 -41.31 -1.47 -15.81
C ILE D 313 -41.05 -0.79 -14.48
PA NDP E . 25.12 15.00 -3.78
O1A NDP E . 26.28 15.83 -4.22
O2A NDP E . 24.34 15.33 -2.54
O5B NDP E . 25.50 13.51 -3.84
C5B NDP E . 26.94 13.47 -3.91
C4B NDP E . 27.27 12.13 -3.36
O4B NDP E . 28.37 11.63 -4.20
C3B NDP E . 27.79 12.07 -1.93
O3B NDP E . 27.58 10.73 -1.49
C2B NDP E . 29.27 12.27 -2.06
O2B NDP E . 29.95 11.90 -0.94
C1B NDP E . 29.49 11.39 -3.33
N9A NDP E . 30.78 11.89 -3.96
C8A NDP E . 31.16 13.22 -4.29
N7A NDP E . 32.39 13.34 -4.83
C5A NDP E . 32.86 12.00 -4.84
C6A NDP E . 34.08 11.43 -5.27
N6A NDP E . 35.07 12.22 -5.83
N1A NDP E . 34.29 10.07 -5.18
C2A NDP E . 33.26 9.34 -4.64
N3A NDP E . 32.06 9.72 -4.19
C4A NDP E . 31.88 11.09 -4.29
O3 NDP E . 24.07 15.40 -5.01
PN NDP E . 23.05 14.32 -5.51
O1N NDP E . 23.23 13.13 -4.67
O2N NDP E . 21.68 14.92 -5.73
O5D NDP E . 23.48 13.85 -7.06
C5D NDP E . 23.80 12.49 -7.18
C4D NDP E . 24.33 12.31 -8.59
O4D NDP E . 23.18 11.76 -9.35
C3D NDP E . 24.76 13.58 -9.33
O3D NDP E . 25.89 13.07 -10.09
C2D NDP E . 23.64 13.91 -10.20
O2D NDP E . 24.07 14.49 -11.40
C1D NDP E . 22.99 12.57 -10.53
N1N NDP E . 21.52 12.81 -10.88
C2N NDP E . 20.99 12.00 -11.86
C3N NDP E . 19.68 12.03 -12.14
C7N NDP E . 19.21 11.17 -13.21
O7N NDP E . 18.29 10.38 -13.09
N7N NDP E . 19.73 11.32 -14.48
C4N NDP E . 18.70 12.96 -11.40
C5N NDP E . 19.38 13.80 -10.44
C6N NDP E . 20.71 13.76 -10.27
P2B NDP E . 30.32 13.26 0.02
O1X NDP E . 29.30 13.10 1.09
O2X NDP E . 30.16 14.54 -0.82
O3X NDP E . 31.74 12.96 0.40
H51A NDP E . 27.26 13.57 -4.82
H52A NDP E . 27.34 14.18 -3.39
H4B NDP E . 26.43 11.64 -3.37
H3B NDP E . 27.44 12.77 -1.36
HO3A NDP E . 28.34 10.45 -1.20
H2B NDP E . 29.48 13.16 -2.36
H1B NDP E . 29.53 10.43 -3.17
H8A NDP E . 30.57 13.94 -4.13
H61A NDP E . 35.79 11.85 -6.11
H62A NDP E . 34.92 13.06 -5.94
H2A NDP E . 33.43 8.42 -4.58
H51N NDP E . 24.47 12.20 -6.55
H52N NDP E . 23.04 11.91 -7.03
H4D NDP E . 25.12 11.75 -8.56
H3D NDP E . 24.92 14.34 -8.75
HO3N NDP E . 26.46 13.67 -10.15
H2D NDP E . 23.00 14.47 -9.73
HO2N NDP E . 23.64 15.21 -11.47
H1D NDP E . 23.40 12.08 -11.27
H2N NDP E . 21.57 11.44 -12.32
H71N NDP E . 19.48 10.84 -15.11
H72N NDP E . 20.37 11.90 -14.64
H41N NDP E . 18.23 13.52 -12.03
H42N NDP E . 18.02 12.44 -10.94
H5N NDP E . 18.88 14.40 -9.93
H6N NDP E . 21.14 14.37 -9.72
K K F . 12.05 -3.47 4.25
PA NDP G . 15.54 23.32 9.33
O1A NDP G . 16.38 24.39 9.95
O2A NDP G . 16.10 22.28 8.41
O5B NDP G . 14.31 24.01 8.65
C5B NDP G . 13.91 25.06 9.46
C4B NDP G . 12.64 25.49 8.84
O4B NDP G . 12.04 26.49 9.72
C3B NDP G . 12.81 26.19 7.45
O3B NDP G . 11.60 26.03 6.73
C2B NDP G . 12.95 27.67 7.80
O2B NDP G . 12.72 28.53 6.75
C1B NDP G . 11.87 27.69 8.94
N9A NDP G . 12.20 28.90 9.83
C8A NDP G . 13.42 29.21 10.49
N7A NDP G . 13.38 30.37 11.17
C5A NDP G . 12.07 30.86 10.95
C6A NDP G . 11.40 32.02 11.38
N6A NDP G . 12.04 32.93 12.21
N1A NDP G . 10.10 32.29 11.02
C2A NDP G . 9.51 31.33 10.20
N3A NDP G . 10.01 30.19 9.71
C4A NDP G . 11.32 29.97 10.11
O3 NDP G . 15.13 22.52 10.73
PN NDP G . 14.15 21.29 10.64
O1N NDP G . 13.17 21.61 9.60
O2N NDP G . 14.83 19.93 10.67
O5D NDP G . 13.22 21.25 12.06
C5D NDP G . 12.12 22.10 11.99
C4D NDP G . 11.70 22.44 13.41
O4D NDP G . 10.94 21.30 13.93
C3D NDP G . 12.85 22.66 14.41
O3D NDP G . 12.27 23.68 15.28
C2D NDP G . 13.00 21.39 15.10
O2D NDP G . 13.43 21.62 16.42
C1D NDP G . 11.60 20.83 15.13
N1N NDP G . 11.74 19.31 15.14
C2N NDP G . 10.85 18.66 15.97
C3N NDP G . 10.85 17.31 16.07
C7N NDP G . 9.92 16.68 17.01
O7N NDP G . 10.09 15.58 17.55
N7N NDP G . 8.82 17.45 17.37
C4N NDP G . 11.81 16.45 15.26
C5N NDP G . 12.58 17.25 14.30
C6N NDP G . 12.59 18.58 14.31
P2B NDP G . 14.18 29.21 6.19
O1X NDP G . 14.37 28.36 4.97
O2X NDP G . 15.26 29.04 7.26
O3X NDP G . 13.76 30.63 5.97
H51A NDP G . 13.79 24.79 10.38
H52A NDP G . 14.57 25.78 9.46
H4B NDP G . 12.11 24.68 8.74
H3B NDP G . 13.60 25.89 6.97
HO3A NDP G . 11.31 26.83 6.58
H2B NDP G . 13.79 27.84 8.25
H1B NDP G . 10.96 27.72 8.63
H8A NDP G . 14.15 28.64 10.42
H61A NDP G . 11.60 33.62 12.48
H62A NDP G . 12.83 32.76 12.49
H2A NDP G . 8.64 31.53 9.97
H51N NDP G . 12.31 22.93 11.51
H52N NDP G . 11.36 21.70 11.53
H4D NDP G . 11.20 23.27 13.38
H3D NDP G . 13.70 22.87 13.99
HO3N NDP G . 12.84 23.91 15.82
H2D NDP G . 13.58 20.78 14.62
HO2N NDP G . 13.52 20.84 16.72
H1D NDP G . 11.05 21.13 15.87
H2N NDP G . 10.27 19.19 16.47
H71N NDP G . 8.25 17.15 17.88
H72N NDP G . 8.72 18.26 17.04
H41N NDP G . 12.42 15.98 15.84
H42N NDP G . 11.32 15.76 14.77
H5N NDP G . 13.10 16.79 13.67
H6N NDP G . 13.15 19.08 13.76
K K H . -2.25 12.75 -3.02
PA NDP I . -15.41 -25.84 1.56
O1A NDP I . -16.23 -27.07 1.77
O2A NDP I . -16.03 -24.52 1.19
O5B NDP I . -14.27 -26.17 0.51
C5B NDP I . -13.84 -27.46 0.77
C4B NDP I . -12.60 -27.54 -0.02
O4B NDP I . -11.89 -28.70 0.51
C3B NDP I . -12.74 -27.78 -1.50
O3B NDP I . -11.49 -27.40 -2.12
C2B NDP I . -12.82 -29.27 -1.64
O2B NDP I . -12.58 -29.72 -2.91
C1B NDP I . -11.74 -29.63 -0.56
N9A NDP I . -12.09 -31.06 -0.10
C8A NDP I . -13.25 -31.52 0.59
N7A NDP I . -13.26 -32.85 0.82
C5A NDP I . -12.05 -33.31 0.23
C6A NDP I . -11.48 -34.58 0.12
N6A NDP I . -12.09 -35.69 0.68
N1A NDP I . -10.28 -34.77 -0.51
C2A NDP I . -9.69 -33.62 -1.02
N3A NDP I . -10.09 -32.37 -1.01
C4A NDP I . -11.32 -32.21 -0.35
O3 NDP I . -14.84 -25.66 3.09
PN NDP I . -13.99 -24.38 3.42
O1N NDP I . -13.10 -24.14 2.27
O2N NDP I . -14.77 -23.26 4.05
O5D NDP I . -12.87 -24.79 4.66
C5D NDP I . -11.94 -25.75 4.21
C4D NDP I . -11.43 -26.53 5.43
O4D NDP I . -10.59 -25.58 6.19
C3D NDP I . -12.49 -27.06 6.38
O3D NDP I . -11.89 -28.31 6.88
C2D NDP I . -12.55 -26.08 7.47
O2D NDP I . -12.83 -26.68 8.70
C1D NDP I . -11.09 -25.54 7.54
N1N NDP I . -11.17 -24.11 8.06
C2N NDP I . -10.07 -23.65 8.77
C3N NDP I . -10.10 -22.47 9.43
C7N NDP I . -8.91 -22.10 10.16
O7N NDP I . -8.45 -20.97 10.12
N7N NDP I . -8.35 -22.99 11.05
C4N NDP I . -11.35 -21.57 9.46
C5N NDP I . -12.34 -22.04 8.48
C6N NDP I . -12.26 -23.26 7.88
P2B NDP I . -14.05 -29.80 -3.78
O1X NDP I . -14.20 -28.35 -4.16
O2X NDP I . -15.15 -30.33 -2.86
O3X NDP I . -13.65 -30.74 -4.88
H51A NDP I . -13.68 -27.60 1.70
H52A NDP I . -14.49 -28.11 0.48
H4B NDP I . -12.17 -26.68 0.09
H3B NDP I . -13.54 -27.37 -1.87
HO3A NDP I . -11.68 -26.80 -2.67
H2B NDP I . -13.65 -29.62 -1.27
H1B NDP I . -10.81 -29.58 -0.84
H8A NDP I . -13.92 -30.93 0.83
H61A NDP I . -11.65 -36.43 0.75
H62A NDP I . -12.88 -35.62 1.02
H2A NDP I . -8.88 -33.78 -1.44
H51N NDP I . -12.32 -26.37 3.58
H52N NDP I . -11.19 -25.34 3.75
H4D NDP I . -10.97 -27.33 5.12
H3D NDP I . -13.36 -27.12 5.96
HO3N NDP I . -12.25 -28.97 6.49
H2D NDP I . -13.16 -25.36 7.27
HO2N NDP I . -13.25 -26.08 9.13
H1D NDP I . -10.48 -26.06 8.08
H2N NDP I . -9.30 -24.18 8.75
H71N NDP I . -7.66 -22.77 11.47
H72N NDP I . -8.68 -23.79 11.15
H41N NDP I . -11.75 -21.55 10.34
H42N NDP I . -11.12 -20.64 9.26
H5N NDP I . -13.06 -21.48 8.26
H6N NDP I . -12.93 -23.57 7.32
K K J . 1.42 -11.00 -7.91
PA NDP K . -25.75 -13.61 -7.23
O1A NDP K . -27.02 -14.17 -7.77
O2A NDP K . -24.73 -14.48 -6.54
O5B NDP K . -26.04 -12.34 -6.40
C5B NDP K . -27.45 -12.19 -6.36
C4B NDP K . -27.63 -11.13 -5.36
O4B NDP K . -28.72 -10.30 -5.91
C3B NDP K . -28.09 -11.51 -3.96
O3B NDP K . -27.66 -10.41 -3.13
C2B NDP K . -29.58 -11.52 -4.02
O2B NDP K . -30.16 -11.48 -2.78
C1B NDP K . -29.80 -10.30 -4.97
N9A NDP K . -31.15 -10.57 -5.65
C8A NDP K . -31.53 -11.66 -6.49
N7A NDP K . -32.81 -11.61 -6.91
C5A NDP K . -33.32 -10.43 -6.30
C6A NDP K . -34.59 -9.81 -6.33
N6A NDP K . -35.61 -10.34 -7.08
N1A NDP K . -34.85 -8.64 -5.64
C2A NDP K . -33.77 -8.14 -4.92
N3A NDP K . -32.52 -8.61 -4.78
C4A NDP K . -32.32 -9.78 -5.50
O3 NDP K . -25.03 -13.24 -8.70
PN NDP K . -24.03 -12.03 -8.78
O1N NDP K . -24.07 -11.33 -7.48
O2N NDP K . -22.69 -12.44 -9.35
O5D NDP K . -24.57 -10.90 -9.92
C5D NDP K . -25.31 -9.85 -9.38
C4D NDP K . -25.99 -9.15 -10.54
O4D NDP K . -24.98 -8.24 -11.10
C3D NDP K . -26.46 -10.03 -11.70
O3D NDP K . -27.60 -9.24 -12.15
C2D NDP K . -25.37 -10.03 -12.65
O2D NDP K . -25.84 -10.19 -13.96
C1D NDP K . -24.78 -8.63 -12.49
N1N NDP K . -23.31 -8.75 -12.85
C2N NDP K . -22.72 -7.60 -13.33
C3N NDP K . -21.50 -7.62 -13.94
C7N NDP K . -20.95 -6.37 -14.46
O7N NDP K . -19.90 -6.32 -15.11
N7N NDP K . -21.73 -5.22 -14.31
C4N NDP K . -20.73 -8.94 -14.13
C5N NDP K . -21.29 -9.96 -13.19
C6N NDP K . -22.54 -9.87 -12.64
P2B NDP K . -30.69 -13.02 -2.31
O1X NDP K . -29.40 -13.68 -1.94
O2X NDP K . -31.40 -13.63 -3.52
O3X NDP K . -31.61 -12.65 -1.18
H51A NDP K . -27.81 -11.95 -7.22
H52A NDP K . -27.89 -13.02 -6.10
H4B NDP K . -26.75 -10.73 -5.25
H3B NDP K . -27.81 -12.40 -3.68
HO3A NDP K . -28.38 -10.10 -2.76
H2B NDP K . -29.91 -12.26 -4.56
H1B NDP K . -29.78 -9.43 -4.55
H8A NDP K . -30.93 -12.33 -6.72
H61A NDP K . -36.25 -9.82 -7.35
H62A NDP K . -35.57 -11.16 -7.34
H2A NDP K . -33.97 -7.36 -4.46
H51N NDP K . -25.98 -10.16 -8.74
H52N NDP K . -24.77 -9.21 -8.88
H4D NDP K . -26.80 -8.72 -10.19
H3D NDP K . -26.63 -10.95 -11.47
HO3N NDP K . -27.93 -9.62 -12.81
H2D NDP K . -24.68 -10.69 -12.43
HO2N NDP K . -25.27 -10.69 -14.32
H1D NDP K . -25.19 -7.92 -13.01
H2N NDP K . -23.18 -6.81 -13.22
H71N NDP K . -21.44 -4.49 -14.56
H72N NDP K . -22.51 -5.27 -13.92
H41N NDP K . -20.80 -9.26 -15.03
H42N NDP K . -19.78 -8.81 -13.95
H5N NDP K . -20.75 -10.69 -12.96
H6N NDP K . -22.90 -10.54 -12.12
K K L . -11.98 1.06 6.33
#